data_4UUT
# 
_entry.id   4UUT 
# 
_audit_conform.dict_name       mmcif_pdbx.dic 
_audit_conform.dict_version    5.391 
_audit_conform.dict_location   http://mmcif.pdb.org/dictionaries/ascii/mmcif_pdbx.dic 
# 
loop_
_database_2.database_id 
_database_2.database_code 
_database_2.pdbx_database_accession 
_database_2.pdbx_DOI 
PDB   4UUT         pdb_00004uut 10.2210/pdb4uut/pdb 
PDBE  EBI-61420    ?            ?                   
WWPDB D_1290061420 ?            ?                   
# 
loop_
_pdbx_audit_revision_history.ordinal 
_pdbx_audit_revision_history.data_content_type 
_pdbx_audit_revision_history.major_revision 
_pdbx_audit_revision_history.minor_revision 
_pdbx_audit_revision_history.revision_date 
1 'Structure model' 1 0 2015-02-18 
2 'Structure model' 1 1 2024-05-01 
# 
_pdbx_audit_revision_details.ordinal             1 
_pdbx_audit_revision_details.revision_ordinal    1 
_pdbx_audit_revision_details.data_content_type   'Structure model' 
_pdbx_audit_revision_details.provider            repository 
_pdbx_audit_revision_details.type                'Initial release' 
_pdbx_audit_revision_details.description         ? 
_pdbx_audit_revision_details.details             ? 
# 
loop_
_pdbx_audit_revision_group.ordinal 
_pdbx_audit_revision_group.revision_ordinal 
_pdbx_audit_revision_group.data_content_type 
_pdbx_audit_revision_group.group 
1 2 'Structure model' 'Data collection'        
2 2 'Structure model' 'Database references'    
3 2 'Structure model' 'Derived calculations'   
4 2 'Structure model' Other                    
5 2 'Structure model' 'Refinement description' 
# 
loop_
_pdbx_audit_revision_category.ordinal 
_pdbx_audit_revision_category.revision_ordinal 
_pdbx_audit_revision_category.data_content_type 
_pdbx_audit_revision_category.category 
1 2 'Structure model' chem_comp_atom                
2 2 'Structure model' chem_comp_bond                
3 2 'Structure model' database_2                    
4 2 'Structure model' pdbx_database_status          
5 2 'Structure model' pdbx_initial_refinement_model 
6 2 'Structure model' software                      
7 2 'Structure model' struct_site                   
# 
loop_
_pdbx_audit_revision_item.ordinal 
_pdbx_audit_revision_item.revision_ordinal 
_pdbx_audit_revision_item.data_content_type 
_pdbx_audit_revision_item.item 
1 2 'Structure model' '_database_2.pdbx_DOI'                 
2 2 'Structure model' '_database_2.pdbx_database_accession'  
3 2 'Structure model' '_pdbx_database_status.status_code_sf' 
4 2 'Structure model' '_software.name'                       
5 2 'Structure model' '_struct_site.pdbx_auth_asym_id'       
6 2 'Structure model' '_struct_site.pdbx_auth_comp_id'       
7 2 'Structure model' '_struct_site.pdbx_auth_seq_id'        
# 
_pdbx_database_status.status_code                     REL 
_pdbx_database_status.entry_id                        4UUT 
_pdbx_database_status.deposit_site                    PDBE 
_pdbx_database_status.process_site                    PDBE 
_pdbx_database_status.SG_entry                        . 
_pdbx_database_status.recvd_initial_deposition_date   2014-07-31 
_pdbx_database_status.pdb_format_compatible           Y 
_pdbx_database_status.status_code_sf                  REL 
_pdbx_database_status.status_code_mr                  ? 
_pdbx_database_status.status_code_cs                  ? 
_pdbx_database_status.methods_development_category    ? 
_pdbx_database_status.status_code_nmr_data            ? 
# 
_pdbx_database_related.db_name        PDB 
_pdbx_database_related.db_id          4UUS 
_pdbx_database_related.content_type   unspecified 
_pdbx_database_related.details        'CRYSTAL STRUCTURE OF A UBX-EXD-DNA COMPLEX INCLUDING THE UBDA MOTIF' 
# 
loop_
_audit_author.name 
_audit_author.pdbx_ordinal 
'Foos, N.'            1 
'Mate, M.J.'          2 
'Ortiz-Lombardia, M.' 3 
# 
_citation.id                        primary 
_citation.title                     
'A Flexible Extension of the Drosophila Ultrabithorax Homeodomain Defines a Novel Hox/Pbc Interaction Mode.' 
_citation.journal_abbrev            Structure 
_citation.journal_volume            23 
_citation.page_first                270 
_citation.page_last                 ? 
_citation.year                      2015 
_citation.journal_id_ASTM           STRUE6 
_citation.country                   UK 
_citation.journal_id_ISSN           0969-2126 
_citation.journal_id_CSD            2005 
_citation.book_publisher            ? 
_citation.pdbx_database_id_PubMed   25651060 
_citation.pdbx_database_id_DOI      10.1016/J.STR.2014.12.011 
# 
loop_
_citation_author.citation_id 
_citation_author.name 
_citation_author.ordinal 
_citation_author.identifier_ORCID 
primary 'Foos, N.'            1  ? 
primary 'Maurel-Zaffran, C.'  2  ? 
primary 'Mate, M.J.'          3  ? 
primary 'Vincentelli, R.'     4  ? 
primary 'Hainaut, M.'         5  ? 
primary 'Berenger, H.'        6  ? 
primary 'Pradel, J.'          7  ? 
primary 'Saurin, A.J.'        8  ? 
primary 'Ortiz-Lombardia, M.' 9  ? 
primary 'Graba, Y.'           10 ? 
# 
loop_
_entity.id 
_entity.type 
_entity.src_method 
_entity.pdbx_description 
_entity.formula_weight 
_entity.pdbx_number_of_molecules 
_entity.pdbx_ec 
_entity.pdbx_mutation 
_entity.pdbx_fragment 
_entity.details 
1 polymer     man 'HOMEOTIC PROTEIN ULTRABITHORAX' 11459.246 1 ? ? 'HOMEODOMAIN AND UBDA, RESIDUES 233-324' ? 
2 non-polymer syn 'SULFATE ION'                    96.063    4 ? ? ?                                        ? 
3 non-polymer syn 'CHLORIDE ION'                   35.453    2 ? ? ?                                        ? 
4 water       nat water                            18.015    7 ? ? ?                                        ? 
# 
_entity_poly.entity_id                      1 
_entity_poly.type                           'polypeptide(L)' 
_entity_poly.nstd_linkage                   no 
_entity_poly.nstd_monomer                   no 
_entity_poly.pdbx_seq_one_letter_code       
;MQASNHTFYPWMAIAGTNGLRRRGRQTYTRYQTLELEKEFHTNHYLTRRRRIEMAHALCLTERQIKIWFQNRRMKLKKEI
QAIKELNEQEKQA
;
_entity_poly.pdbx_seq_one_letter_code_can   
;MQASNHTFYPWMAIAGTNGLRRRGRQTYTRYQTLELEKEFHTNHYLTRRRRIEMAHALCLTERQIKIWFQNRRMKLKKEI
QAIKELNEQEKQA
;
_entity_poly.pdbx_strand_id                 A 
_entity_poly.pdbx_target_identifier         ? 
# 
loop_
_pdbx_entity_nonpoly.entity_id 
_pdbx_entity_nonpoly.name 
_pdbx_entity_nonpoly.comp_id 
2 'SULFATE ION'  SO4 
3 'CHLORIDE ION' CL  
4 water          HOH 
# 
loop_
_entity_poly_seq.entity_id 
_entity_poly_seq.num 
_entity_poly_seq.mon_id 
_entity_poly_seq.hetero 
1 1  MET n 
1 2  GLN n 
1 3  ALA n 
1 4  SER n 
1 5  ASN n 
1 6  HIS n 
1 7  THR n 
1 8  PHE n 
1 9  TYR n 
1 10 PRO n 
1 11 TRP n 
1 12 MET n 
1 13 ALA n 
1 14 ILE n 
1 15 ALA n 
1 16 GLY n 
1 17 THR n 
1 18 ASN n 
1 19 GLY n 
1 20 LEU n 
1 21 ARG n 
1 22 ARG n 
1 23 ARG n 
1 24 GLY n 
1 25 ARG n 
1 26 GLN n 
1 27 THR n 
1 28 TYR n 
1 29 THR n 
1 30 ARG n 
1 31 TYR n 
1 32 GLN n 
1 33 THR n 
1 34 LEU n 
1 35 GLU n 
1 36 LEU n 
1 37 GLU n 
1 38 LYS n 
1 39 GLU n 
1 40 PHE n 
1 41 HIS n 
1 42 THR n 
1 43 ASN n 
1 44 HIS n 
1 45 TYR n 
1 46 LEU n 
1 47 THR n 
1 48 ARG n 
1 49 ARG n 
1 50 ARG n 
1 51 ARG n 
1 52 ILE n 
1 53 GLU n 
1 54 MET n 
1 55 ALA n 
1 56 HIS n 
1 57 ALA n 
1 58 LEU n 
1 59 CYS n 
1 60 LEU n 
1 61 THR n 
1 62 GLU n 
1 63 ARG n 
1 64 GLN n 
1 65 ILE n 
1 66 LYS n 
1 67 ILE n 
1 68 TRP n 
1 69 PHE n 
1 70 GLN n 
1 71 ASN n 
1 72 ARG n 
1 73 ARG n 
1 74 MET n 
1 75 LYS n 
1 76 LEU n 
1 77 LYS n 
1 78 LYS n 
1 79 GLU n 
1 80 ILE n 
1 81 GLN n 
1 82 ALA n 
1 83 ILE n 
1 84 LYS n 
1 85 GLU n 
1 86 LEU n 
1 87 ASN n 
1 88 GLU n 
1 89 GLN n 
1 90 GLU n 
1 91 LYS n 
1 92 GLN n 
1 93 ALA n 
# 
_entity_src_gen.entity_id                          1 
_entity_src_gen.pdbx_src_id                        1 
_entity_src_gen.pdbx_alt_source_flag               sample 
_entity_src_gen.pdbx_seq_type                      ? 
_entity_src_gen.pdbx_beg_seq_num                   ? 
_entity_src_gen.pdbx_end_seq_num                   ? 
_entity_src_gen.gene_src_common_name               'FRUIT FLY' 
_entity_src_gen.gene_src_genus                     ? 
_entity_src_gen.pdbx_gene_src_gene                 ? 
_entity_src_gen.gene_src_species                   ? 
_entity_src_gen.gene_src_strain                    ? 
_entity_src_gen.gene_src_tissue                    ? 
_entity_src_gen.gene_src_tissue_fraction           ? 
_entity_src_gen.gene_src_details                   ? 
_entity_src_gen.pdbx_gene_src_fragment             ? 
_entity_src_gen.pdbx_gene_src_scientific_name      'DROSOPHILA MELANOGASTER' 
_entity_src_gen.pdbx_gene_src_ncbi_taxonomy_id     7227 
_entity_src_gen.pdbx_gene_src_variant              ? 
_entity_src_gen.pdbx_gene_src_cell_line            ? 
_entity_src_gen.pdbx_gene_src_atcc                 ? 
_entity_src_gen.pdbx_gene_src_organ                ? 
_entity_src_gen.pdbx_gene_src_organelle            ? 
_entity_src_gen.pdbx_gene_src_cell                 ? 
_entity_src_gen.pdbx_gene_src_cellular_location    ? 
_entity_src_gen.host_org_common_name               ? 
_entity_src_gen.pdbx_host_org_scientific_name      'ESCHERICHIA COLI' 
_entity_src_gen.pdbx_host_org_ncbi_taxonomy_id     469008 
_entity_src_gen.host_org_genus                     ? 
_entity_src_gen.pdbx_host_org_gene                 ? 
_entity_src_gen.pdbx_host_org_organ                ? 
_entity_src_gen.host_org_species                   ? 
_entity_src_gen.pdbx_host_org_tissue               ? 
_entity_src_gen.pdbx_host_org_tissue_fraction      ? 
_entity_src_gen.pdbx_host_org_strain               'BL21(DE3)' 
_entity_src_gen.pdbx_host_org_variant              'ROSETTA PLYSS' 
_entity_src_gen.pdbx_host_org_cell_line            ? 
_entity_src_gen.pdbx_host_org_atcc                 ? 
_entity_src_gen.pdbx_host_org_culture_collection   ? 
_entity_src_gen.pdbx_host_org_cell                 ? 
_entity_src_gen.pdbx_host_org_organelle            ? 
_entity_src_gen.pdbx_host_org_cellular_location    ? 
_entity_src_gen.pdbx_host_org_vector_type          PLASMID 
_entity_src_gen.pdbx_host_org_vector               PDEST14 
_entity_src_gen.host_org_details                   ? 
_entity_src_gen.expression_system_id               ? 
_entity_src_gen.plasmid_name                       'UBXIVA PDEST14' 
_entity_src_gen.plasmid_details                    ? 
_entity_src_gen.pdbx_description                   ? 
# 
loop_
_chem_comp.id 
_chem_comp.type 
_chem_comp.mon_nstd_flag 
_chem_comp.name 
_chem_comp.pdbx_synonyms 
_chem_comp.formula 
_chem_comp.formula_weight 
ALA 'L-peptide linking' y ALANINE         ? 'C3 H7 N O2'     89.093  
ARG 'L-peptide linking' y ARGININE        ? 'C6 H15 N4 O2 1' 175.209 
ASN 'L-peptide linking' y ASPARAGINE      ? 'C4 H8 N2 O3'    132.118 
CL  non-polymer         . 'CHLORIDE ION'  ? 'Cl -1'          35.453  
CYS 'L-peptide linking' y CYSTEINE        ? 'C3 H7 N O2 S'   121.158 
GLN 'L-peptide linking' y GLUTAMINE       ? 'C5 H10 N2 O3'   146.144 
GLU 'L-peptide linking' y 'GLUTAMIC ACID' ? 'C5 H9 N O4'     147.129 
GLY 'peptide linking'   y GLYCINE         ? 'C2 H5 N O2'     75.067  
HIS 'L-peptide linking' y HISTIDINE       ? 'C6 H10 N3 O2 1' 156.162 
HOH non-polymer         . WATER           ? 'H2 O'           18.015  
ILE 'L-peptide linking' y ISOLEUCINE      ? 'C6 H13 N O2'    131.173 
LEU 'L-peptide linking' y LEUCINE         ? 'C6 H13 N O2'    131.173 
LYS 'L-peptide linking' y LYSINE          ? 'C6 H15 N2 O2 1' 147.195 
MET 'L-peptide linking' y METHIONINE      ? 'C5 H11 N O2 S'  149.211 
PHE 'L-peptide linking' y PHENYLALANINE   ? 'C9 H11 N O2'    165.189 
PRO 'L-peptide linking' y PROLINE         ? 'C5 H9 N O2'     115.130 
SER 'L-peptide linking' y SERINE          ? 'C3 H7 N O3'     105.093 
SO4 non-polymer         . 'SULFATE ION'   ? 'O4 S -2'        96.063  
THR 'L-peptide linking' y THREONINE       ? 'C4 H9 N O3'     119.119 
TRP 'L-peptide linking' y TRYPTOPHAN      ? 'C11 H12 N2 O2'  204.225 
TYR 'L-peptide linking' y TYROSINE        ? 'C9 H11 N O3'    181.189 
# 
loop_
_pdbx_poly_seq_scheme.asym_id 
_pdbx_poly_seq_scheme.entity_id 
_pdbx_poly_seq_scheme.seq_id 
_pdbx_poly_seq_scheme.mon_id 
_pdbx_poly_seq_scheme.ndb_seq_num 
_pdbx_poly_seq_scheme.pdb_seq_num 
_pdbx_poly_seq_scheme.auth_seq_num 
_pdbx_poly_seq_scheme.pdb_mon_id 
_pdbx_poly_seq_scheme.auth_mon_id 
_pdbx_poly_seq_scheme.pdb_strand_id 
_pdbx_poly_seq_scheme.pdb_ins_code 
_pdbx_poly_seq_scheme.hetero 
A 1 1  MET 1  -19 ?  ?   ?   A . n 
A 1 2  GLN 2  -18 ?  ?   ?   A . n 
A 1 3  ALA 3  -17 ?  ?   ?   A . n 
A 1 4  SER 4  -16 ?  ?   ?   A . n 
A 1 5  ASN 5  -15 ?  ?   ?   A . n 
A 1 6  HIS 6  -14 ?  ?   ?   A . n 
A 1 7  THR 7  -13 ?  ?   ?   A . n 
A 1 8  PHE 8  -12 ?  ?   ?   A . n 
A 1 9  TYR 9  -11 ?  ?   ?   A . n 
A 1 10 PRO 10 -10 ?  ?   ?   A . n 
A 1 11 TRP 11 -9  ?  ?   ?   A . n 
A 1 12 MET 12 -8  ?  ?   ?   A . n 
A 1 13 ALA 13 -7  ?  ?   ?   A . n 
A 1 14 ILE 14 -6  ?  ?   ?   A . n 
A 1 15 ALA 15 -5  ?  ?   ?   A . n 
A 1 16 GLY 16 -4  ?  ?   ?   A . n 
A 1 17 THR 17 -3  ?  ?   ?   A . n 
A 1 18 ASN 18 -2  ?  ?   ?   A . n 
A 1 19 GLY 19 -1  ?  ?   ?   A . n 
A 1 20 LEU 20 0   ?  ?   ?   A . n 
A 1 21 ARG 21 1   ?  ?   ?   A . n 
A 1 22 ARG 22 2   ?  ?   ?   A . n 
A 1 23 ARG 23 3   ?  ?   ?   A . n 
A 1 24 GLY 24 4   ?  ?   ?   A . n 
A 1 25 ARG 25 5   ?  ?   ?   A . n 
A 1 26 GLN 26 6   ?  ?   ?   A . n 
A 1 27 THR 27 7   7  THR THR A . n 
A 1 28 TYR 28 8   8  TYR TYR A . n 
A 1 29 THR 29 9   9  THR THR A . n 
A 1 30 ARG 30 10  10 ARG ARG A . n 
A 1 31 TYR 31 11  11 TYR TYR A . n 
A 1 32 GLN 32 12  12 GLN GLN A . n 
A 1 33 THR 33 13  13 THR THR A . n 
A 1 34 LEU 34 14  14 LEU LEU A . n 
A 1 35 GLU 35 15  15 GLU GLU A . n 
A 1 36 LEU 36 16  16 LEU LEU A . n 
A 1 37 GLU 37 17  17 GLU GLU A . n 
A 1 38 LYS 38 18  18 LYS LYS A . n 
A 1 39 GLU 39 19  19 GLU GLU A . n 
A 1 40 PHE 40 20  20 PHE PHE A . n 
A 1 41 HIS 41 21  21 HIS HIS A . n 
A 1 42 THR 42 22  22 THR THR A . n 
A 1 43 ASN 43 23  23 ASN ASN A . n 
A 1 44 HIS 44 24  24 HIS HIS A . n 
A 1 45 TYR 45 25  25 TYR TYR A . n 
A 1 46 LEU 46 26  26 LEU LEU A . n 
A 1 47 THR 47 27  27 THR THR A . n 
A 1 48 ARG 48 28  28 ARG ARG A . n 
A 1 49 ARG 49 29  29 ARG ARG A . n 
A 1 50 ARG 50 30  30 ARG ARG A . n 
A 1 51 ARG 51 31  31 ARG ARG A . n 
A 1 52 ILE 52 32  32 ILE ILE A . n 
A 1 53 GLU 53 33  33 GLU GLU A . n 
A 1 54 MET 54 34  34 MET MET A . n 
A 1 55 ALA 55 35  35 ALA ALA A . n 
A 1 56 HIS 56 36  36 HIS HIS A . n 
A 1 57 ALA 57 37  37 ALA ALA A . n 
A 1 58 LEU 58 38  38 LEU LEU A . n 
A 1 59 CYS 59 39  39 CYS CYS A . n 
A 1 60 LEU 60 40  40 LEU LEU A . n 
A 1 61 THR 61 41  41 THR THR A . n 
A 1 62 GLU 62 42  42 GLU GLU A . n 
A 1 63 ARG 63 43  43 ARG ARG A . n 
A 1 64 GLN 64 44  44 GLN GLN A . n 
A 1 65 ILE 65 45  45 ILE ILE A . n 
A 1 66 LYS 66 46  46 LYS LYS A . n 
A 1 67 ILE 67 47  47 ILE ILE A . n 
A 1 68 TRP 68 48  48 TRP TRP A . n 
A 1 69 PHE 69 49  49 PHE PHE A . n 
A 1 70 GLN 70 50  50 GLN GLN A . n 
A 1 71 ASN 71 51  51 ASN ASN A . n 
A 1 72 ARG 72 52  52 ARG ARG A . n 
A 1 73 ARG 73 53  53 ARG ARG A . n 
A 1 74 MET 74 54  54 MET MET A . n 
A 1 75 LYS 75 55  55 LYS LYS A . n 
A 1 76 LEU 76 56  56 LEU LEU A . n 
A 1 77 LYS 77 57  57 LYS LYS A . n 
A 1 78 LYS 78 58  58 LYS LYS A . n 
A 1 79 GLU 79 59  59 GLU GLU A . n 
A 1 80 ILE 80 60  60 ILE ILE A . n 
A 1 81 GLN 81 61  61 GLN GLN A . n 
A 1 82 ALA 82 62  62 ALA ALA A . n 
A 1 83 ILE 83 63  63 ILE ILE A . n 
A 1 84 LYS 84 64  64 LYS LYS A . n 
A 1 85 GLU 85 65  65 GLU GLU A . n 
A 1 86 LEU 86 66  66 LEU LEU A . n 
A 1 87 ASN 87 67  67 ASN ASN A . n 
A 1 88 GLU 88 68  68 GLU GLU A . n 
A 1 89 GLN 89 69  69 GLN GLN A . n 
A 1 90 GLU 90 70  70 GLU GLU A . n 
A 1 91 LYS 91 71  71 LYS LYS A . n 
A 1 92 GLN 92 72  72 GLN GLN A . n 
A 1 93 ALA 93 73  73 ALA ALA A . n 
# 
loop_
_pdbx_nonpoly_scheme.asym_id 
_pdbx_nonpoly_scheme.entity_id 
_pdbx_nonpoly_scheme.mon_id 
_pdbx_nonpoly_scheme.ndb_seq_num 
_pdbx_nonpoly_scheme.pdb_seq_num 
_pdbx_nonpoly_scheme.auth_seq_num 
_pdbx_nonpoly_scheme.pdb_mon_id 
_pdbx_nonpoly_scheme.auth_mon_id 
_pdbx_nonpoly_scheme.pdb_strand_id 
_pdbx_nonpoly_scheme.pdb_ins_code 
B 2 SO4 1 1074 1074 SO4 SO4 A . 
C 2 SO4 1 1075 1075 SO4 SO4 A . 
D 2 SO4 1 1076 1076 SO4 SO4 A . 
E 3 CL  1 1077 1077 CL  CL  A . 
F 2 SO4 1 1078 1078 SO4 SO4 A . 
G 3 CL  1 1079 1079 CL  CL  A . 
H 4 HOH 1 2001 2001 HOH HOH A . 
H 4 HOH 2 2002 2002 HOH HOH A . 
H 4 HOH 3 2003 2003 HOH HOH A . 
H 4 HOH 4 2004 2004 HOH HOH A . 
H 4 HOH 5 2005 2005 HOH HOH A . 
H 4 HOH 6 2006 2006 HOH HOH A . 
H 4 HOH 7 2007 2007 HOH HOH A . 
# 
loop_
_software.name 
_software.classification 
_software.version 
_software.citation_id 
_software.pdbx_ordinal 
BUSTER   refinement       2.11.5 ? 1 
autoPROC 'data reduction' .      ? 2 
Aimless  'data scaling'   .      ? 3 
PHASER   phasing          .      ? 4 
# 
_cell.entry_id           4UUT 
_cell.length_a           98.648 
_cell.length_b           98.648 
_cell.length_c           98.648 
_cell.angle_alpha        90.00 
_cell.angle_beta         90.00 
_cell.angle_gamma        90.00 
_cell.Z_PDB              24 
_cell.pdbx_unique_axis   ? 
# 
_symmetry.entry_id                         4UUT 
_symmetry.space_group_name_H-M             'P 41 3 2' 
_symmetry.pdbx_full_space_group_name_H-M   ? 
_symmetry.cell_setting                     ? 
_symmetry.Int_Tables_number                213 
# 
_exptl.entry_id          4UUT 
_exptl.method            'X-RAY DIFFRACTION' 
_exptl.crystals_number   ? 
# 
_exptl_crystal.id                    1 
_exptl_crystal.density_meas          ? 
_exptl_crystal.density_Matthews      3.5 
_exptl_crystal.density_percent_sol   64.86 
_exptl_crystal.description           NONE 
# 
_exptl_crystal_grow.crystal_id      1 
_exptl_crystal_grow.method          ? 
_exptl_crystal_grow.temp            ? 
_exptl_crystal_grow.temp_details    ? 
_exptl_crystal_grow.pH              ? 
_exptl_crystal_grow.pdbx_pH_range   ? 
_exptl_crystal_grow.pdbx_details    '20% 1-4 BUTANEDIOL, 0.2M LISO4, 0.1M MES PH 6' 
# 
_diffrn.id                     1 
_diffrn.ambient_temp           100 
_diffrn.ambient_temp_details   ? 
_diffrn.crystal_id             1 
# 
_diffrn_detector.diffrn_id              1 
_diffrn_detector.detector               PIXEL 
_diffrn_detector.type                   'DECTRIS PILATUS 6M' 
_diffrn_detector.pdbx_collection_date   2011-10-21 
_diffrn_detector.details                ? 
# 
_diffrn_radiation.diffrn_id                        1 
_diffrn_radiation.wavelength_id                    1 
_diffrn_radiation.pdbx_monochromatic_or_laue_m_l   M 
_diffrn_radiation.monochromator                    ? 
_diffrn_radiation.pdbx_diffrn_protocol             'SINGLE WAVELENGTH' 
_diffrn_radiation.pdbx_scattering_type             x-ray 
# 
_diffrn_radiation_wavelength.id           1 
_diffrn_radiation_wavelength.wavelength   0.974716 
_diffrn_radiation_wavelength.wt           1.0 
# 
_diffrn_source.diffrn_id                   1 
_diffrn_source.source                      SYNCHROTRON 
_diffrn_source.type                        'ESRF BEAMLINE ID29' 
_diffrn_source.pdbx_synchrotron_site       ESRF 
_diffrn_source.pdbx_synchrotron_beamline   ID29 
_diffrn_source.pdbx_wavelength             0.974716 
_diffrn_source.pdbx_wavelength_list        ? 
# 
_reflns.pdbx_diffrn_id               1 
_reflns.pdbx_ordinal                 1 
_reflns.entry_id                     4UUT 
_reflns.observed_criterion_sigma_I   -3.0 
_reflns.observed_criterion_sigma_F   ? 
_reflns.d_resolution_low             69.75 
_reflns.d_resolution_high            2.80 
_reflns.number_obs                   4428 
_reflns.number_all                   ? 
_reflns.percent_possible_obs         100.0 
_reflns.pdbx_Rmerge_I_obs            0.06 
_reflns.pdbx_Rsym_value              ? 
_reflns.pdbx_netI_over_sigmaI        25.80 
_reflns.B_iso_Wilson_estimate        101.67 
_reflns.pdbx_redundancy              8.7 
# 
_reflns_shell.pdbx_diffrn_id         1 
_reflns_shell.pdbx_ordinal           1 
_reflns_shell.d_res_high             2.80 
_reflns_shell.d_res_low              3.13 
_reflns_shell.percent_possible_all   100.0 
_reflns_shell.Rmerge_I_obs           0.58 
_reflns_shell.pdbx_Rsym_value        ? 
_reflns_shell.meanI_over_sigI_obs    3.90 
_reflns_shell.pdbx_redundancy        8.8 
# 
_refine.pdbx_refine_id                           'X-RAY DIFFRACTION' 
_refine.entry_id                                 4UUT 
_refine.pdbx_diffrn_id                           1 
_refine.pdbx_TLS_residual_ADP_flag               ? 
_refine.ls_number_reflns_obs                     4390 
_refine.ls_number_reflns_all                     ? 
_refine.pdbx_ls_sigma_I                          ? 
_refine.pdbx_ls_sigma_F                          0.0 
_refine.pdbx_data_cutoff_high_absF               ? 
_refine.pdbx_data_cutoff_low_absF                ? 
_refine.pdbx_data_cutoff_high_rms_absF           ? 
_refine.ls_d_res_low                             69.75 
_refine.ls_d_res_high                            2.80 
_refine.ls_percent_reflns_obs                    99.68 
_refine.ls_R_factor_obs                          0.2192 
_refine.ls_R_factor_all                          ? 
_refine.ls_R_factor_R_work                       0.2175 
_refine.ls_R_factor_R_free                       0.2366 
_refine.ls_R_factor_R_free_error                 ? 
_refine.ls_R_factor_R_free_error_details         ? 
_refine.ls_percent_reflns_R_free                 9.25 
_refine.ls_number_reflns_R_free                  406 
_refine.ls_number_parameters                     ? 
_refine.ls_number_restraints                     ? 
_refine.occupancy_min                            ? 
_refine.occupancy_max                            ? 
_refine.correlation_coeff_Fo_to_Fc               0.9378 
_refine.correlation_coeff_Fo_to_Fc_free          0.9407 
_refine.B_iso_mean                               88.31 
_refine.aniso_B[1][1]                            0.0000 
_refine.aniso_B[2][2]                            0.0000 
_refine.aniso_B[3][3]                            0.0000 
_refine.aniso_B[1][2]                            0.0000 
_refine.aniso_B[1][3]                            0.0000 
_refine.aniso_B[2][3]                            0.0000 
_refine.solvent_model_details                    ? 
_refine.solvent_model_param_ksol                 ? 
_refine.solvent_model_param_bsol                 ? 
_refine.pdbx_solvent_vdw_probe_radii             ? 
_refine.pdbx_solvent_ion_probe_radii             ? 
_refine.pdbx_solvent_shrinkage_radii             ? 
_refine.pdbx_ls_cross_valid_method               THROUGHOUT 
_refine.details                                  ? 
_refine.pdbx_starting_model                      'LOCAL STRUCTURE OF UBX' 
_refine.pdbx_method_to_determine_struct          'MOLECULAR REPLACEMENT' 
_refine.pdbx_isotropic_thermal_model             ? 
_refine.pdbx_stereochemistry_target_values       ? 
_refine.pdbx_stereochem_target_val_spec_case     ? 
_refine.pdbx_R_Free_selection_details            RANDOM 
_refine.pdbx_overall_ESU_R                       ? 
_refine.pdbx_overall_ESU_R_Free                  ? 
_refine.overall_SU_ML                            ? 
_refine.pdbx_overall_phase_error                 ? 
_refine.overall_SU_B                             ? 
_refine.overall_SU_R_Cruickshank_DPI             0.346 
_refine.pdbx_overall_SU_R_free_Cruickshank_DPI   0.248 
_refine.pdbx_overall_SU_R_Blow_DPI               0.386 
_refine.pdbx_overall_SU_R_free_Blow_DPI          0.257 
# 
_refine_analyze.pdbx_refine_id                  'X-RAY DIFFRACTION' 
_refine_analyze.entry_id                        4UUT 
_refine_analyze.Luzzati_coordinate_error_obs    0.503 
_refine_analyze.Luzzati_sigma_a_obs             ? 
_refine_analyze.Luzzati_d_res_low_obs           ? 
_refine_analyze.Luzzati_coordinate_error_free   ? 
_refine_analyze.Luzzati_sigma_a_free            ? 
_refine_analyze.Luzzati_d_res_low_free          ? 
_refine_analyze.number_disordered_residues      ? 
_refine_analyze.occupancy_sum_hydrogen          ? 
_refine_analyze.occupancy_sum_non_hydrogen      ? 
# 
_refine_hist.pdbx_refine_id                   'X-RAY DIFFRACTION' 
_refine_hist.cycle_id                         LAST 
_refine_hist.pdbx_number_atoms_protein        593 
_refine_hist.pdbx_number_atoms_nucleic_acid   0 
_refine_hist.pdbx_number_atoms_ligand         22 
_refine_hist.number_atoms_solvent             7 
_refine_hist.number_atoms_total               622 
_refine_hist.d_res_high                       2.80 
_refine_hist.d_res_low                        69.75 
# 
loop_
_refine_ls_restr.type 
_refine_ls_restr.dev_ideal 
_refine_ls_restr.dev_ideal_target 
_refine_ls_restr.weight 
_refine_ls_restr.number 
_refine_ls_restr.pdbx_refine_id 
_refine_ls_restr.pdbx_restraint_function 
t_bond_d                  0.010 ? 2.00  618 'X-RAY DIFFRACTION' HARMONIC     
t_angle_deg               1.03  ? 2.00  827 'X-RAY DIFFRACTION' HARMONIC     
t_dihedral_angle_d        ?     ? 2.00  240 'X-RAY DIFFRACTION' SINUSOIDAL   
t_incorr_chiral_ct        ?     ? ?     ?   'X-RAY DIFFRACTION' ?            
t_pseud_angle             ?     ? ?     ?   'X-RAY DIFFRACTION' ?            
t_trig_c_planes           ?     ? 2.00  19  'X-RAY DIFFRACTION' HARMONIC     
t_gen_planes              ?     ? 5.00  83  'X-RAY DIFFRACTION' HARMONIC     
t_it                      ?     ? 20.00 618 'X-RAY DIFFRACTION' HARMONIC     
t_nbd                     ?     ? ?     ?   'X-RAY DIFFRACTION' ?            
t_omega_torsion           2.31  ? ?     ?   'X-RAY DIFFRACTION' ?            
t_other_torsion           20.69 ? ?     ?   'X-RAY DIFFRACTION' ?            
t_improper_torsion        ?     ? ?     ?   'X-RAY DIFFRACTION' ?            
t_chiral_improper_torsion ?     ? 5.00  78  'X-RAY DIFFRACTION' SEMIHARMONIC 
t_sum_occupancies         ?     ? ?     ?   'X-RAY DIFFRACTION' ?            
t_utility_distance        ?     ? ?     ?   'X-RAY DIFFRACTION' ?            
t_utility_angle           ?     ? ?     ?   'X-RAY DIFFRACTION' ?            
t_utility_torsion         ?     ? ?     ?   'X-RAY DIFFRACTION' ?            
t_ideal_dist_contact      ?     ? 4.00  698 'X-RAY DIFFRACTION' SEMIHARMONIC 
# 
_refine_ls_shell.pdbx_refine_id                   'X-RAY DIFFRACTION' 
_refine_ls_shell.pdbx_total_number_of_bins_used   5 
_refine_ls_shell.d_res_high                       2.80 
_refine_ls_shell.d_res_low                        3.13 
_refine_ls_shell.number_reflns_R_work             1092 
_refine_ls_shell.R_factor_R_work                  0.2401 
_refine_ls_shell.percent_reflns_obs               99.68 
_refine_ls_shell.R_factor_R_free                  0.2882 
_refine_ls_shell.R_factor_R_free_error            ? 
_refine_ls_shell.percent_reflns_R_free            8.85 
_refine_ls_shell.number_reflns_R_free             106 
_refine_ls_shell.number_reflns_all                1198 
_refine_ls_shell.R_factor_all                     0.2439 
# 
_struct.entry_id                  4UUT 
_struct.title                     'Crystal structure of the Ultrabithorax protein' 
_struct.pdbx_model_details        ? 
_struct.pdbx_CASP_flag            ? 
_struct.pdbx_model_type_details   ? 
# 
_struct_keywords.entry_id        4UUT 
_struct_keywords.pdbx_keywords   TRANSCRIPTION 
_struct_keywords.text            'TRANSCRIPTION, UBX, HOMEOTIC PROTEIN, TRANSCRIPTION FACTOR' 
# 
loop_
_struct_asym.id 
_struct_asym.pdbx_blank_PDB_chainid_flag 
_struct_asym.pdbx_modified 
_struct_asym.entity_id 
_struct_asym.details 
A N N 1 ? 
B N N 2 ? 
C N N 2 ? 
D N N 2 ? 
E N N 3 ? 
F N N 2 ? 
G N N 3 ? 
H N N 4 ? 
# 
_struct_ref.id                         1 
_struct_ref.db_name                    UNP 
_struct_ref.db_code                    UBX_DROME 
_struct_ref.entity_id                  1 
_struct_ref.pdbx_seq_one_letter_code   ? 
_struct_ref.pdbx_align_begin           ? 
_struct_ref.pdbx_db_accession          P83949 
_struct_ref.pdbx_db_isoform            ? 
# 
_struct_ref_seq.align_id                      1 
_struct_ref_seq.ref_id                        1 
_struct_ref_seq.pdbx_PDB_id_code              4UUT 
_struct_ref_seq.pdbx_strand_id                A 
_struct_ref_seq.seq_align_beg                 2 
_struct_ref_seq.pdbx_seq_align_beg_ins_code   ? 
_struct_ref_seq.seq_align_end                 93 
_struct_ref_seq.pdbx_seq_align_end_ins_code   ? 
_struct_ref_seq.pdbx_db_accession             P83949 
_struct_ref_seq.db_align_beg                  233 
_struct_ref_seq.pdbx_db_align_beg_ins_code    ? 
_struct_ref_seq.db_align_end                  324 
_struct_ref_seq.pdbx_db_align_end_ins_code    ? 
_struct_ref_seq.pdbx_auth_seq_align_beg       -18 
_struct_ref_seq.pdbx_auth_seq_align_end       73 
# 
_struct_ref_seq_dif.align_id                     1 
_struct_ref_seq_dif.pdbx_pdb_id_code             4UUT 
_struct_ref_seq_dif.mon_id                       MET 
_struct_ref_seq_dif.pdbx_pdb_strand_id           A 
_struct_ref_seq_dif.seq_num                      1 
_struct_ref_seq_dif.pdbx_pdb_ins_code            ? 
_struct_ref_seq_dif.pdbx_seq_db_name             UNP 
_struct_ref_seq_dif.pdbx_seq_db_accession_code   P83949 
_struct_ref_seq_dif.db_mon_id                    ? 
_struct_ref_seq_dif.pdbx_seq_db_seq_num          ? 
_struct_ref_seq_dif.details                      'expression tag' 
_struct_ref_seq_dif.pdbx_auth_seq_num            -19 
_struct_ref_seq_dif.pdbx_ordinal                 1 
# 
_pdbx_struct_assembly.id                   1 
_pdbx_struct_assembly.details              author_defined_assembly 
_pdbx_struct_assembly.method_details       ? 
_pdbx_struct_assembly.oligomeric_details   monomeric 
_pdbx_struct_assembly.oligomeric_count     1 
# 
_pdbx_struct_assembly_gen.assembly_id       1 
_pdbx_struct_assembly_gen.oper_expression   1 
_pdbx_struct_assembly_gen.asym_id_list      A,B,C,D,E,F,G,H 
# 
_pdbx_struct_oper_list.id                   1 
_pdbx_struct_oper_list.type                 'identity operation' 
_pdbx_struct_oper_list.name                 1_555 
_pdbx_struct_oper_list.symmetry_operation   x,y,z 
_pdbx_struct_oper_list.matrix[1][1]         1.0000000000 
_pdbx_struct_oper_list.matrix[1][2]         0.0000000000 
_pdbx_struct_oper_list.matrix[1][3]         0.0000000000 
_pdbx_struct_oper_list.vector[1]            0.0000000000 
_pdbx_struct_oper_list.matrix[2][1]         0.0000000000 
_pdbx_struct_oper_list.matrix[2][2]         1.0000000000 
_pdbx_struct_oper_list.matrix[2][3]         0.0000000000 
_pdbx_struct_oper_list.vector[2]            0.0000000000 
_pdbx_struct_oper_list.matrix[3][1]         0.0000000000 
_pdbx_struct_oper_list.matrix[3][2]         0.0000000000 
_pdbx_struct_oper_list.matrix[3][3]         1.0000000000 
_pdbx_struct_oper_list.vector[3]            0.0000000000 
# 
_struct_biol.id   1 
# 
loop_
_struct_conf.conf_type_id 
_struct_conf.id 
_struct_conf.pdbx_PDB_helix_id 
_struct_conf.beg_label_comp_id 
_struct_conf.beg_label_asym_id 
_struct_conf.beg_label_seq_id 
_struct_conf.pdbx_beg_PDB_ins_code 
_struct_conf.end_label_comp_id 
_struct_conf.end_label_asym_id 
_struct_conf.end_label_seq_id 
_struct_conf.pdbx_end_PDB_ins_code 
_struct_conf.beg_auth_comp_id 
_struct_conf.beg_auth_asym_id 
_struct_conf.beg_auth_seq_id 
_struct_conf.end_auth_comp_id 
_struct_conf.end_auth_asym_id 
_struct_conf.end_auth_seq_id 
_struct_conf.pdbx_PDB_helix_class 
_struct_conf.details 
_struct_conf.pdbx_PDB_helix_length 
HELX_P HELX_P1 1 THR A 29 ? ASN A 43 ? THR A 9  ASN A 23 1 ? 15 
HELX_P HELX_P2 2 THR A 47 ? CYS A 59 ? THR A 27 CYS A 39 1 ? 13 
HELX_P HELX_P3 3 THR A 61 ? LYS A 91 ? THR A 41 LYS A 71 1 ? 31 
# 
_struct_conf_type.id          HELX_P 
_struct_conf_type.criteria    ? 
_struct_conf_type.reference   ? 
# 
loop_
_struct_site.id 
_struct_site.pdbx_evidence_code 
_struct_site.pdbx_auth_asym_id 
_struct_site.pdbx_auth_comp_id 
_struct_site.pdbx_auth_seq_id 
_struct_site.pdbx_auth_ins_code 
_struct_site.pdbx_num_residues 
_struct_site.details 
AC1 Software A SO4 1074 ? 2 'BINDING SITE FOR RESIDUE SO4 A 1074' 
AC2 Software A SO4 1075 ? 5 'BINDING SITE FOR RESIDUE SO4 A 1075' 
AC3 Software A SO4 1076 ? 1 'BINDING SITE FOR RESIDUE SO4 A 1076' 
AC4 Software A CL  1077 ? 1 'BINDING SITE FOR RESIDUE CL A 1077'  
AC5 Software A SO4 1078 ? 4 'BINDING SITE FOR RESIDUE SO4 A 1078' 
AC6 Software A CL  1079 ? 1 'BINDING SITE FOR RESIDUE CL A 1079'  
# 
loop_
_struct_site_gen.id 
_struct_site_gen.site_id 
_struct_site_gen.pdbx_num_res 
_struct_site_gen.label_comp_id 
_struct_site_gen.label_asym_id 
_struct_site_gen.label_seq_id 
_struct_site_gen.pdbx_auth_ins_code 
_struct_site_gen.auth_comp_id 
_struct_site_gen.auth_asym_id 
_struct_site_gen.auth_seq_id 
_struct_site_gen.label_atom_id 
_struct_site_gen.label_alt_id 
_struct_site_gen.symmetry 
_struct_site_gen.details 
1  AC1 2 ARG A 73 ? ARG A 53   . ? 1_555  ? 
2  AC1 2 HOH H .  ? HOH A 2005 . ? 1_555  ? 
3  AC2 5 PHE A 40 ? PHE A 20   . ? 20_554 ? 
4  AC2 5 HIS A 41 ? HIS A 21   . ? 20_554 ? 
5  AC2 5 HIS A 44 ? HIS A 24   . ? 20_554 ? 
6  AC2 5 ARG A 48 ? ARG A 28   . ? 1_555  ? 
7  AC2 5 ARG A 49 ? ARG A 29   . ? 1_555  ? 
8  AC3 1 MET A 54 ? MET A 34   . ? 1_555  ? 
9  AC4 1 ARG A 51 ? ARG A 31   . ? 1_555  ? 
10 AC5 4 HIS A 41 ? HIS A 21   . ? 17_455 ? 
11 AC5 4 ARG A 48 ? ARG A 28   . ? 4_455  ? 
12 AC5 4 ARG A 49 ? ARG A 29   . ? 4_455  ? 
13 AC5 4 LYS A 91 ? LYS A 71   . ? 1_555  ? 
14 AC6 1 ARG A 30 ? ARG A 10   . ? 1_555  ? 
# 
loop_
_pdbx_struct_special_symmetry.id 
_pdbx_struct_special_symmetry.PDB_model_num 
_pdbx_struct_special_symmetry.auth_asym_id 
_pdbx_struct_special_symmetry.auth_comp_id 
_pdbx_struct_special_symmetry.auth_seq_id 
_pdbx_struct_special_symmetry.PDB_ins_code 
_pdbx_struct_special_symmetry.label_asym_id 
_pdbx_struct_special_symmetry.label_comp_id 
_pdbx_struct_special_symmetry.label_seq_id 
1 1 A HOH 2002 ? H HOH . 
2 1 A HOH 2004 ? H HOH . 
# 
_pdbx_refine_tls.pdbx_refine_id   'X-RAY DIFFRACTION' 
_pdbx_refine_tls.id               1 
_pdbx_refine_tls.details          ? 
_pdbx_refine_tls.method           refined 
_pdbx_refine_tls.origin_x         0.2463 
_pdbx_refine_tls.origin_y         0.0672 
_pdbx_refine_tls.origin_z         0.3140 
_pdbx_refine_tls.T[1][1]          -0.1130 
_pdbx_refine_tls.T[2][2]          -0.0471 
_pdbx_refine_tls.T[3][3]          -0.0986 
_pdbx_refine_tls.T[1][2]          -0.0298 
_pdbx_refine_tls.T[1][3]          -0.0861 
_pdbx_refine_tls.T[2][3]          0.1447 
_pdbx_refine_tls.L[1][1]          7.0996 
_pdbx_refine_tls.L[2][2]          1.3974 
_pdbx_refine_tls.L[3][3]          0.8902 
_pdbx_refine_tls.L[1][2]          -1.3630 
_pdbx_refine_tls.L[1][3]          2.0698 
_pdbx_refine_tls.L[2][3]          0.2185 
_pdbx_refine_tls.S[1][1]          -0.1100 
_pdbx_refine_tls.S[1][2]          0.4451 
_pdbx_refine_tls.S[1][3]          0.0610 
_pdbx_refine_tls.S[2][1]          -0.3026 
_pdbx_refine_tls.S[2][2]          0.0027 
_pdbx_refine_tls.S[2][3]          -0.3588 
_pdbx_refine_tls.S[3][1]          -0.1595 
_pdbx_refine_tls.S[3][2]          -0.0320 
_pdbx_refine_tls.S[3][3]          0.1072 
# 
_pdbx_refine_tls_group.pdbx_refine_id      'X-RAY DIFFRACTION' 
_pdbx_refine_tls_group.id                  1 
_pdbx_refine_tls_group.refine_tls_id       1 
_pdbx_refine_tls_group.beg_auth_asym_id    ? 
_pdbx_refine_tls_group.beg_auth_seq_id     ? 
_pdbx_refine_tls_group.beg_label_asym_id   ? 
_pdbx_refine_tls_group.beg_label_seq_id    ? 
_pdbx_refine_tls_group.end_auth_asym_id    ? 
_pdbx_refine_tls_group.end_auth_seq_id     ? 
_pdbx_refine_tls_group.end_label_asym_id   ? 
_pdbx_refine_tls_group.end_label_seq_id    ? 
_pdbx_refine_tls_group.selection           ? 
_pdbx_refine_tls_group.selection_details   'CHAIN A' 
# 
loop_
_pdbx_unobs_or_zero_occ_residues.id 
_pdbx_unobs_or_zero_occ_residues.PDB_model_num 
_pdbx_unobs_or_zero_occ_residues.polymer_flag 
_pdbx_unobs_or_zero_occ_residues.occupancy_flag 
_pdbx_unobs_or_zero_occ_residues.auth_asym_id 
_pdbx_unobs_or_zero_occ_residues.auth_comp_id 
_pdbx_unobs_or_zero_occ_residues.auth_seq_id 
_pdbx_unobs_or_zero_occ_residues.PDB_ins_code 
_pdbx_unobs_or_zero_occ_residues.label_asym_id 
_pdbx_unobs_or_zero_occ_residues.label_comp_id 
_pdbx_unobs_or_zero_occ_residues.label_seq_id 
1  1 Y 1 A MET -19 ? A MET 1  
2  1 Y 1 A GLN -18 ? A GLN 2  
3  1 Y 1 A ALA -17 ? A ALA 3  
4  1 Y 1 A SER -16 ? A SER 4  
5  1 Y 1 A ASN -15 ? A ASN 5  
6  1 Y 1 A HIS -14 ? A HIS 6  
7  1 Y 1 A THR -13 ? A THR 7  
8  1 Y 1 A PHE -12 ? A PHE 8  
9  1 Y 1 A TYR -11 ? A TYR 9  
10 1 Y 1 A PRO -10 ? A PRO 10 
11 1 Y 1 A TRP -9  ? A TRP 11 
12 1 Y 1 A MET -8  ? A MET 12 
13 1 Y 1 A ALA -7  ? A ALA 13 
14 1 Y 1 A ILE -6  ? A ILE 14 
15 1 Y 1 A ALA -5  ? A ALA 15 
16 1 Y 1 A GLY -4  ? A GLY 16 
17 1 Y 1 A THR -3  ? A THR 17 
18 1 Y 1 A ASN -2  ? A ASN 18 
19 1 Y 1 A GLY -1  ? A GLY 19 
20 1 Y 1 A LEU 0   ? A LEU 20 
21 1 Y 1 A ARG 1   ? A ARG 21 
22 1 Y 1 A ARG 2   ? A ARG 22 
23 1 Y 1 A ARG 3   ? A ARG 23 
24 1 Y 1 A GLY 4   ? A GLY 24 
25 1 Y 1 A ARG 5   ? A ARG 25 
26 1 Y 1 A GLN 6   ? A GLN 26 
# 
loop_
_chem_comp_atom.comp_id 
_chem_comp_atom.atom_id 
_chem_comp_atom.type_symbol 
_chem_comp_atom.pdbx_aromatic_flag 
_chem_comp_atom.pdbx_stereo_config 
_chem_comp_atom.pdbx_ordinal 
ALA N    N  N N 1   
ALA CA   C  N S 2   
ALA C    C  N N 3   
ALA O    O  N N 4   
ALA CB   C  N N 5   
ALA OXT  O  N N 6   
ALA H    H  N N 7   
ALA H2   H  N N 8   
ALA HA   H  N N 9   
ALA HB1  H  N N 10  
ALA HB2  H  N N 11  
ALA HB3  H  N N 12  
ALA HXT  H  N N 13  
ARG N    N  N N 14  
ARG CA   C  N S 15  
ARG C    C  N N 16  
ARG O    O  N N 17  
ARG CB   C  N N 18  
ARG CG   C  N N 19  
ARG CD   C  N N 20  
ARG NE   N  N N 21  
ARG CZ   C  N N 22  
ARG NH1  N  N N 23  
ARG NH2  N  N N 24  
ARG OXT  O  N N 25  
ARG H    H  N N 26  
ARG H2   H  N N 27  
ARG HA   H  N N 28  
ARG HB2  H  N N 29  
ARG HB3  H  N N 30  
ARG HG2  H  N N 31  
ARG HG3  H  N N 32  
ARG HD2  H  N N 33  
ARG HD3  H  N N 34  
ARG HE   H  N N 35  
ARG HH11 H  N N 36  
ARG HH12 H  N N 37  
ARG HH21 H  N N 38  
ARG HH22 H  N N 39  
ARG HXT  H  N N 40  
ASN N    N  N N 41  
ASN CA   C  N S 42  
ASN C    C  N N 43  
ASN O    O  N N 44  
ASN CB   C  N N 45  
ASN CG   C  N N 46  
ASN OD1  O  N N 47  
ASN ND2  N  N N 48  
ASN OXT  O  N N 49  
ASN H    H  N N 50  
ASN H2   H  N N 51  
ASN HA   H  N N 52  
ASN HB2  H  N N 53  
ASN HB3  H  N N 54  
ASN HD21 H  N N 55  
ASN HD22 H  N N 56  
ASN HXT  H  N N 57  
CL  CL   CL N N 58  
CYS N    N  N N 59  
CYS CA   C  N R 60  
CYS C    C  N N 61  
CYS O    O  N N 62  
CYS CB   C  N N 63  
CYS SG   S  N N 64  
CYS OXT  O  N N 65  
CYS H    H  N N 66  
CYS H2   H  N N 67  
CYS HA   H  N N 68  
CYS HB2  H  N N 69  
CYS HB3  H  N N 70  
CYS HG   H  N N 71  
CYS HXT  H  N N 72  
GLN N    N  N N 73  
GLN CA   C  N S 74  
GLN C    C  N N 75  
GLN O    O  N N 76  
GLN CB   C  N N 77  
GLN CG   C  N N 78  
GLN CD   C  N N 79  
GLN OE1  O  N N 80  
GLN NE2  N  N N 81  
GLN OXT  O  N N 82  
GLN H    H  N N 83  
GLN H2   H  N N 84  
GLN HA   H  N N 85  
GLN HB2  H  N N 86  
GLN HB3  H  N N 87  
GLN HG2  H  N N 88  
GLN HG3  H  N N 89  
GLN HE21 H  N N 90  
GLN HE22 H  N N 91  
GLN HXT  H  N N 92  
GLU N    N  N N 93  
GLU CA   C  N S 94  
GLU C    C  N N 95  
GLU O    O  N N 96  
GLU CB   C  N N 97  
GLU CG   C  N N 98  
GLU CD   C  N N 99  
GLU OE1  O  N N 100 
GLU OE2  O  N N 101 
GLU OXT  O  N N 102 
GLU H    H  N N 103 
GLU H2   H  N N 104 
GLU HA   H  N N 105 
GLU HB2  H  N N 106 
GLU HB3  H  N N 107 
GLU HG2  H  N N 108 
GLU HG3  H  N N 109 
GLU HE2  H  N N 110 
GLU HXT  H  N N 111 
GLY N    N  N N 112 
GLY CA   C  N N 113 
GLY C    C  N N 114 
GLY O    O  N N 115 
GLY OXT  O  N N 116 
GLY H    H  N N 117 
GLY H2   H  N N 118 
GLY HA2  H  N N 119 
GLY HA3  H  N N 120 
GLY HXT  H  N N 121 
HIS N    N  N N 122 
HIS CA   C  N S 123 
HIS C    C  N N 124 
HIS O    O  N N 125 
HIS CB   C  N N 126 
HIS CG   C  Y N 127 
HIS ND1  N  Y N 128 
HIS CD2  C  Y N 129 
HIS CE1  C  Y N 130 
HIS NE2  N  Y N 131 
HIS OXT  O  N N 132 
HIS H    H  N N 133 
HIS H2   H  N N 134 
HIS HA   H  N N 135 
HIS HB2  H  N N 136 
HIS HB3  H  N N 137 
HIS HD1  H  N N 138 
HIS HD2  H  N N 139 
HIS HE1  H  N N 140 
HIS HE2  H  N N 141 
HIS HXT  H  N N 142 
HOH O    O  N N 143 
HOH H1   H  N N 144 
HOH H2   H  N N 145 
ILE N    N  N N 146 
ILE CA   C  N S 147 
ILE C    C  N N 148 
ILE O    O  N N 149 
ILE CB   C  N S 150 
ILE CG1  C  N N 151 
ILE CG2  C  N N 152 
ILE CD1  C  N N 153 
ILE OXT  O  N N 154 
ILE H    H  N N 155 
ILE H2   H  N N 156 
ILE HA   H  N N 157 
ILE HB   H  N N 158 
ILE HG12 H  N N 159 
ILE HG13 H  N N 160 
ILE HG21 H  N N 161 
ILE HG22 H  N N 162 
ILE HG23 H  N N 163 
ILE HD11 H  N N 164 
ILE HD12 H  N N 165 
ILE HD13 H  N N 166 
ILE HXT  H  N N 167 
LEU N    N  N N 168 
LEU CA   C  N S 169 
LEU C    C  N N 170 
LEU O    O  N N 171 
LEU CB   C  N N 172 
LEU CG   C  N N 173 
LEU CD1  C  N N 174 
LEU CD2  C  N N 175 
LEU OXT  O  N N 176 
LEU H    H  N N 177 
LEU H2   H  N N 178 
LEU HA   H  N N 179 
LEU HB2  H  N N 180 
LEU HB3  H  N N 181 
LEU HG   H  N N 182 
LEU HD11 H  N N 183 
LEU HD12 H  N N 184 
LEU HD13 H  N N 185 
LEU HD21 H  N N 186 
LEU HD22 H  N N 187 
LEU HD23 H  N N 188 
LEU HXT  H  N N 189 
LYS N    N  N N 190 
LYS CA   C  N S 191 
LYS C    C  N N 192 
LYS O    O  N N 193 
LYS CB   C  N N 194 
LYS CG   C  N N 195 
LYS CD   C  N N 196 
LYS CE   C  N N 197 
LYS NZ   N  N N 198 
LYS OXT  O  N N 199 
LYS H    H  N N 200 
LYS H2   H  N N 201 
LYS HA   H  N N 202 
LYS HB2  H  N N 203 
LYS HB3  H  N N 204 
LYS HG2  H  N N 205 
LYS HG3  H  N N 206 
LYS HD2  H  N N 207 
LYS HD3  H  N N 208 
LYS HE2  H  N N 209 
LYS HE3  H  N N 210 
LYS HZ1  H  N N 211 
LYS HZ2  H  N N 212 
LYS HZ3  H  N N 213 
LYS HXT  H  N N 214 
MET N    N  N N 215 
MET CA   C  N S 216 
MET C    C  N N 217 
MET O    O  N N 218 
MET CB   C  N N 219 
MET CG   C  N N 220 
MET SD   S  N N 221 
MET CE   C  N N 222 
MET OXT  O  N N 223 
MET H    H  N N 224 
MET H2   H  N N 225 
MET HA   H  N N 226 
MET HB2  H  N N 227 
MET HB3  H  N N 228 
MET HG2  H  N N 229 
MET HG3  H  N N 230 
MET HE1  H  N N 231 
MET HE2  H  N N 232 
MET HE3  H  N N 233 
MET HXT  H  N N 234 
PHE N    N  N N 235 
PHE CA   C  N S 236 
PHE C    C  N N 237 
PHE O    O  N N 238 
PHE CB   C  N N 239 
PHE CG   C  Y N 240 
PHE CD1  C  Y N 241 
PHE CD2  C  Y N 242 
PHE CE1  C  Y N 243 
PHE CE2  C  Y N 244 
PHE CZ   C  Y N 245 
PHE OXT  O  N N 246 
PHE H    H  N N 247 
PHE H2   H  N N 248 
PHE HA   H  N N 249 
PHE HB2  H  N N 250 
PHE HB3  H  N N 251 
PHE HD1  H  N N 252 
PHE HD2  H  N N 253 
PHE HE1  H  N N 254 
PHE HE2  H  N N 255 
PHE HZ   H  N N 256 
PHE HXT  H  N N 257 
PRO N    N  N N 258 
PRO CA   C  N S 259 
PRO C    C  N N 260 
PRO O    O  N N 261 
PRO CB   C  N N 262 
PRO CG   C  N N 263 
PRO CD   C  N N 264 
PRO OXT  O  N N 265 
PRO H    H  N N 266 
PRO HA   H  N N 267 
PRO HB2  H  N N 268 
PRO HB3  H  N N 269 
PRO HG2  H  N N 270 
PRO HG3  H  N N 271 
PRO HD2  H  N N 272 
PRO HD3  H  N N 273 
PRO HXT  H  N N 274 
SER N    N  N N 275 
SER CA   C  N S 276 
SER C    C  N N 277 
SER O    O  N N 278 
SER CB   C  N N 279 
SER OG   O  N N 280 
SER OXT  O  N N 281 
SER H    H  N N 282 
SER H2   H  N N 283 
SER HA   H  N N 284 
SER HB2  H  N N 285 
SER HB3  H  N N 286 
SER HG   H  N N 287 
SER HXT  H  N N 288 
SO4 S    S  N N 289 
SO4 O1   O  N N 290 
SO4 O2   O  N N 291 
SO4 O3   O  N N 292 
SO4 O4   O  N N 293 
THR N    N  N N 294 
THR CA   C  N S 295 
THR C    C  N N 296 
THR O    O  N N 297 
THR CB   C  N R 298 
THR OG1  O  N N 299 
THR CG2  C  N N 300 
THR OXT  O  N N 301 
THR H    H  N N 302 
THR H2   H  N N 303 
THR HA   H  N N 304 
THR HB   H  N N 305 
THR HG1  H  N N 306 
THR HG21 H  N N 307 
THR HG22 H  N N 308 
THR HG23 H  N N 309 
THR HXT  H  N N 310 
TRP N    N  N N 311 
TRP CA   C  N S 312 
TRP C    C  N N 313 
TRP O    O  N N 314 
TRP CB   C  N N 315 
TRP CG   C  Y N 316 
TRP CD1  C  Y N 317 
TRP CD2  C  Y N 318 
TRP NE1  N  Y N 319 
TRP CE2  C  Y N 320 
TRP CE3  C  Y N 321 
TRP CZ2  C  Y N 322 
TRP CZ3  C  Y N 323 
TRP CH2  C  Y N 324 
TRP OXT  O  N N 325 
TRP H    H  N N 326 
TRP H2   H  N N 327 
TRP HA   H  N N 328 
TRP HB2  H  N N 329 
TRP HB3  H  N N 330 
TRP HD1  H  N N 331 
TRP HE1  H  N N 332 
TRP HE3  H  N N 333 
TRP HZ2  H  N N 334 
TRP HZ3  H  N N 335 
TRP HH2  H  N N 336 
TRP HXT  H  N N 337 
TYR N    N  N N 338 
TYR CA   C  N S 339 
TYR C    C  N N 340 
TYR O    O  N N 341 
TYR CB   C  N N 342 
TYR CG   C  Y N 343 
TYR CD1  C  Y N 344 
TYR CD2  C  Y N 345 
TYR CE1  C  Y N 346 
TYR CE2  C  Y N 347 
TYR CZ   C  Y N 348 
TYR OH   O  N N 349 
TYR OXT  O  N N 350 
TYR H    H  N N 351 
TYR H2   H  N N 352 
TYR HA   H  N N 353 
TYR HB2  H  N N 354 
TYR HB3  H  N N 355 
TYR HD1  H  N N 356 
TYR HD2  H  N N 357 
TYR HE1  H  N N 358 
TYR HE2  H  N N 359 
TYR HH   H  N N 360 
TYR HXT  H  N N 361 
# 
loop_
_chem_comp_bond.comp_id 
_chem_comp_bond.atom_id_1 
_chem_comp_bond.atom_id_2 
_chem_comp_bond.value_order 
_chem_comp_bond.pdbx_aromatic_flag 
_chem_comp_bond.pdbx_stereo_config 
_chem_comp_bond.pdbx_ordinal 
ALA N   CA   sing N N 1   
ALA N   H    sing N N 2   
ALA N   H2   sing N N 3   
ALA CA  C    sing N N 4   
ALA CA  CB   sing N N 5   
ALA CA  HA   sing N N 6   
ALA C   O    doub N N 7   
ALA C   OXT  sing N N 8   
ALA CB  HB1  sing N N 9   
ALA CB  HB2  sing N N 10  
ALA CB  HB3  sing N N 11  
ALA OXT HXT  sing N N 12  
ARG N   CA   sing N N 13  
ARG N   H    sing N N 14  
ARG N   H2   sing N N 15  
ARG CA  C    sing N N 16  
ARG CA  CB   sing N N 17  
ARG CA  HA   sing N N 18  
ARG C   O    doub N N 19  
ARG C   OXT  sing N N 20  
ARG CB  CG   sing N N 21  
ARG CB  HB2  sing N N 22  
ARG CB  HB3  sing N N 23  
ARG CG  CD   sing N N 24  
ARG CG  HG2  sing N N 25  
ARG CG  HG3  sing N N 26  
ARG CD  NE   sing N N 27  
ARG CD  HD2  sing N N 28  
ARG CD  HD3  sing N N 29  
ARG NE  CZ   sing N N 30  
ARG NE  HE   sing N N 31  
ARG CZ  NH1  sing N N 32  
ARG CZ  NH2  doub N N 33  
ARG NH1 HH11 sing N N 34  
ARG NH1 HH12 sing N N 35  
ARG NH2 HH21 sing N N 36  
ARG NH2 HH22 sing N N 37  
ARG OXT HXT  sing N N 38  
ASN N   CA   sing N N 39  
ASN N   H    sing N N 40  
ASN N   H2   sing N N 41  
ASN CA  C    sing N N 42  
ASN CA  CB   sing N N 43  
ASN CA  HA   sing N N 44  
ASN C   O    doub N N 45  
ASN C   OXT  sing N N 46  
ASN CB  CG   sing N N 47  
ASN CB  HB2  sing N N 48  
ASN CB  HB3  sing N N 49  
ASN CG  OD1  doub N N 50  
ASN CG  ND2  sing N N 51  
ASN ND2 HD21 sing N N 52  
ASN ND2 HD22 sing N N 53  
ASN OXT HXT  sing N N 54  
CYS N   CA   sing N N 55  
CYS N   H    sing N N 56  
CYS N   H2   sing N N 57  
CYS CA  C    sing N N 58  
CYS CA  CB   sing N N 59  
CYS CA  HA   sing N N 60  
CYS C   O    doub N N 61  
CYS C   OXT  sing N N 62  
CYS CB  SG   sing N N 63  
CYS CB  HB2  sing N N 64  
CYS CB  HB3  sing N N 65  
CYS SG  HG   sing N N 66  
CYS OXT HXT  sing N N 67  
GLN N   CA   sing N N 68  
GLN N   H    sing N N 69  
GLN N   H2   sing N N 70  
GLN CA  C    sing N N 71  
GLN CA  CB   sing N N 72  
GLN CA  HA   sing N N 73  
GLN C   O    doub N N 74  
GLN C   OXT  sing N N 75  
GLN CB  CG   sing N N 76  
GLN CB  HB2  sing N N 77  
GLN CB  HB3  sing N N 78  
GLN CG  CD   sing N N 79  
GLN CG  HG2  sing N N 80  
GLN CG  HG3  sing N N 81  
GLN CD  OE1  doub N N 82  
GLN CD  NE2  sing N N 83  
GLN NE2 HE21 sing N N 84  
GLN NE2 HE22 sing N N 85  
GLN OXT HXT  sing N N 86  
GLU N   CA   sing N N 87  
GLU N   H    sing N N 88  
GLU N   H2   sing N N 89  
GLU CA  C    sing N N 90  
GLU CA  CB   sing N N 91  
GLU CA  HA   sing N N 92  
GLU C   O    doub N N 93  
GLU C   OXT  sing N N 94  
GLU CB  CG   sing N N 95  
GLU CB  HB2  sing N N 96  
GLU CB  HB3  sing N N 97  
GLU CG  CD   sing N N 98  
GLU CG  HG2  sing N N 99  
GLU CG  HG3  sing N N 100 
GLU CD  OE1  doub N N 101 
GLU CD  OE2  sing N N 102 
GLU OE2 HE2  sing N N 103 
GLU OXT HXT  sing N N 104 
GLY N   CA   sing N N 105 
GLY N   H    sing N N 106 
GLY N   H2   sing N N 107 
GLY CA  C    sing N N 108 
GLY CA  HA2  sing N N 109 
GLY CA  HA3  sing N N 110 
GLY C   O    doub N N 111 
GLY C   OXT  sing N N 112 
GLY OXT HXT  sing N N 113 
HIS N   CA   sing N N 114 
HIS N   H    sing N N 115 
HIS N   H2   sing N N 116 
HIS CA  C    sing N N 117 
HIS CA  CB   sing N N 118 
HIS CA  HA   sing N N 119 
HIS C   O    doub N N 120 
HIS C   OXT  sing N N 121 
HIS CB  CG   sing N N 122 
HIS CB  HB2  sing N N 123 
HIS CB  HB3  sing N N 124 
HIS CG  ND1  sing Y N 125 
HIS CG  CD2  doub Y N 126 
HIS ND1 CE1  doub Y N 127 
HIS ND1 HD1  sing N N 128 
HIS CD2 NE2  sing Y N 129 
HIS CD2 HD2  sing N N 130 
HIS CE1 NE2  sing Y N 131 
HIS CE1 HE1  sing N N 132 
HIS NE2 HE2  sing N N 133 
HIS OXT HXT  sing N N 134 
HOH O   H1   sing N N 135 
HOH O   H2   sing N N 136 
ILE N   CA   sing N N 137 
ILE N   H    sing N N 138 
ILE N   H2   sing N N 139 
ILE CA  C    sing N N 140 
ILE CA  CB   sing N N 141 
ILE CA  HA   sing N N 142 
ILE C   O    doub N N 143 
ILE C   OXT  sing N N 144 
ILE CB  CG1  sing N N 145 
ILE CB  CG2  sing N N 146 
ILE CB  HB   sing N N 147 
ILE CG1 CD1  sing N N 148 
ILE CG1 HG12 sing N N 149 
ILE CG1 HG13 sing N N 150 
ILE CG2 HG21 sing N N 151 
ILE CG2 HG22 sing N N 152 
ILE CG2 HG23 sing N N 153 
ILE CD1 HD11 sing N N 154 
ILE CD1 HD12 sing N N 155 
ILE CD1 HD13 sing N N 156 
ILE OXT HXT  sing N N 157 
LEU N   CA   sing N N 158 
LEU N   H    sing N N 159 
LEU N   H2   sing N N 160 
LEU CA  C    sing N N 161 
LEU CA  CB   sing N N 162 
LEU CA  HA   sing N N 163 
LEU C   O    doub N N 164 
LEU C   OXT  sing N N 165 
LEU CB  CG   sing N N 166 
LEU CB  HB2  sing N N 167 
LEU CB  HB3  sing N N 168 
LEU CG  CD1  sing N N 169 
LEU CG  CD2  sing N N 170 
LEU CG  HG   sing N N 171 
LEU CD1 HD11 sing N N 172 
LEU CD1 HD12 sing N N 173 
LEU CD1 HD13 sing N N 174 
LEU CD2 HD21 sing N N 175 
LEU CD2 HD22 sing N N 176 
LEU CD2 HD23 sing N N 177 
LEU OXT HXT  sing N N 178 
LYS N   CA   sing N N 179 
LYS N   H    sing N N 180 
LYS N   H2   sing N N 181 
LYS CA  C    sing N N 182 
LYS CA  CB   sing N N 183 
LYS CA  HA   sing N N 184 
LYS C   O    doub N N 185 
LYS C   OXT  sing N N 186 
LYS CB  CG   sing N N 187 
LYS CB  HB2  sing N N 188 
LYS CB  HB3  sing N N 189 
LYS CG  CD   sing N N 190 
LYS CG  HG2  sing N N 191 
LYS CG  HG3  sing N N 192 
LYS CD  CE   sing N N 193 
LYS CD  HD2  sing N N 194 
LYS CD  HD3  sing N N 195 
LYS CE  NZ   sing N N 196 
LYS CE  HE2  sing N N 197 
LYS CE  HE3  sing N N 198 
LYS NZ  HZ1  sing N N 199 
LYS NZ  HZ2  sing N N 200 
LYS NZ  HZ3  sing N N 201 
LYS OXT HXT  sing N N 202 
MET N   CA   sing N N 203 
MET N   H    sing N N 204 
MET N   H2   sing N N 205 
MET CA  C    sing N N 206 
MET CA  CB   sing N N 207 
MET CA  HA   sing N N 208 
MET C   O    doub N N 209 
MET C   OXT  sing N N 210 
MET CB  CG   sing N N 211 
MET CB  HB2  sing N N 212 
MET CB  HB3  sing N N 213 
MET CG  SD   sing N N 214 
MET CG  HG2  sing N N 215 
MET CG  HG3  sing N N 216 
MET SD  CE   sing N N 217 
MET CE  HE1  sing N N 218 
MET CE  HE2  sing N N 219 
MET CE  HE3  sing N N 220 
MET OXT HXT  sing N N 221 
PHE N   CA   sing N N 222 
PHE N   H    sing N N 223 
PHE N   H2   sing N N 224 
PHE CA  C    sing N N 225 
PHE CA  CB   sing N N 226 
PHE CA  HA   sing N N 227 
PHE C   O    doub N N 228 
PHE C   OXT  sing N N 229 
PHE CB  CG   sing N N 230 
PHE CB  HB2  sing N N 231 
PHE CB  HB3  sing N N 232 
PHE CG  CD1  doub Y N 233 
PHE CG  CD2  sing Y N 234 
PHE CD1 CE1  sing Y N 235 
PHE CD1 HD1  sing N N 236 
PHE CD2 CE2  doub Y N 237 
PHE CD2 HD2  sing N N 238 
PHE CE1 CZ   doub Y N 239 
PHE CE1 HE1  sing N N 240 
PHE CE2 CZ   sing Y N 241 
PHE CE2 HE2  sing N N 242 
PHE CZ  HZ   sing N N 243 
PHE OXT HXT  sing N N 244 
PRO N   CA   sing N N 245 
PRO N   CD   sing N N 246 
PRO N   H    sing N N 247 
PRO CA  C    sing N N 248 
PRO CA  CB   sing N N 249 
PRO CA  HA   sing N N 250 
PRO C   O    doub N N 251 
PRO C   OXT  sing N N 252 
PRO CB  CG   sing N N 253 
PRO CB  HB2  sing N N 254 
PRO CB  HB3  sing N N 255 
PRO CG  CD   sing N N 256 
PRO CG  HG2  sing N N 257 
PRO CG  HG3  sing N N 258 
PRO CD  HD2  sing N N 259 
PRO CD  HD3  sing N N 260 
PRO OXT HXT  sing N N 261 
SER N   CA   sing N N 262 
SER N   H    sing N N 263 
SER N   H2   sing N N 264 
SER CA  C    sing N N 265 
SER CA  CB   sing N N 266 
SER CA  HA   sing N N 267 
SER C   O    doub N N 268 
SER C   OXT  sing N N 269 
SER CB  OG   sing N N 270 
SER CB  HB2  sing N N 271 
SER CB  HB3  sing N N 272 
SER OG  HG   sing N N 273 
SER OXT HXT  sing N N 274 
SO4 S   O1   doub N N 275 
SO4 S   O2   doub N N 276 
SO4 S   O3   sing N N 277 
SO4 S   O4   sing N N 278 
THR N   CA   sing N N 279 
THR N   H    sing N N 280 
THR N   H2   sing N N 281 
THR CA  C    sing N N 282 
THR CA  CB   sing N N 283 
THR CA  HA   sing N N 284 
THR C   O    doub N N 285 
THR C   OXT  sing N N 286 
THR CB  OG1  sing N N 287 
THR CB  CG2  sing N N 288 
THR CB  HB   sing N N 289 
THR OG1 HG1  sing N N 290 
THR CG2 HG21 sing N N 291 
THR CG2 HG22 sing N N 292 
THR CG2 HG23 sing N N 293 
THR OXT HXT  sing N N 294 
TRP N   CA   sing N N 295 
TRP N   H    sing N N 296 
TRP N   H2   sing N N 297 
TRP CA  C    sing N N 298 
TRP CA  CB   sing N N 299 
TRP CA  HA   sing N N 300 
TRP C   O    doub N N 301 
TRP C   OXT  sing N N 302 
TRP CB  CG   sing N N 303 
TRP CB  HB2  sing N N 304 
TRP CB  HB3  sing N N 305 
TRP CG  CD1  doub Y N 306 
TRP CG  CD2  sing Y N 307 
TRP CD1 NE1  sing Y N 308 
TRP CD1 HD1  sing N N 309 
TRP CD2 CE2  doub Y N 310 
TRP CD2 CE3  sing Y N 311 
TRP NE1 CE2  sing Y N 312 
TRP NE1 HE1  sing N N 313 
TRP CE2 CZ2  sing Y N 314 
TRP CE3 CZ3  doub Y N 315 
TRP CE3 HE3  sing N N 316 
TRP CZ2 CH2  doub Y N 317 
TRP CZ2 HZ2  sing N N 318 
TRP CZ3 CH2  sing Y N 319 
TRP CZ3 HZ3  sing N N 320 
TRP CH2 HH2  sing N N 321 
TRP OXT HXT  sing N N 322 
TYR N   CA   sing N N 323 
TYR N   H    sing N N 324 
TYR N   H2   sing N N 325 
TYR CA  C    sing N N 326 
TYR CA  CB   sing N N 327 
TYR CA  HA   sing N N 328 
TYR C   O    doub N N 329 
TYR C   OXT  sing N N 330 
TYR CB  CG   sing N N 331 
TYR CB  HB2  sing N N 332 
TYR CB  HB3  sing N N 333 
TYR CG  CD1  doub Y N 334 
TYR CG  CD2  sing Y N 335 
TYR CD1 CE1  sing Y N 336 
TYR CD1 HD1  sing N N 337 
TYR CD2 CE2  doub Y N 338 
TYR CD2 HD2  sing N N 339 
TYR CE1 CZ   doub Y N 340 
TYR CE1 HE1  sing N N 341 
TYR CE2 CZ   sing Y N 342 
TYR CE2 HE2  sing N N 343 
TYR CZ  OH   sing N N 344 
TYR OH  HH   sing N N 345 
TYR OXT HXT  sing N N 346 
# 
_pdbx_initial_refinement_model.accession_code   ? 
_pdbx_initial_refinement_model.id               1 
_pdbx_initial_refinement_model.entity_id_list   ? 
_pdbx_initial_refinement_model.type             other 
_pdbx_initial_refinement_model.source_name      ? 
_pdbx_initial_refinement_model.details          'LOCAL STRUCTURE OF UBX' 
# 
_atom_sites.entry_id                    4UUT 
_atom_sites.fract_transf_matrix[1][1]   0.00618835 
_atom_sites.fract_transf_matrix[1][2]   -0.00001015 
_atom_sites.fract_transf_matrix[1][3]   0.00802888 
_atom_sites.fract_transf_matrix[2][1]   -0.00317174 
_atom_sites.fract_transf_matrix[2][2]   0.00930939 
_atom_sites.fract_transf_matrix[2][3]   0.00245643 
_atom_sites.fract_transf_matrix[3][1]   -0.00737585 
_atom_sites.fract_transf_matrix[3][2]   -0.00401172 
_atom_sites.fract_transf_matrix[3][3]   0.00567994 
_atom_sites.fract_transf_vector[1]      -0.126481 
_atom_sites.fract_transf_vector[2]      0.156129 
_atom_sites.fract_transf_vector[3]      -0.032780 
# 
loop_
_atom_type.symbol 
C  
CL 
N  
O  
S  
# 
loop_
_atom_site.group_PDB 
_atom_site.id 
_atom_site.type_symbol 
_atom_site.label_atom_id 
_atom_site.label_alt_id 
_atom_site.label_comp_id 
_atom_site.label_asym_id 
_atom_site.label_entity_id 
_atom_site.label_seq_id 
_atom_site.pdbx_PDB_ins_code 
_atom_site.Cartn_x 
_atom_site.Cartn_y 
_atom_site.Cartn_z 
_atom_site.occupancy 
_atom_site.B_iso_or_equiv 
_atom_site.pdbx_formal_charge 
_atom_site.auth_seq_id 
_atom_site.auth_comp_id 
_atom_site.auth_asym_id 
_atom_site.auth_atom_id 
_atom_site.pdbx_PDB_model_num 
ATOM   1   N  N   . THR A 1 27 ? 11.576  -10.658 -2.774  1.00 107.36 ? 7    THR A N   1 
ATOM   2   C  CA  . THR A 1 27 ? 10.129  -10.825 -3.014  1.00 106.53 ? 7    THR A CA  1 
ATOM   3   C  C   . THR A 1 27 ? 9.319   -10.799 -1.665  1.00 104.62 ? 7    THR A C   1 
ATOM   4   O  O   . THR A 1 27 ? 9.913   -10.554 -0.600  1.00 103.39 ? 7    THR A O   1 
ATOM   5   C  CB  . THR A 1 27 ? 9.855   -12.070 -3.923  1.00 117.50 ? 7    THR A CB  1 
ATOM   6   O  OG1 . THR A 1 27 ? 8.493   -12.059 -4.373  1.00 114.70 ? 7    THR A OG1 1 
ATOM   7   C  CG2 . THR A 1 27 ? 10.221  -13.416 -3.260  1.00 116.05 ? 7    THR A CG2 1 
ATOM   8   N  N   . TYR A 1 28 ? 7.967   -11.009 -1.730  1.00 96.33  ? 8    TYR A N   1 
ATOM   9   C  CA  . TYR A 1 28 ? 7.083   -10.998 -0.550  1.00 92.38  ? 8    TYR A CA  1 
ATOM   10  C  C   . TYR A 1 28 ? 6.233   -12.276 -0.423  1.00 93.28  ? 8    TYR A C   1 
ATOM   11  O  O   . TYR A 1 28 ? 5.491   -12.605 -1.349  1.00 94.88  ? 8    TYR A O   1 
ATOM   12  C  CB  . TYR A 1 28 ? 6.190   -9.734  -0.532  1.00 91.18  ? 8    TYR A CB  1 
ATOM   13  C  CG  . TYR A 1 28 ? 6.961   -8.430  -0.547  1.00 91.51  ? 8    TYR A CG  1 
ATOM   14  C  CD1 . TYR A 1 28 ? 7.483   -7.892  0.624   1.00 92.04  ? 8    TYR A CD1 1 
ATOM   15  C  CD2 . TYR A 1 28 ? 7.135   -7.710  -1.730  1.00 93.11  ? 8    TYR A CD2 1 
ATOM   16  C  CE1 . TYR A 1 28 ? 8.193   -6.688  0.617   1.00 93.01  ? 8    TYR A CE1 1 
ATOM   17  C  CE2 . TYR A 1 28 ? 7.838   -6.502  -1.750  1.00 93.48  ? 8    TYR A CE2 1 
ATOM   18  C  CZ  . TYR A 1 28 ? 8.377   -6.000  -0.574  1.00 101.25 ? 8    TYR A CZ  1 
ATOM   19  O  OH  . TYR A 1 28 ? 9.093   -4.819  -0.574  1.00 102.97 ? 8    TYR A OH  1 
ATOM   20  N  N   . THR A 1 29 ? 6.317   -12.973 0.736   1.00 86.10  ? 9    THR A N   1 
ATOM   21  C  CA  . THR A 1 29 ? 5.561   -14.209 1.053   1.00 85.74  ? 9    THR A CA  1 
ATOM   22  C  C   . THR A 1 29 ? 4.025   -13.977 1.119   1.00 85.50  ? 9    THR A C   1 
ATOM   23  O  O   . THR A 1 29 ? 3.570   -12.831 1.166   1.00 82.10  ? 9    THR A O   1 
ATOM   24  C  CB  . THR A 1 29 ? 6.101   -14.913 2.345   1.00 91.67  ? 9    THR A CB  1 
ATOM   25  O  OG1 . THR A 1 29 ? 5.758   -14.188 3.526   1.00 89.70  ? 9    THR A OG1 1 
ATOM   26  C  CG2 . THR A 1 29 ? 7.597   -15.162 2.317   1.00 89.10  ? 9    THR A CG2 1 
ATOM   27  N  N   . ARG A 1 30 ? 3.234   -15.069 1.110   1.00 83.20  ? 10   ARG A N   1 
ATOM   28  C  CA  . ARG A 1 30 ? 1.769   -15.018 1.214   1.00 82.53  ? 10   ARG A CA  1 
ATOM   29  C  C   . ARG A 1 30 ? 1.356   -14.255 2.498   1.00 84.18  ? 10   ARG A C   1 
ATOM   30  O  O   . ARG A 1 30 ? 0.508   -13.359 2.430   1.00 83.43  ? 10   ARG A O   1 
ATOM   31  C  CB  . ARG A 1 30 ? 1.160   -16.437 1.184   1.00 85.19  ? 10   ARG A CB  1 
ATOM   32  C  CG  . ARG A 1 30 ? 0.233   -16.694 -0.021  1.00 100.20 ? 10   ARG A CG  1 
ATOM   33  C  CD  . ARG A 1 30 ? -0.899  -17.690 0.266   1.00 114.60 ? 10   ARG A CD  1 
ATOM   34  N  NE  . ARG A 1 30 ? -2.142  -17.036 0.714   1.00 119.56 ? 10   ARG A NE  1 
ATOM   35  C  CZ  . ARG A 1 30 ? -3.060  -17.609 1.494   1.00 122.78 ? 10   ARG A CZ  1 
ATOM   36  N  NH1 . ARG A 1 30 ? -2.886  -18.852 1.936   1.00 107.92 ? 10   ARG A NH1 1 
ATOM   37  N  NH2 . ARG A 1 30 ? -4.150  -16.939 1.851   1.00 94.73  ? 10   ARG A NH2 1 
ATOM   38  N  N   . TYR A 1 31 ? 2.033   -14.549 3.636   1.00 78.81  ? 11   TYR A N   1 
ATOM   39  C  CA  . TYR A 1 31 ? 1.813   -13.914 4.935   1.00 75.96  ? 11   TYR A CA  1 
ATOM   40  C  C   . TYR A 1 31 ? 2.210   -12.442 4.945   1.00 77.82  ? 11   TYR A C   1 
ATOM   41  O  O   . TYR A 1 31 ? 1.407   -11.612 5.386   1.00 75.96  ? 11   TYR A O   1 
ATOM   42  C  CB  . TYR A 1 31 ? 2.517   -14.700 6.045   1.00 77.23  ? 11   TYR A CB  1 
ATOM   43  C  CG  . TYR A 1 31 ? 2.458   -14.046 7.408   1.00 76.21  ? 11   TYR A CG  1 
ATOM   44  C  CD1 . TYR A 1 31 ? 1.370   -14.246 8.255   1.00 79.07  ? 11   TYR A CD1 1 
ATOM   45  C  CD2 . TYR A 1 31 ? 3.493   -13.235 7.857   1.00 74.38  ? 11   TYR A CD2 1 
ATOM   46  C  CE1 . TYR A 1 31 ? 1.315   -13.644 9.513   1.00 78.58  ? 11   TYR A CE1 1 
ATOM   47  C  CE2 . TYR A 1 31 ? 3.451   -12.637 9.113   1.00 74.38  ? 11   TYR A CE2 1 
ATOM   48  C  CZ  . TYR A 1 31 ? 2.365   -12.848 9.941   1.00 82.08  ? 11   TYR A CZ  1 
ATOM   49  O  OH  . TYR A 1 31 ? 2.353   -12.263 11.184  1.00 86.26  ? 11   TYR A OH  1 
ATOM   50  N  N   . GLN A 1 32 ? 3.441   -12.116 4.476   1.00 74.19  ? 12   GLN A N   1 
ATOM   51  C  CA  . GLN A 1 32 ? 3.934   -10.731 4.391   1.00 72.11  ? 12   GLN A CA  1 
ATOM   52  C  C   . GLN A 1 32 ? 2.952   -9.851  3.591   1.00 77.64  ? 12   GLN A C   1 
ATOM   53  O  O   . GLN A 1 32 ? 2.527   -8.819  4.100   1.00 77.72  ? 12   GLN A O   1 
ATOM   54  C  CB  . GLN A 1 32 ? 5.338   -10.681 3.767   1.00 72.98  ? 12   GLN A CB  1 
ATOM   55  C  CG  . GLN A 1 32 ? 6.435   -11.261 4.672   1.00 72.30  ? 12   GLN A CG  1 
ATOM   56  C  CD  . GLN A 1 32 ? 7.744   -11.490 3.962   1.00 77.58  ? 12   GLN A CD  1 
ATOM   57  O  OE1 . GLN A 1 32 ? 7.796   -11.761 2.764   1.00 70.28  ? 12   GLN A OE1 1 
ATOM   58  N  NE2 . GLN A 1 32 ? 8.839   -11.460 4.704   1.00 74.92  ? 12   GLN A NE2 1 
ATOM   59  N  N   . THR A 1 33 ? 2.530   -10.300 2.387   1.00 74.68  ? 13   THR A N   1 
ATOM   60  C  CA  . THR A 1 33 ? 1.587   -9.576  1.521   1.00 74.02  ? 13   THR A CA  1 
ATOM   61  C  C   . THR A 1 33 ? 0.256   -9.324  2.245   1.00 78.44  ? 13   THR A C   1 
ATOM   62  O  O   . THR A 1 33 ? -0.239  -8.198  2.231   1.00 77.43  ? 13   THR A O   1 
ATOM   63  C  CB  . THR A 1 33 ? 1.376   -10.342 0.191   1.00 78.35  ? 13   THR A CB  1 
ATOM   64  O  OG1 . THR A 1 33 ? 2.619   -10.473 -0.506  1.00 83.17  ? 13   THR A OG1 1 
ATOM   65  C  CG2 . THR A 1 33 ? 0.351   -9.690  -0.707  1.00 68.58  ? 13   THR A CG2 1 
ATOM   66  N  N   . LEU A 1 34 ? -0.310  -10.377 2.871   1.00 75.29  ? 14   LEU A N   1 
ATOM   67  C  CA  . LEU A 1 34 ? -1.582  -10.315 3.589   1.00 74.59  ? 14   LEU A CA  1 
ATOM   68  C  C   . LEU A 1 34 ? -1.514  -9.322  4.746   1.00 78.36  ? 14   LEU A C   1 
ATOM   69  O  O   . LEU A 1 34 ? -2.482  -8.609  5.012   1.00 78.69  ? 14   LEU A O   1 
ATOM   70  C  CB  . LEU A 1 34 ? -1.946  -11.724 4.100   1.00 76.03  ? 14   LEU A CB  1 
ATOM   71  C  CG  . LEU A 1 34 ? -3.163  -11.857 5.011   1.00 79.99  ? 14   LEU A CG  1 
ATOM   72  C  CD1 . LEU A 1 34 ? -4.073  -12.944 4.521   1.00 81.43  ? 14   LEU A CD1 1 
ATOM   73  C  CD2 . LEU A 1 34 ? -2.743  -12.091 6.467   1.00 80.79  ? 14   LEU A CD2 1 
ATOM   74  N  N   . GLU A 1 35 ? -0.379  -9.308  5.447   1.00 73.84  ? 15   GLU A N   1 
ATOM   75  C  CA  . GLU A 1 35 ? -0.191  -8.471  6.613   1.00 71.55  ? 15   GLU A CA  1 
ATOM   76  C  C   . GLU A 1 35 ? 0.108   -7.067  6.247   1.00 73.08  ? 15   GLU A C   1 
ATOM   77  O  O   . GLU A 1 35 ? -0.308  -6.165  6.969   1.00 73.24  ? 15   GLU A O   1 
ATOM   78  C  CB  . GLU A 1 35 ? 0.872   -9.049  7.545   1.00 72.69  ? 15   GLU A CB  1 
ATOM   79  C  CG  . GLU A 1 35 ? 0.386   -10.243 8.347   1.00 75.43  ? 15   GLU A CG  1 
ATOM   80  C  CD  . GLU A 1 35 ? -0.753  -9.996  9.319   1.00 93.10  ? 15   GLU A CD  1 
ATOM   81  O  OE1 . GLU A 1 35 ? -0.819  -8.892  9.908   1.00 98.82  ? 15   GLU A OE1 1 
ATOM   82  O  OE2 . GLU A 1 35 ? -1.585  -10.914 9.489   1.00 80.32  ? 15   GLU A OE2 1 
ATOM   83  N  N   . LEU A 1 36 ? 0.824   -6.867  5.132   1.00 67.80  ? 16   LEU A N   1 
ATOM   84  C  CA  . LEU A 1 36 ? 1.158   -5.536  4.645   1.00 66.20  ? 16   LEU A CA  1 
ATOM   85  C  C   . LEU A 1 36 ? -0.116  -4.869  4.158   1.00 69.17  ? 16   LEU A C   1 
ATOM   86  O  O   . LEU A 1 36 ? -0.359  -3.731  4.532   1.00 68.04  ? 16   LEU A O   1 
ATOM   87  C  CB  . LEU A 1 36 ? 2.225   -5.599  3.547   1.00 66.53  ? 16   LEU A CB  1 
ATOM   88  C  CG  . LEU A 1 36 ? 3.670   -5.797  4.017   1.00 71.15  ? 16   LEU A CG  1 
ATOM   89  C  CD1 . LEU A 1 36 ? 4.519   -6.419  2.923   1.00 72.28  ? 16   LEU A CD1 1 
ATOM   90  C  CD2 . LEU A 1 36 ? 4.288   -4.490  4.557   1.00 70.77  ? 16   LEU A CD2 1 
ATOM   91  N  N   . GLU A 1 37 ? -0.984  -5.618  3.432   1.00 66.90  ? 17   GLU A N   1 
ATOM   92  C  CA  . GLU A 1 37 ? -2.292  -5.152  2.950   1.00 66.74  ? 17   GLU A CA  1 
ATOM   93  C  C   . GLU A 1 37 ? -3.244  -4.799  4.082   1.00 68.89  ? 17   GLU A C   1 
ATOM   94  O  O   . GLU A 1 37 ? -3.885  -3.760  4.037   1.00 69.22  ? 17   GLU A O   1 
ATOM   95  C  CB  . GLU A 1 37 ? -2.948  -6.159  1.997   1.00 69.15  ? 17   GLU A CB  1 
ATOM   96  C  CG  . GLU A 1 37 ? -2.382  -6.130  0.581   1.00 82.15  ? 17   GLU A CG  1 
ATOM   97  C  CD  . GLU A 1 37 ? -2.688  -4.944  -0.318  1.00 97.16  ? 17   GLU A CD  1 
ATOM   98  O  OE1 . GLU A 1 37 ? -3.338  -3.976  0.141   1.00 82.91  ? 17   GLU A OE1 1 
ATOM   99  O  OE2 . GLU A 1 37 ? -2.261  -4.983  -1.493  1.00 93.23  ? 17   GLU A OE2 1 
ATOM   100 N  N   . LYS A 1 38 ? -3.299  -5.633  5.104   1.00 65.01  ? 18   LYS A N   1 
ATOM   101 C  CA  . LYS A 1 38 ? -4.109  -5.437  6.304   1.00 64.84  ? 18   LYS A CA  1 
ATOM   102 C  C   . LYS A 1 38 ? -3.695  -4.089  6.925   1.00 68.55  ? 18   LYS A C   1 
ATOM   103 O  O   . LYS A 1 38 ? -4.545  -3.219  7.071   1.00 69.88  ? 18   LYS A O   1 
ATOM   104 C  CB  . LYS A 1 38 ? -3.889  -6.638  7.264   1.00 68.05  ? 18   LYS A CB  1 
ATOM   105 C  CG  . LYS A 1 38 ? -4.952  -6.864  8.316   1.00 76.64  ? 18   LYS A CG  1 
ATOM   106 C  CD  . LYS A 1 38 ? -4.690  -8.177  9.047   1.00 94.44  ? 18   LYS A CD  1 
ATOM   107 C  CE  . LYS A 1 38 ? -4.614  -8.027  10.551  1.00 107.75 ? 18   LYS A CE  1 
ATOM   108 N  NZ  . LYS A 1 38 ? -3.997  -9.218  11.204  1.00 113.24 ? 18   LYS A NZ  1 
ATOM   109 N  N   . GLU A 1 39 ? -2.384  -3.881  7.186   1.00 64.29  ? 19   GLU A N   1 
ATOM   110 C  CA  . GLU A 1 39 ? -1.834  -2.628  7.733   1.00 63.80  ? 19   GLU A CA  1 
ATOM   111 C  C   . GLU A 1 39 ? -2.123  -1.446  6.819   1.00 67.92  ? 19   GLU A C   1 
ATOM   112 O  O   . GLU A 1 39 ? -2.539  -0.410  7.317   1.00 67.30  ? 19   GLU A O   1 
ATOM   113 C  CB  . GLU A 1 39 ? -0.309  -2.738  7.994   1.00 64.72  ? 19   GLU A CB  1 
ATOM   114 C  CG  . GLU A 1 39 ? 0.297   -1.644  8.874   1.00 68.55  ? 19   GLU A CG  1 
ATOM   115 C  CD  . GLU A 1 39 ? -0.278  -1.414  10.265  1.00 85.45  ? 19   GLU A CD  1 
ATOM   116 O  OE1 . GLU A 1 39 ? -0.809  -2.373  10.878  1.00 73.36  ? 19   GLU A OE1 1 
ATOM   117 O  OE2 . GLU A 1 39 ? -0.160  -0.268  10.759  1.00 77.33  ? 19   GLU A OE2 1 
ATOM   118 N  N   . PHE A 1 40 ? -1.901  -1.600  5.487   1.00 65.16  ? 20   PHE A N   1 
ATOM   119 C  CA  . PHE A 1 40 ? -2.122  -0.544  4.510   1.00 65.43  ? 20   PHE A CA  1 
ATOM   120 C  C   . PHE A 1 40 ? -3.533  -0.001  4.572   1.00 74.43  ? 20   PHE A C   1 
ATOM   121 O  O   . PHE A 1 40 ? -3.719  1.214   4.539   1.00 74.89  ? 20   PHE A O   1 
ATOM   122 C  CB  . PHE A 1 40 ? -1.774  -0.986  3.081   1.00 67.06  ? 20   PHE A CB  1 
ATOM   123 C  CG  . PHE A 1 40 ? -2.016  0.105   2.048   1.00 69.22  ? 20   PHE A CG  1 
ATOM   124 C  CD1 . PHE A 1 40 ? -1.123  1.161   1.902   1.00 71.78  ? 20   PHE A CD1 1 
ATOM   125 C  CD2 . PHE A 1 40 ? -3.145  0.081   1.234   1.00 72.00  ? 20   PHE A CD2 1 
ATOM   126 C  CE1 . PHE A 1 40 ? -1.349  2.161   0.963   1.00 73.42  ? 20   PHE A CE1 1 
ATOM   127 C  CE2 . PHE A 1 40 ? -3.381  1.099   0.311   1.00 74.96  ? 20   PHE A CE2 1 
ATOM   128 C  CZ  . PHE A 1 40 ? -2.479  2.128   0.179   1.00 73.40  ? 20   PHE A CZ  1 
ATOM   129 N  N   . HIS A 1 41 ? -4.527  -0.885  4.682   1.00 74.51  ? 21   HIS A N   1 
ATOM   130 C  CA  . HIS A 1 41 ? -5.917  -0.454  4.709   1.00 76.02  ? 21   HIS A CA  1 
ATOM   131 C  C   . HIS A 1 41 ? -6.253  0.298   6.001   1.00 76.86  ? 21   HIS A C   1 
ATOM   132 O  O   . HIS A 1 41 ? -6.961  1.304   5.930   1.00 77.08  ? 21   HIS A O   1 
ATOM   133 C  CB  . HIS A 1 41 ? -6.854  -1.612  4.374   1.00 78.98  ? 21   HIS A CB  1 
ATOM   134 C  CG  . HIS A 1 41 ? -6.733  -1.969  2.911   1.00 84.72  ? 21   HIS A CG  1 
ATOM   135 N  ND1 . HIS A 1 41 ? -6.141  -3.159  2.493   1.00 88.02  ? 21   HIS A ND1 1 
ATOM   136 C  CD2 . HIS A 1 41 ? -6.995  -1.213  1.813   1.00 87.82  ? 21   HIS A CD2 1 
ATOM   137 C  CE1 . HIS A 1 41 ? -6.122  -3.109  1.167   1.00 88.20  ? 21   HIS A CE1 1 
ATOM   138 N  NE2 . HIS A 1 41 ? -6.620  -1.957  0.710   1.00 88.32  ? 21   HIS A NE2 1 
ATOM   139 N  N   . THR A 1 42 ? -5.618  -0.075  7.121   1.00 70.81  ? 22   THR A N   1 
ATOM   140 C  CA  . THR A 1 42 ? -5.747  0.620   8.404   1.00 70.48  ? 22   THR A CA  1 
ATOM   141 C  C   . THR A 1 42 ? -5.156  2.055   8.314   1.00 73.79  ? 22   THR A C   1 
ATOM   142 O  O   . THR A 1 42 ? -5.767  2.999   8.815   1.00 74.69  ? 22   THR A O   1 
ATOM   143 C  CB  . THR A 1 42 ? -5.047  -0.181  9.519   1.00 73.28  ? 22   THR A CB  1 
ATOM   144 O  OG1 . THR A 1 42 ? -5.412  -1.560  9.444   1.00 73.50  ? 22   THR A OG1 1 
ATOM   145 C  CG2 . THR A 1 42 ? -5.331  0.363   10.889  1.00 67.82  ? 22   THR A CG2 1 
ATOM   146 N  N   . ASN A 1 43 ? -3.966  2.194   7.692   1.00 69.33  ? 23   ASN A N   1 
ATOM   147 C  CA  . ASN A 1 43 ? -3.221  3.453   7.504   1.00 69.47  ? 23   ASN A CA  1 
ATOM   148 C  C   . ASN A 1 43 ? -2.231  3.384   6.316   1.00 73.20  ? 23   ASN A C   1 
ATOM   149 O  O   . ASN A 1 43 ? -1.348  2.511   6.288   1.00 72.87  ? 23   ASN A O   1 
ATOM   150 C  CB  . ASN A 1 43 ? -2.506  3.912   8.801   1.00 66.54  ? 23   ASN A CB  1 
ATOM   151 C  CG  . ASN A 1 43 ? -1.877  2.821   9.625   1.00 85.83  ? 23   ASN A CG  1 
ATOM   152 O  OD1 . ASN A 1 43 ? -1.189  1.931   9.112   1.00 73.96  ? 23   ASN A OD1 1 
ATOM   153 N  ND2 . ASN A 1 43 ? -2.101  2.873   10.931  1.00 82.72  ? 23   ASN A ND2 1 
ATOM   154 N  N   . HIS A 1 44 ? -2.394  4.299   5.337   1.00 68.35  ? 24   HIS A N   1 
ATOM   155 C  CA  . HIS A 1 44 ? -1.531  4.354   4.158   1.00 68.45  ? 24   HIS A CA  1 
ATOM   156 C  C   . HIS A 1 44 ? -0.128  4.844   4.497   1.00 73.74  ? 24   HIS A C   1 
ATOM   157 O  O   . HIS A 1 44 ? 0.819   4.478   3.812   1.00 73.48  ? 24   HIS A O   1 
ATOM   158 C  CB  . HIS A 1 44 ? -2.159  5.217   3.052   1.00 70.21  ? 24   HIS A CB  1 
ATOM   159 C  CG  . HIS A 1 44 ? -3.540  4.773   2.644   1.00 72.90  ? 24   HIS A CG  1 
ATOM   160 N  ND1 . HIS A 1 44 ? -4.368  5.597   1.905   1.00 74.68  ? 24   HIS A ND1 1 
ATOM   161 C  CD2 . HIS A 1 44 ? -4.190  3.607   2.890   1.00 73.34  ? 24   HIS A CD2 1 
ATOM   162 C  CE1 . HIS A 1 44 ? -5.488  4.916   1.743   1.00 73.62  ? 24   HIS A CE1 1 
ATOM   163 N  NE2 . HIS A 1 44 ? -5.427  3.718   2.329   1.00 73.10  ? 24   HIS A NE2 1 
ATOM   164 N  N   . TYR A 1 45 ? 0.013   5.643   5.567   1.00 70.72  ? 25   TYR A N   1 
ATOM   165 C  CA  . TYR A 1 45 ? 1.299   6.162   6.001   1.00 70.28  ? 25   TYR A CA  1 
ATOM   166 C  C   . TYR A 1 45 ? 1.682   5.576   7.341   1.00 72.24  ? 25   TYR A C   1 
ATOM   167 O  O   . TYR A 1 45 ? 0.842   5.456   8.225   1.00 71.67  ? 25   TYR A O   1 
ATOM   168 C  CB  . TYR A 1 45 ? 1.308   7.702   6.017   1.00 72.64  ? 25   TYR A CB  1 
ATOM   169 C  CG  . TYR A 1 45 ? 1.052   8.303   4.649   1.00 74.95  ? 25   TYR A CG  1 
ATOM   170 C  CD1 . TYR A 1 45 ? 2.088   8.472   3.736   1.00 77.48  ? 25   TYR A CD1 1 
ATOM   171 C  CD2 . TYR A 1 45 ? -0.235  8.657   4.249   1.00 75.90  ? 25   TYR A CD2 1 
ATOM   172 C  CE1 . TYR A 1 45 ? 1.854   8.984   2.460   1.00 78.62  ? 25   TYR A CE1 1 
ATOM   173 C  CE2 . TYR A 1 45 ? -0.480  9.169   2.973   1.00 77.43  ? 25   TYR A CE2 1 
ATOM   174 C  CZ  . TYR A 1 45 ? 0.566   9.319   2.077   1.00 82.78  ? 25   TYR A CZ  1 
ATOM   175 O  OH  . TYR A 1 45 ? 0.349   9.827   0.820   1.00 81.84  ? 25   TYR A OH  1 
ATOM   176 N  N   . LEU A 1 46 ? 2.955   5.190   7.480   1.00 67.33  ? 26   LEU A N   1 
ATOM   177 C  CA  . LEU A 1 46 ? 3.450   4.639   8.729   1.00 65.90  ? 26   LEU A CA  1 
ATOM   178 C  C   . LEU A 1 46 ? 4.421   5.606   9.402   1.00 72.02  ? 26   LEU A C   1 
ATOM   179 O  O   . LEU A 1 46 ? 5.074   6.401   8.716   1.00 73.15  ? 26   LEU A O   1 
ATOM   180 C  CB  . LEU A 1 46 ? 4.191   3.315   8.484   1.00 64.23  ? 26   LEU A CB  1 
ATOM   181 C  CG  . LEU A 1 46 ? 3.480   2.150   7.799   1.00 65.10  ? 26   LEU A CG  1 
ATOM   182 C  CD1 . LEU A 1 46 ? 4.408   0.967   7.738   1.00 64.18  ? 26   LEU A CD1 1 
ATOM   183 C  CD2 . LEU A 1 46 ? 2.176   1.791   8.480   1.00 62.46  ? 26   LEU A CD2 1 
ATOM   184 N  N   . THR A 1 47 ? 4.535   5.522   10.746  1.00 68.14  ? 27   THR A N   1 
ATOM   185 C  CA  . THR A 1 47 ? 5.514   6.298   11.503  1.00 68.69  ? 27   THR A CA  1 
ATOM   186 C  C   . THR A 1 47 ? 6.790   5.458   11.508  1.00 72.09  ? 27   THR A C   1 
ATOM   187 O  O   . THR A 1 47 ? 6.723   4.258   11.217  1.00 70.53  ? 27   THR A O   1 
ATOM   188 C  CB  . THR A 1 47 ? 5.029   6.591   12.925  1.00 73.30  ? 27   THR A CB  1 
ATOM   189 O  OG1 . THR A 1 47 ? 4.799   5.363   13.619  1.00 74.87  ? 27   THR A OG1 1 
ATOM   190 C  CG2 . THR A 1 47 ? 3.796   7.447   12.949  1.00 69.56  ? 27   THR A CG2 1 
ATOM   191 N  N   . ARG A 1 48 ? 7.948   6.061   11.826  1.00 70.09  ? 28   ARG A N   1 
ATOM   192 C  CA  . ARG A 1 48 ? 9.186   5.296   11.873  1.00 69.27  ? 28   ARG A CA  1 
ATOM   193 C  C   . ARG A 1 48 ? 9.023   4.150   12.887  1.00 72.37  ? 28   ARG A C   1 
ATOM   194 O  O   . ARG A 1 48 ? 9.399   3.030   12.564  1.00 71.20  ? 28   ARG A O   1 
ATOM   195 C  CB  . ARG A 1 48 ? 10.400  6.188   12.198  1.00 71.11  ? 28   ARG A CB  1 
ATOM   196 C  CG  . ARG A 1 48 ? 11.741  5.425   12.209  1.00 78.74  ? 28   ARG A CG  1 
ATOM   197 C  CD  . ARG A 1 48 ? 12.787  6.063   13.107  1.00 84.19  ? 28   ARG A CD  1 
ATOM   198 N  NE  . ARG A 1 48 ? 13.648  5.074   13.764  1.00 100.57 ? 28   ARG A NE  1 
ATOM   199 C  CZ  . ARG A 1 48 ? 14.770  4.571   13.244  1.00 125.50 ? 28   ARG A CZ  1 
ATOM   200 N  NH1 . ARG A 1 48 ? 15.170  4.933   12.027  1.00 116.68 ? 28   ARG A NH1 1 
ATOM   201 N  NH2 . ARG A 1 48 ? 15.493  3.692   13.931  1.00 113.50 ? 28   ARG A NH2 1 
ATOM   202 N  N   . ARG A 1 49 ? 8.416   4.423   14.077  1.00 69.42  ? 29   ARG A N   1 
ATOM   203 C  CA  . ARG A 1 49 ? 8.176   3.411   15.114  1.00 68.97  ? 29   ARG A CA  1 
ATOM   204 C  C   . ARG A 1 49 ? 7.362   2.245   14.547  1.00 72.42  ? 29   ARG A C   1 
ATOM   205 O  O   . ARG A 1 49 ? 7.789   1.090   14.674  1.00 72.06  ? 29   ARG A O   1 
ATOM   206 C  CB  . ARG A 1 49 ? 7.514   4.023   16.372  1.00 68.69  ? 29   ARG A CB  1 
ATOM   207 C  CG  . ARG A 1 49 ? 7.259   3.054   17.544  1.00 77.78  ? 29   ARG A CG  1 
ATOM   208 C  CD  . ARG A 1 49 ? 8.483   2.252   18.010  1.00 100.56 ? 29   ARG A CD  1 
ATOM   209 N  NE  . ARG A 1 49 ? 9.480   3.076   18.710  1.00 115.76 ? 29   ARG A NE  1 
ATOM   210 C  CZ  . ARG A 1 49 ? 10.797  2.972   18.545  1.00 118.39 ? 29   ARG A CZ  1 
ATOM   211 N  NH1 . ARG A 1 49 ? 11.298  2.086   17.694  1.00 91.49  ? 29   ARG A NH1 1 
ATOM   212 N  NH2 . ARG A 1 49 ? 11.623  3.762   19.224  1.00 103.67 ? 29   ARG A NH2 1 
ATOM   213 N  N   . ARG A 1 50 ? 6.244   2.552   13.858  1.00 67.85  ? 30   ARG A N   1 
ATOM   214 C  CA  . ARG A 1 50 ? 5.409   1.536   13.225  1.00 66.28  ? 30   ARG A CA  1 
ATOM   215 C  C   . ARG A 1 50 ? 6.150   0.721   12.168  1.00 70.30  ? 30   ARG A C   1 
ATOM   216 O  O   . ARG A 1 50 ? 6.012   -0.497  12.183  1.00 70.78  ? 30   ARG A O   1 
ATOM   217 C  CB  . ARG A 1 50 ? 4.107   2.122   12.662  1.00 64.30  ? 30   ARG A CB  1 
ATOM   218 C  CG  . ARG A 1 50 ? 3.054   1.067   12.307  1.00 67.94  ? 30   ARG A CG  1 
ATOM   219 C  CD  . ARG A 1 50 ? 2.799   0.059   13.416  1.00 70.64  ? 30   ARG A CD  1 
ATOM   220 N  NE  . ARG A 1 50 ? 1.574   -0.702  13.168  1.00 78.24  ? 30   ARG A NE  1 
ATOM   221 C  CZ  . ARG A 1 50 ? 1.232   -1.816  13.805  1.00 88.10  ? 30   ARG A CZ  1 
ATOM   222 N  NH1 . ARG A 1 50 ? 2.042   -2.348  14.712  1.00 72.17  ? 30   ARG A NH1 1 
ATOM   223 N  NH2 . ARG A 1 50 ? 0.089   -2.423  13.522  1.00 79.55  ? 30   ARG A NH2 1 
ATOM   224 N  N   . ARG A 1 51 ? 6.948   1.369   11.279  1.00 66.00  ? 31   ARG A N   1 
ATOM   225 C  CA  . ARG A 1 51 ? 7.749   0.684   10.250  1.00 64.91  ? 31   ARG A CA  1 
ATOM   226 C  C   . ARG A 1 51 ? 8.670   -0.356  10.916  1.00 70.90  ? 31   ARG A C   1 
ATOM   227 O  O   . ARG A 1 51 ? 8.776   -1.476  10.409  1.00 70.93  ? 31   ARG A O   1 
ATOM   228 C  CB  . ARG A 1 51 ? 8.553   1.705   9.431   1.00 65.14  ? 31   ARG A CB  1 
ATOM   229 C  CG  . ARG A 1 51 ? 9.358   1.128   8.256   1.00 74.52  ? 31   ARG A CG  1 
ATOM   230 C  CD  . ARG A 1 51 ? 10.317  2.126   7.626   1.00 83.67  ? 31   ARG A CD  1 
ATOM   231 N  NE  . ARG A 1 51 ? 9.640   3.362   7.247   1.00 106.41 ? 31   ARG A NE  1 
ATOM   232 C  CZ  . ARG A 1 51 ? 10.044  4.574   7.606   1.00 134.12 ? 31   ARG A CZ  1 
ATOM   233 N  NH1 . ARG A 1 51 ? 11.159  4.729   8.315   1.00 126.14 ? 31   ARG A NH1 1 
ATOM   234 N  NH2 . ARG A 1 51 ? 9.348   5.646   7.241   1.00 124.42 ? 31   ARG A NH2 1 
ATOM   235 N  N   . ILE A 1 52 ? 9.280   -0.002  12.089  1.00 68.89  ? 32   ILE A N   1 
ATOM   236 C  CA  . ILE A 1 52 ? 10.144  -0.888  12.889  1.00 68.98  ? 32   ILE A CA  1 
ATOM   237 C  C   . ILE A 1 52 ? 9.326   -2.096  13.344  1.00 73.27  ? 32   ILE A C   1 
ATOM   238 O  O   . ILE A 1 52 ? 9.734   -3.218  13.078  1.00 72.42  ? 32   ILE A O   1 
ATOM   239 C  CB  . ILE A 1 52 ? 10.830  -0.165  14.095  1.00 73.01  ? 32   ILE A CB  1 
ATOM   240 C  CG1 . ILE A 1 52 ? 11.682  1.075   13.659  1.00 73.36  ? 32   ILE A CG1 1 
ATOM   241 C  CG2 . ILE A 1 52 ? 11.635  -1.133  14.960  1.00 73.61  ? 32   ILE A CG2 1 
ATOM   242 C  CD1 . ILE A 1 52 ? 13.064  0.858   13.222  1.00 75.02  ? 32   ILE A CD1 1 
ATOM   243 N  N   . GLU A 1 53 ? 8.167   -1.862  14.004  1.00 71.52  ? 33   GLU A N   1 
ATOM   244 C  CA  . GLU A 1 53 ? 7.255   -2.907  14.493  1.00 71.92  ? 33   GLU A CA  1 
ATOM   245 C  C   . GLU A 1 53 ? 6.945   -3.923  13.391  1.00 76.90  ? 33   GLU A C   1 
ATOM   246 O  O   . GLU A 1 53 ? 7.170   -5.128  13.569  1.00 77.61  ? 33   GLU A O   1 
ATOM   247 C  CB  . GLU A 1 53 ? 5.971   -2.288  15.059  1.00 73.38  ? 33   GLU A CB  1 
ATOM   248 C  CG  . GLU A 1 53 ? 6.147   -1.780  16.479  1.00 83.43  ? 33   GLU A CG  1 
ATOM   249 C  CD  . GLU A 1 53 ? 5.056   -0.884  17.034  1.00 112.00 ? 33   GLU A CD  1 
ATOM   250 O  OE1 . GLU A 1 53 ? 3.883   -1.005  16.606  1.00 91.34  ? 33   GLU A OE1 1 
ATOM   251 O  OE2 . GLU A 1 53 ? 5.380   -0.068  17.927  1.00 119.38 ? 33   GLU A OE2 1 
ATOM   252 N  N   . MET A 1 54 ? 6.538   -3.400  12.229  1.00 73.03  ? 34   MET A N   1 
ATOM   253 C  CA  . MET A 1 54 ? 6.219   -4.122  11.002  1.00 72.89  ? 34   MET A CA  1 
ATOM   254 C  C   . MET A 1 54 ? 7.423   -4.936  10.555  1.00 74.96  ? 34   MET A C   1 
ATOM   255 O  O   . MET A 1 54 ? 7.269   -6.102  10.205  1.00 74.10  ? 34   MET A O   1 
ATOM   256 C  CB  . MET A 1 54 ? 5.846   -3.119  9.878   1.00 75.35  ? 34   MET A CB  1 
ATOM   257 C  CG  . MET A 1 54 ? 4.532   -2.377  10.078  1.00 79.97  ? 34   MET A CG  1 
ATOM   258 S  SD  . MET A 1 54 ? 3.159   -3.516  10.348  1.00 86.63  ? 34   MET A SD  1 
ATOM   259 C  CE  . MET A 1 54 ? 3.037   -4.294  8.732   1.00 82.62  ? 34   MET A CE  1 
ATOM   260 N  N   . ALA A 1 55 ? 8.621   -4.304  10.558  1.00 70.88  ? 35   ALA A N   1 
ATOM   261 C  CA  . ALA A 1 55 ? 9.885   -4.915  10.150  1.00 69.99  ? 35   ALA A CA  1 
ATOM   262 C  C   . ALA A 1 55 ? 10.186  -6.173  10.927  1.00 74.46  ? 35   ALA A C   1 
ATOM   263 O  O   . ALA A 1 55 ? 10.446  -7.213  10.326  1.00 74.21  ? 35   ALA A O   1 
ATOM   264 C  CB  . ALA A 1 55 ? 11.023  -3.914  10.281  1.00 70.58  ? 35   ALA A CB  1 
ATOM   265 N  N   . HIS A 1 56 ? 10.075  -6.094  12.263  1.00 71.84  ? 36   HIS A N   1 
ATOM   266 C  CA  . HIS A 1 56 ? 10.320  -7.211  13.167  1.00 72.31  ? 36   HIS A CA  1 
ATOM   267 C  C   . HIS A 1 56 ? 9.226   -8.268  13.101  1.00 77.71  ? 36   HIS A C   1 
ATOM   268 O  O   . HIS A 1 56 ? 9.531   -9.449  13.235  1.00 80.27  ? 36   HIS A O   1 
ATOM   269 C  CB  . HIS A 1 56 ? 10.532  -6.717  14.610  1.00 73.18  ? 36   HIS A CB  1 
ATOM   270 C  CG  . HIS A 1 56 ? 11.752  -5.867  14.790  1.00 75.82  ? 36   HIS A CG  1 
ATOM   271 N  ND1 . HIS A 1 56 ? 12.997  -6.270  14.319  1.00 77.15  ? 36   HIS A ND1 1 
ATOM   272 C  CD2 . HIS A 1 56 ? 11.890  -4.679  15.421  1.00 77.69  ? 36   HIS A CD2 1 
ATOM   273 C  CE1 . HIS A 1 56 ? 13.834  -5.298  14.636  1.00 76.70  ? 36   HIS A CE1 1 
ATOM   274 N  NE2 . HIS A 1 56 ? 13.216  -4.320  15.304  1.00 77.45  ? 36   HIS A NE2 1 
ATOM   275 N  N   . ALA A 1 57 ? 7.964   -7.852  12.908  1.00 72.49  ? 37   ALA A N   1 
ATOM   276 C  CA  . ALA A 1 57 ? 6.813   -8.758  12.853  1.00 71.93  ? 37   ALA A CA  1 
ATOM   277 C  C   . ALA A 1 57 ? 6.789   -9.615  11.603  1.00 76.72  ? 37   ALA A C   1 
ATOM   278 O  O   . ALA A 1 57 ? 6.564   -10.823 11.696  1.00 79.99  ? 37   ALA A O   1 
ATOM   279 C  CB  . ALA A 1 57 ? 5.520   -7.969  12.956  1.00 71.66  ? 37   ALA A CB  1 
ATOM   280 N  N   . LEU A 1 58 ? 7.010   -8.989  10.437  1.00 70.43  ? 38   LEU A N   1 
ATOM   281 C  CA  . LEU A 1 58 ? 6.973   -9.627  9.122   1.00 69.28  ? 38   LEU A CA  1 
ATOM   282 C  C   . LEU A 1 58 ? 8.343   -10.121 8.654   1.00 72.87  ? 38   LEU A C   1 
ATOM   283 O  O   . LEU A 1 58 ? 8.436   -10.735 7.585   1.00 73.04  ? 38   LEU A O   1 
ATOM   284 C  CB  . LEU A 1 58 ? 6.366   -8.654  8.079   1.00 68.04  ? 38   LEU A CB  1 
ATOM   285 C  CG  . LEU A 1 58 ? 5.026   -7.984  8.399   1.00 71.57  ? 38   LEU A CG  1 
ATOM   286 C  CD1 . LEU A 1 58 ? 4.489   -7.336  7.195   1.00 70.71  ? 38   LEU A CD1 1 
ATOM   287 C  CD2 . LEU A 1 58 ? 3.994   -8.988  8.895   1.00 74.11  ? 38   LEU A CD2 1 
ATOM   288 N  N   . CYS A 1 59 ? 9.403   -9.868  9.452   1.00 68.89  ? 39   CYS A N   1 
ATOM   289 C  CA  . CYS A 1 59 ? 10.787  -10.258 9.137   1.00 69.33  ? 39   CYS A CA  1 
ATOM   290 C  C   . CYS A 1 59 ? 11.241  -9.733  7.741   1.00 72.81  ? 39   CYS A C   1 
ATOM   291 O  O   . CYS A 1 59 ? 11.752  -10.480 6.899   1.00 73.04  ? 39   CYS A O   1 
ATOM   292 C  CB  . CYS A 1 59 ? 11.022  -11.763 9.309   1.00 70.68  ? 39   CYS A CB  1 
ATOM   293 S  SG  . CYS A 1 59 ? 10.738  -12.383 10.989  1.00 75.36  ? 39   CYS A SG  1 
ATOM   294 N  N   . LEU A 1 60 ? 10.998  -8.428  7.525   1.00 69.11  ? 40   LEU A N   1 
ATOM   295 C  CA  . LEU A 1 60 ? 11.338  -7.615  6.342   1.00 69.01  ? 40   LEU A CA  1 
ATOM   296 C  C   . LEU A 1 60 ? 12.094  -6.431  6.881   1.00 73.17  ? 40   LEU A C   1 
ATOM   297 O  O   . LEU A 1 60 ? 11.729  -5.955  7.951   1.00 73.51  ? 40   LEU A O   1 
ATOM   298 C  CB  . LEU A 1 60 ? 10.065  -7.045  5.670   1.00 68.05  ? 40   LEU A CB  1 
ATOM   299 C  CG  . LEU A 1 60 ? 9.180   -7.975  4.865   1.00 72.14  ? 40   LEU A CG  1 
ATOM   300 C  CD1 . LEU A 1 60 ? 7.830   -7.359  4.698   1.00 71.08  ? 40   LEU A CD1 1 
ATOM   301 C  CD2 . LEU A 1 60 ? 9.828   -8.336  3.501   1.00 73.96  ? 40   LEU A CD2 1 
ATOM   302 N  N   . THR A 1 61 ? 13.076  -5.893  6.150   1.00 68.87  ? 41   THR A N   1 
ATOM   303 C  CA  . THR A 1 61 ? 13.778  -4.706  6.654   1.00 68.23  ? 41   THR A CA  1 
ATOM   304 C  C   . THR A 1 61 ? 12.878  -3.454  6.614   1.00 73.24  ? 41   THR A C   1 
ATOM   305 O  O   . THR A 1 61 ? 11.833  -3.449  5.960   1.00 73.37  ? 41   THR A O   1 
ATOM   306 C  CB  . THR A 1 61 ? 15.038  -4.445  5.849   1.00 72.56  ? 41   THR A CB  1 
ATOM   307 O  OG1 . THR A 1 61 ? 14.661  -4.007  4.546   1.00 74.18  ? 41   THR A OG1 1 
ATOM   308 C  CG2 . THR A 1 61 ? 15.941  -5.643  5.771   1.00 69.83  ? 41   THR A CG2 1 
ATOM   309 N  N   . GLU A 1 62 ? 13.301  -2.394  7.305   1.00 71.29  ? 42   GLU A N   1 
ATOM   310 C  CA  . GLU A 1 62 ? 12.658  -1.078  7.306   1.00 71.62  ? 42   GLU A CA  1 
ATOM   311 C  C   . GLU A 1 62 ? 12.516  -0.604  5.843   1.00 76.62  ? 42   GLU A C   1 
ATOM   312 O  O   . GLU A 1 62 ? 11.455  -0.112  5.474   1.00 76.61  ? 42   GLU A O   1 
ATOM   313 C  CB  . GLU A 1 62 ? 13.549  -0.073  8.049   1.00 74.09  ? 42   GLU A CB  1 
ATOM   314 C  CG  . GLU A 1 62 ? 13.190  0.231   9.491   1.00 85.41  ? 42   GLU A CG  1 
ATOM   315 C  CD  . GLU A 1 62 ? 13.746  1.582   9.909   1.00 114.81 ? 42   GLU A CD  1 
ATOM   316 O  OE1 . GLU A 1 62 ? 13.070  2.610   9.658   1.00 108.36 ? 42   GLU A OE1 1 
ATOM   317 O  OE2 . GLU A 1 62 ? 14.883  1.615   10.437  1.00 106.27 ? 42   GLU A OE2 1 
ATOM   318 N  N   . ARG A 1 63 ? 13.574  -0.794  5.011   1.00 74.49  ? 43   ARG A N   1 
ATOM   319 C  CA  . ARG A 1 63 ? 13.611  -0.431  3.584   1.00 75.58  ? 43   ARG A CA  1 
ATOM   320 C  C   . ARG A 1 63 ? 12.582  -1.233  2.769   1.00 78.93  ? 43   ARG A C   1 
ATOM   321 O  O   . ARG A 1 63 ? 11.845  -0.645  1.978   1.00 78.43  ? 43   ARG A O   1 
ATOM   322 C  CB  . ARG A 1 63 ? 15.028  -0.607  3.003   1.00 77.78  ? 43   ARG A CB  1 
ATOM   323 C  CG  . ARG A 1 63 ? 15.297  0.212   1.744   1.00 89.36  ? 43   ARG A CG  1 
ATOM   324 C  CD  . ARG A 1 63 ? 16.417  -0.371  0.898   1.00 104.29 ? 43   ARG A CD  1 
ATOM   325 N  NE  . ARG A 1 63 ? 16.489  0.282   -0.412  1.00 123.77 ? 43   ARG A NE  1 
ATOM   326 C  CZ  . ARG A 1 63 ? 16.390  -0.346  -1.583  1.00 142.97 ? 43   ARG A CZ  1 
ATOM   327 N  NH1 . ARG A 1 63 ? 16.224  -1.665  -1.626  1.00 129.96 ? 43   ARG A NH1 1 
ATOM   328 N  NH2 . ARG A 1 63 ? 16.442  0.340   -2.718  1.00 131.65 ? 43   ARG A NH2 1 
ATOM   329 N  N   . GLN A 1 64 ? 12.509  -2.560  2.990   1.00 75.05  ? 44   GLN A N   1 
ATOM   330 C  CA  . GLN A 1 64 ? 11.554  -3.440  2.311   1.00 74.65  ? 44   GLN A CA  1 
ATOM   331 C  C   . GLN A 1 64 ? 10.114  -3.027  2.611   1.00 78.24  ? 44   GLN A C   1 
ATOM   332 O  O   . GLN A 1 64 ? 9.266   -3.085  1.715   1.00 79.48  ? 44   GLN A O   1 
ATOM   333 C  CB  . GLN A 1 64 ? 11.783  -4.899  2.699   1.00 75.97  ? 44   GLN A CB  1 
ATOM   334 C  CG  . GLN A 1 64 ? 13.112  -5.447  2.234   1.00 82.42  ? 44   GLN A CG  1 
ATOM   335 C  CD  . GLN A 1 64 ? 13.242  -6.893  2.574   1.00 93.67  ? 44   GLN A CD  1 
ATOM   336 O  OE1 . GLN A 1 64 ? 13.465  -7.272  3.732   1.00 89.60  ? 44   GLN A OE1 1 
ATOM   337 N  NE2 . GLN A 1 64 ? 13.106  -7.724  1.556   1.00 82.32  ? 44   GLN A NE2 1 
ATOM   338 N  N   . ILE A 1 65 ? 9.851   -2.582  3.857   1.00 73.07  ? 45   ILE A N   1 
ATOM   339 C  CA  . ILE A 1 65 ? 8.545   -2.072  4.280   1.00 71.80  ? 45   ILE A CA  1 
ATOM   340 C  C   . ILE A 1 65 ? 8.279   -0.700  3.675   1.00 76.20  ? 45   ILE A C   1 
ATOM   341 O  O   . ILE A 1 65 ? 7.176   -0.484  3.172   1.00 76.05  ? 45   ILE A O   1 
ATOM   342 C  CB  . ILE A 1 65 ? 8.370   -2.112  5.825   1.00 73.83  ? 45   ILE A CB  1 
ATOM   343 C  CG1 . ILE A 1 65 ? 7.915   -3.519  6.231   1.00 73.55  ? 45   ILE A CG1 1 
ATOM   344 C  CG2 . ILE A 1 65 ? 7.340   -1.084  6.317   1.00 73.61  ? 45   ILE A CG2 1 
ATOM   345 C  CD1 . ILE A 1 65 ? 8.519   -3.990  7.260   1.00 74.01  ? 45   ILE A CD1 1 
ATOM   346 N  N   . LYS A 1 66 ? 9.289   0.207   3.704   1.00 73.44  ? 46   LYS A N   1 
ATOM   347 C  CA  . LYS A 1 66 ? 9.211   1.584   3.191   1.00 74.47  ? 46   LYS A CA  1 
ATOM   348 C  C   . LYS A 1 66 ? 8.852   1.621   1.710   1.00 80.39  ? 46   LYS A C   1 
ATOM   349 O  O   . LYS A 1 66 ? 7.969   2.396   1.334   1.00 80.83  ? 46   LYS A O   1 
ATOM   350 C  CB  . LYS A 1 66 ? 10.511  2.369   3.482   1.00 77.78  ? 46   LYS A CB  1 
ATOM   351 C  CG  . LYS A 1 66 ? 10.421  3.873   3.230   1.00 95.93  ? 46   LYS A CG  1 
ATOM   352 C  CD  . LYS A 1 66 ? 11.278  4.682   4.208   1.00 107.23 ? 46   LYS A CD  1 
ATOM   353 C  CE  . LYS A 1 66 ? 11.224  6.177   3.941   1.00 117.21 ? 46   LYS A CE  1 
ATOM   354 N  NZ  . LYS A 1 66 ? 11.996  6.962   4.952   1.00 121.11 ? 46   LYS A NZ  1 
ATOM   355 N  N   . ILE A 1 67 ? 9.512   0.753   0.892   1.00 76.99  ? 47   ILE A N   1 
ATOM   356 C  CA  . ILE A 1 67 ? 9.320   0.600   -0.558  1.00 77.32  ? 47   ILE A CA  1 
ATOM   357 C  C   . ILE A 1 67 ? 7.934   0.025   -0.830  1.00 81.04  ? 47   ILE A C   1 
ATOM   358 O  O   . ILE A 1 67 ? 7.231   0.551   -1.699  1.00 82.44  ? 47   ILE A O   1 
ATOM   359 C  CB  . ILE A 1 67 ? 10.444  -0.270  -1.203  1.00 81.09  ? 47   ILE A CB  1 
ATOM   360 C  CG1 . ILE A 1 67 ? 11.789  0.453   -1.230  1.00 82.18  ? 47   ILE A CG1 1 
ATOM   361 C  CG2 . ILE A 1 67 ? 10.080  -0.765  -2.606  1.00 83.36  ? 47   ILE A CG2 1 
ATOM   362 C  CD1 . ILE A 1 67 ? 12.943  -0.502  -1.289  1.00 87.94  ? 47   ILE A CD1 1 
ATOM   363 N  N   . TRP A 1 68 ? 7.556   -1.067  -0.122  1.00 75.23  ? 48   TRP A N   1 
ATOM   364 C  CA  . TRP A 1 68 ? 6.252   -1.707  -0.308  1.00 74.14  ? 48   TRP A CA  1 
ATOM   365 C  C   . TRP A 1 68 ? 5.126   -0.676  -0.178  1.00 76.29  ? 48   TRP A C   1 
ATOM   366 O  O   . TRP A 1 68 ? 4.288   -0.581  -1.078  1.00 76.35  ? 48   TRP A O   1 
ATOM   367 C  CB  . TRP A 1 68 ? 6.056   -2.889  0.651   1.00 72.18  ? 48   TRP A CB  1 
ATOM   368 C  CG  . TRP A 1 68 ? 4.871   -3.741  0.305   1.00 73.66  ? 48   TRP A CG  1 
ATOM   369 C  CD1 . TRP A 1 68 ? 4.872   -4.881  -0.447  1.00 77.59  ? 48   TRP A CD1 1 
ATOM   370 C  CD2 . TRP A 1 68 ? 3.499   -3.491  0.657   1.00 72.96  ? 48   TRP A CD2 1 
ATOM   371 N  NE1 . TRP A 1 68 ? 3.586   -5.368  -0.572  1.00 76.95  ? 48   TRP A NE1 1 
ATOM   372 C  CE2 . TRP A 1 68 ? 2.722   -4.524  0.082   1.00 77.12  ? 48   TRP A CE2 1 
ATOM   373 C  CE3 . TRP A 1 68 ? 2.848   -2.481  1.390   1.00 73.65  ? 48   TRP A CE3 1 
ATOM   374 C  CZ2 . TRP A 1 68 ? 1.334   -4.587  0.227   1.00 76.09  ? 48   TRP A CZ2 1 
ATOM   375 C  CZ3 . TRP A 1 68 ? 1.469   -2.530  1.514   1.00 75.03  ? 48   TRP A CZ3 1 
ATOM   376 C  CH2 . TRP A 1 68 ? 0.726   -3.577  0.943   1.00 76.16  ? 48   TRP A CH2 1 
ATOM   377 N  N   . PHE A 1 69 ? 5.151   0.127   0.907   1.00 70.57  ? 49   PHE A N   1 
ATOM   378 C  CA  . PHE A 1 69 ? 4.184   1.193   1.187   1.00 69.17  ? 49   PHE A CA  1 
ATOM   379 C  C   . PHE A 1 69 ? 4.185   2.301   0.150   1.00 76.79  ? 49   PHE A C   1 
ATOM   380 O  O   . PHE A 1 69 ? 3.122   2.851   -0.136  1.00 78.54  ? 49   PHE A O   1 
ATOM   381 C  CB  . PHE A 1 69 ? 4.374   1.760   2.602   1.00 69.14  ? 49   PHE A CB  1 
ATOM   382 C  CG  . PHE A 1 69 ? 3.508   1.057   3.618   1.00 68.22  ? 49   PHE A CG  1 
ATOM   383 C  CD1 . PHE A 1 69 ? 3.846   -0.206  4.090   1.00 68.23  ? 49   PHE A CD1 1 
ATOM   384 C  CD2 . PHE A 1 69 ? 2.304   1.617   4.037   1.00 69.03  ? 49   PHE A CD2 1 
ATOM   385 C  CE1 . PHE A 1 69 ? 3.008   -0.884  4.978   1.00 68.75  ? 49   PHE A CE1 1 
ATOM   386 C  CE2 . PHE A 1 69 ? 1.485   0.950   4.946   1.00 67.95  ? 49   PHE A CE2 1 
ATOM   387 C  CZ  . PHE A 1 69 ? 1.851   -0.288  5.423   1.00 65.85  ? 49   PHE A CZ  1 
ATOM   388 N  N   . GLN A 1 70 ? 5.361   2.631   -0.423  1.00 73.75  ? 50   GLN A N   1 
ATOM   389 C  CA  . GLN A 1 70 ? 5.465   3.647   -1.470  1.00 74.76  ? 50   GLN A CA  1 
ATOM   390 C  C   . GLN A 1 70 ? 4.819   3.103   -2.736  1.00 79.63  ? 50   GLN A C   1 
ATOM   391 O  O   . GLN A 1 70 ? 4.009   3.804   -3.344  1.00 81.28  ? 50   GLN A O   1 
ATOM   392 C  CB  . GLN A 1 70 ? 6.922   4.028   -1.745  1.00 77.59  ? 50   GLN A CB  1 
ATOM   393 C  CG  . GLN A 1 70 ? 7.498   5.037   -0.757  1.00 99.11  ? 50   GLN A CG  1 
ATOM   394 C  CD  . GLN A 1 70 ? 8.997   5.257   -0.900  1.00 116.18 ? 50   GLN A CD  1 
ATOM   395 O  OE1 . GLN A 1 70 ? 9.660   4.746   -1.819  1.00 108.17 ? 50   GLN A OE1 1 
ATOM   396 N  NE2 . GLN A 1 70 ? 9.566   6.022   0.029   1.00 107.69 ? 50   GLN A NE2 1 
ATOM   397 N  N   . ASN A 1 71 ? 5.151   1.844   -3.114  1.00 75.22  ? 51   ASN A N   1 
ATOM   398 C  CA  . ASN A 1 71 ? 4.591   1.167   -4.289  1.00 75.53  ? 51   ASN A CA  1 
ATOM   399 C  C   . ASN A 1 71 ? 3.082   0.960   -4.176  1.00 78.08  ? 51   ASN A C   1 
ATOM   400 O  O   . ASN A 1 71 ? 2.377   1.172   -5.167  1.00 78.90  ? 51   ASN A O   1 
ATOM   401 C  CB  . ASN A 1 71 ? 5.319   -0.154  -4.599  1.00 74.55  ? 51   ASN A CB  1 
ATOM   402 C  CG  . ASN A 1 71 ? 6.781   -0.017  -5.022  1.00 98.02  ? 51   ASN A CG  1 
ATOM   403 O  OD1 . ASN A 1 71 ? 7.237   1.020   -5.531  1.00 96.05  ? 51   ASN A OD1 1 
ATOM   404 N  ND2 . ASN A 1 71 ? 7.550   -1.088  -4.863  1.00 86.41  ? 51   ASN A ND2 1 
ATOM   405 N  N   . ARG A 1 72 ? 2.583   0.591   -2.966  1.00 72.54  ? 52   ARG A N   1 
ATOM   406 C  CA  . ARG A 1 72 ? 1.153   0.369   -2.686  1.00 70.82  ? 52   ARG A CA  1 
ATOM   407 C  C   . ARG A 1 72 ? 0.354   1.651   -2.753  1.00 76.08  ? 52   ARG A C   1 
ATOM   408 O  O   . ARG A 1 72 ? -0.829  1.615   -3.106  1.00 75.28  ? 52   ARG A O   1 
ATOM   409 C  CB  . ARG A 1 72 ? 0.947   -0.326  -1.341  1.00 68.13  ? 52   ARG A CB  1 
ATOM   410 C  CG  . ARG A 1 72 ? -0.478  -0.771  -1.060  1.00 73.86  ? 52   ARG A CG  1 
ATOM   411 C  CD  . ARG A 1 72 ? -1.025  -1.798  -2.028  1.00 81.27  ? 52   ARG A CD  1 
ATOM   412 N  NE  . ARG A 1 72 ? -2.448  -2.041  -1.800  1.00 84.57  ? 52   ARG A NE  1 
ATOM   413 C  CZ  . ARG A 1 72 ? -3.427  -1.329  -2.339  1.00 94.58  ? 52   ARG A CZ  1 
ATOM   414 N  NH1 . ARG A 1 72 ? -3.152  -0.316  -3.152  1.00 82.78  ? 52   ARG A NH1 1 
ATOM   415 N  NH2 . ARG A 1 72 ? -4.690  -1.615  -2.065  1.00 84.50  ? 52   ARG A NH2 1 
ATOM   416 N  N   . ARG A 1 73 ? 1.000   2.786   -2.425  1.00 74.45  ? 53   ARG A N   1 
ATOM   417 C  CA  . ARG A 1 73 ? 0.387   4.112   -2.525  1.00 75.10  ? 53   ARG A CA  1 
ATOM   418 C  C   . ARG A 1 73 ? 0.303   4.507   -4.005  1.00 82.89  ? 53   ARG A C   1 
ATOM   419 O  O   . ARG A 1 73 ? -0.717  5.036   -4.447  1.00 82.63  ? 53   ARG A O   1 
ATOM   420 C  CB  . ARG A 1 73 ? 1.189   5.137   -1.729  1.00 72.37  ? 53   ARG A CB  1 
ATOM   421 C  CG  . ARG A 1 73 ? 0.697   5.308   -0.315  1.00 69.28  ? 53   ARG A CG  1 
ATOM   422 C  CD  . ARG A 1 73 ? 1.590   6.286   0.399   1.00 74.73  ? 53   ARG A CD  1 
ATOM   423 N  NE  . ARG A 1 73 ? 2.071   5.681   1.636   1.00 84.39  ? 53   ARG A NE  1 
ATOM   424 C  CZ  . ARG A 1 73 ? 3.342   5.604   2.007   1.00 85.12  ? 53   ARG A CZ  1 
ATOM   425 N  NH1 . ARG A 1 73 ? 4.289   6.165   1.269   1.00 52.36  ? 53   ARG A NH1 1 
ATOM   426 N  NH2 . ARG A 1 73 ? 3.672   5.006   3.146   1.00 80.42  ? 53   ARG A NH2 1 
ATOM   427 N  N   . MET A 1 74 ? 1.372   4.198   -4.768  1.00 83.31  ? 54   MET A N   1 
ATOM   428 C  CA  . MET A 1 74 ? 1.481   4.429   -6.200  1.00 86.93  ? 54   MET A CA  1 
ATOM   429 C  C   . MET A 1 74 ? 0.361   3.675   -6.912  1.00 88.95  ? 54   MET A C   1 
ATOM   430 O  O   . MET A 1 74 ? -0.322  4.266   -7.748  1.00 90.48  ? 54   MET A O   1 
ATOM   431 C  CB  . MET A 1 74 ? 2.874   4.009   -6.714  1.00 92.20  ? 54   MET A CB  1 
ATOM   432 C  CG  . MET A 1 74 ? 3.182   4.464   -8.132  1.00 101.58 ? 54   MET A CG  1 
ATOM   433 S  SD  . MET A 1 74 ? 2.440   6.074   -8.577  1.00 110.47 ? 54   MET A SD  1 
ATOM   434 C  CE  . MET A 1 74 ? 3.569   7.231   -7.701  1.00 107.88 ? 54   MET A CE  1 
ATOM   435 N  N   . LYS A 1 75 ? 0.123   2.401   -6.509  1.00 81.13  ? 55   LYS A N   1 
ATOM   436 C  CA  . LYS A 1 75 ? -0.931  1.520   -7.030  1.00 78.79  ? 55   LYS A CA  1 
ATOM   437 C  C   . LYS A 1 75 ? -2.315  2.148   -6.789  1.00 80.56  ? 55   LYS A C   1 
ATOM   438 O  O   . LYS A 1 75 ? -3.111  2.250   -7.724  1.00 81.86  ? 55   LYS A O   1 
ATOM   439 C  CB  . LYS A 1 75 ? -0.817  0.124   -6.387  1.00 77.75  ? 55   LYS A CB  1 
ATOM   440 C  CG  . LYS A 1 75 ? -1.669  -0.955  -7.035  1.00 77.66  ? 55   LYS A CG  1 
ATOM   441 C  CD  . LYS A 1 75 ? -1.711  -2.235  -6.190  1.00 83.60  ? 55   LYS A CD  1 
ATOM   442 C  CE  . LYS A 1 75 ? -2.450  -3.375  -6.856  1.00 96.83  ? 55   LYS A CE  1 
ATOM   443 N  NZ  . LYS A 1 75 ? -3.924  -3.153  -6.893  1.00 107.23 ? 55   LYS A NZ  1 
ATOM   444 N  N   . LEU A 1 76 ? -2.572  2.616   -5.554  1.00 73.80  ? 56   LEU A N   1 
ATOM   445 C  CA  . LEU A 1 76 ? -3.823  3.262   -5.178  1.00 72.22  ? 56   LEU A CA  1 
ATOM   446 C  C   . LEU A 1 76 ? -4.057  4.552   -5.941  1.00 77.32  ? 56   LEU A C   1 
ATOM   447 O  O   . LEU A 1 76 ? -5.175  4.759   -6.425  1.00 78.19  ? 56   LEU A O   1 
ATOM   448 C  CB  . LEU A 1 76 ? -3.853  3.536   -3.670  1.00 70.54  ? 56   LEU A CB  1 
ATOM   449 C  CG  . LEU A 1 76 ? -5.200  3.936   -3.061  1.00 73.60  ? 56   LEU A CG  1 
ATOM   450 C  CD1 . LEU A 1 76 ? -6.245  2.858   -3.273  1.00 73.47  ? 56   LEU A CD1 1 
ATOM   451 C  CD2 . LEU A 1 76 ? -5.059  4.220   -1.593  1.00 71.43  ? 56   LEU A CD2 1 
ATOM   452 N  N   . LYS A 1 77 ? -3.007  5.410   -6.072  1.00 73.60  ? 57   LYS A N   1 
ATOM   453 C  CA  . LYS A 1 77 ? -3.098  6.694   -6.779  1.00 74.70  ? 57   LYS A CA  1 
ATOM   454 C  C   . LYS A 1 77 ? -3.598  6.488   -8.216  1.00 79.49  ? 57   LYS A C   1 
ATOM   455 O  O   . LYS A 1 77 ? -4.478  7.232   -8.669  1.00 79.81  ? 57   LYS A O   1 
ATOM   456 C  CB  . LYS A 1 77 ? -1.767  7.460   -6.730  1.00 77.90  ? 57   LYS A CB  1 
ATOM   457 C  CG  . LYS A 1 77 ? -1.916  8.956   -7.032  1.00 87.44  ? 57   LYS A CG  1 
ATOM   458 C  CD  . LYS A 1 77 ? -0.628  9.771   -6.854  1.00 92.33  ? 57   LYS A CD  1 
ATOM   459 C  CE  . LYS A 1 77 ? 0.094   10.051  -8.150  1.00 106.45 ? 57   LYS A CE  1 
ATOM   460 N  NZ  . LYS A 1 77 ? 1.343   10.833  -7.936  1.00 120.34 ? 57   LYS A NZ  1 
ATOM   461 N  N   . LYS A 1 78 ? -3.099  5.418   -8.882  1.00 76.05  ? 58   LYS A N   1 
ATOM   462 C  CA  . LYS A 1 78 ? -3.480  5.018   -10.244 1.00 77.42  ? 58   LYS A CA  1 
ATOM   463 C  C   . LYS A 1 78 ? -4.921  4.482   -10.283 1.00 81.82  ? 58   LYS A C   1 
ATOM   464 O  O   . LYS A 1 78 ? -5.652  4.874   -11.190 1.00 83.74  ? 58   LYS A O   1 
ATOM   465 C  CB  . LYS A 1 78 ? -2.502  3.990   -10.865 1.00 79.44  ? 58   LYS A CB  1 
ATOM   466 C  CG  . LYS A 1 78 ? -1.012  4.334   -10.809 1.00 89.97  ? 58   LYS A CG  1 
ATOM   467 C  CD  . LYS A 1 78 ? -0.527  5.309   -11.866 1.00 109.30 ? 58   LYS A CD  1 
ATOM   468 C  CE  . LYS A 1 78 ? 0.988   5.360   -11.932 1.00 126.24 ? 58   LYS A CE  1 
ATOM   469 N  NZ  . LYS A 1 78 ? 1.476   6.408   -12.878 1.00 139.86 ? 58   LYS A NZ  1 
ATOM   470 N  N   . GLU A 1 79 ? -5.329  3.596   -9.317  1.00 76.49  ? 59   GLU A N   1 
ATOM   471 C  CA  . GLU A 1 79 ? -6.696  3.037   -9.242  1.00 75.64  ? 59   GLU A CA  1 
ATOM   472 C  C   . GLU A 1 79 ? -7.744  4.160   -9.074  1.00 79.54  ? 59   GLU A C   1 
ATOM   473 O  O   . GLU A 1 79 ? -8.748  4.165   -9.804  1.00 80.96  ? 59   GLU A O   1 
ATOM   474 C  CB  . GLU A 1 79 ? -6.855  1.999   -8.119  1.00 74.94  ? 59   GLU A CB  1 
ATOM   475 C  CG  . GLU A 1 79 ? -6.078  0.702   -8.291  1.00 92.00  ? 59   GLU A CG  1 
ATOM   476 C  CD  . GLU A 1 79 ? -6.188  -0.282  -7.132  1.00 122.43 ? 59   GLU A CD  1 
ATOM   477 O  OE1 . GLU A 1 79 ? -5.777  0.054   -5.991  1.00 109.14 ? 59   GLU A OE1 1 
ATOM   478 O  OE2 . GLU A 1 79 ? -6.657  -1.416  -7.382  1.00 119.02 ? 59   GLU A OE2 1 
ATOM   479 N  N   . ILE A 1 80 ? -7.480  5.132   -8.150  1.00 72.87  ? 60   ILE A N   1 
ATOM   480 C  CA  . ILE A 1 80 ? -8.334  6.310   -7.920  1.00 71.75  ? 60   ILE A CA  1 
ATOM   481 C  C   . ILE A 1 80 ? -8.501  7.148   -9.216  1.00 78.85  ? 60   ILE A C   1 
ATOM   482 O  O   . ILE A 1 80 ? -9.633  7.480   -9.590  1.00 79.56  ? 60   ILE A O   1 
ATOM   483 C  CB  . ILE A 1 80 ? -7.808  7.140   -6.723  1.00 72.89  ? 60   ILE A CB  1 
ATOM   484 C  CG1 . ILE A 1 80 ? -8.220  6.484   -5.409  1.00 69.56  ? 60   ILE A CG1 1 
ATOM   485 C  CG2 . ILE A 1 80 ? -8.257  8.614   -6.784  1.00 73.98  ? 60   ILE A CG2 1 
ATOM   486 C  CD1 . ILE A 1 80 ? -7.318  6.738   -4.316  1.00 72.42  ? 60   ILE A CD1 1 
ATOM   487 N  N   . GLN A 1 81 ? -7.376  7.469   -9.895  1.00 76.93  ? 61   GLN A N   1 
ATOM   488 C  CA  . GLN A 1 81 ? -7.388  8.224   -11.150 1.00 79.61  ? 61   GLN A CA  1 
ATOM   489 C  C   . GLN A 1 81 ? -8.184  7.481   -12.246 1.00 83.30  ? 61   GLN A C   1 
ATOM   490 O  O   . GLN A 1 81 ? -9.043  8.095   -12.867 1.00 84.92  ? 61   GLN A O   1 
ATOM   491 C  CB  . GLN A 1 81 ? -5.953  8.576   -11.597 1.00 83.14  ? 61   GLN A CB  1 
ATOM   492 C  CG  . GLN A 1 81 ? -5.823  9.266   -12.970 1.00 97.74  ? 61   GLN A CG  1 
ATOM   493 C  CD  . GLN A 1 81 ? -6.456  10.640  -13.071 1.00 113.52 ? 61   GLN A CD  1 
ATOM   494 O  OE1 . GLN A 1 81 ? -6.720  11.322  -12.067 1.00 107.11 ? 61   GLN A OE1 1 
ATOM   495 N  NE2 . GLN A 1 81 ? -6.707  11.083  -14.303 1.00 104.26 ? 61   GLN A NE2 1 
ATOM   496 N  N   . ALA A 1 82 ? -7.940  6.162   -12.439 1.00 77.13  ? 62   ALA A N   1 
ATOM   497 C  CA  . ALA A 1 82 ? -8.647  5.320   -13.412 1.00 76.79  ? 62   ALA A CA  1 
ATOM   498 C  C   . ALA A 1 82 ? -10.187 5.404   -13.251 1.00 80.25  ? 62   ALA A C   1 
ATOM   499 O  O   . ALA A 1 82 ? -10.897 5.617   -14.237 1.00 82.51  ? 62   ALA A O   1 
ATOM   500 C  CB  . ALA A 1 82 ? -8.178  3.879   -13.284 1.00 76.00  ? 62   ALA A CB  1 
ATOM   501 N  N   . ILE A 1 83 ? -10.686 5.287   -12.007 1.00 73.75  ? 63   ILE A N   1 
ATOM   502 C  CA  . ILE A 1 83 ? -12.113 5.382   -11.680 1.00 72.39  ? 63   ILE A CA  1 
ATOM   503 C  C   . ILE A 1 83 ? -12.605 6.807   -11.934 1.00 78.84  ? 63   ILE A C   1 
ATOM   504 O  O   . ILE A 1 83 ? -13.641 6.976   -12.571 1.00 78.55  ? 63   ILE A O   1 
ATOM   505 C  CB  . ILE A 1 83 ? -12.383 4.905   -10.221 1.00 71.80  ? 63   ILE A CB  1 
ATOM   506 C  CG1 . ILE A 1 83 ? -12.215 3.384   -10.117 1.00 70.23  ? 63   ILE A CG1 1 
ATOM   507 C  CG2 . ILE A 1 83 ? -13.786 5.331   -9.729  1.00 72.01  ? 63   ILE A CG2 1 
ATOM   508 C  CD1 . ILE A 1 83 ? -11.706 2.972   -8.888  1.00 71.98  ? 63   ILE A CD1 1 
ATOM   509 N  N   . LYS A 1 84 ? -11.859 7.826   -11.437 1.00 77.57  ? 64   LYS A N   1 
ATOM   510 C  CA  . LYS A 1 84 ? -12.176 9.242   -11.625 1.00 79.70  ? 64   LYS A CA  1 
ATOM   511 C  C   . LYS A 1 84 ? -12.426 9.513   -13.095 1.00 87.02  ? 64   LYS A C   1 
ATOM   512 O  O   . LYS A 1 84 ? -13.463 10.091  -13.417 1.00 88.50  ? 64   LYS A O   1 
ATOM   513 C  CB  . LYS A 1 84 ? -11.050 10.156  -11.083 1.00 83.49  ? 64   LYS A CB  1 
ATOM   514 C  CG  . LYS A 1 84 ? -11.274 11.662  -11.332 1.00 98.25  ? 64   LYS A CG  1 
ATOM   515 C  CD  . LYS A 1 84 ? -10.013 12.511  -11.110 1.00 111.40 ? 64   LYS A CD  1 
ATOM   516 C  CE  . LYS A 1 84 ? -10.174 13.984  -11.451 1.00 125.73 ? 64   LYS A CE  1 
ATOM   517 N  NZ  . LYS A 1 84 ? -10.114 14.251  -12.922 1.00 135.81 ? 64   LYS A NZ  1 
ATOM   518 N  N   . GLU A 1 85 ? -11.517 9.041   -13.986 1.00 85.18  ? 65   GLU A N   1 
ATOM   519 C  CA  . GLU A 1 85 ? -11.660 9.249   -15.417 1.00 88.41  ? 65   GLU A CA  1 
ATOM   520 C  C   . GLU A 1 85 ? -12.666 8.279   -16.055 1.00 94.36  ? 65   GLU A C   1 
ATOM   521 O  O   . GLU A 1 85 ? -13.199 8.620   -17.108 1.00 99.58  ? 65   GLU A O   1 
ATOM   522 C  CB  . GLU A 1 85 ? -10.315 9.306   -16.162 1.00 92.52  ? 65   GLU A CB  1 
ATOM   523 C  CG  . GLU A 1 85 ? -9.486  8.041   -16.259 1.00 105.87 ? 65   GLU A CG  1 
ATOM   524 C  CD  . GLU A 1 85 ? -8.150  8.291   -16.946 1.00 132.64 ? 65   GLU A CD  1 
ATOM   525 O  OE1 . GLU A 1 85 ? -8.130  8.361   -18.199 1.00 134.07 ? 65   GLU A OE1 1 
ATOM   526 O  OE2 . GLU A 1 85 ? -7.134  8.468   -16.233 1.00 109.17 ? 65   GLU A OE2 1 
ATOM   527 N  N   . LEU A 1 86 ? -13.004 7.146   -15.415 1.00 87.84  ? 66   LEU A N   1 
ATOM   528 C  CA  . LEU A 1 86 ? -14.053 6.231   -15.922 1.00 87.96  ? 66   LEU A CA  1 
ATOM   529 C  C   . LEU A 1 86 ? -15.420 6.883   -15.712 1.00 90.85  ? 66   LEU A C   1 
ATOM   530 O  O   . LEU A 1 86 ? -16.318 6.723   -16.531 1.00 90.62  ? 66   LEU A O   1 
ATOM   531 C  CB  . LEU A 1 86 ? -14.066 4.916   -15.126 1.00 85.66  ? 66   LEU A CB  1 
ATOM   532 C  CG  . LEU A 1 86 ? -13.416 3.687   -15.721 1.00 91.55  ? 66   LEU A CG  1 
ATOM   533 C  CD1 . LEU A 1 86 ? -13.204 2.646   -14.643 1.00 89.36  ? 66   LEU A CD1 1 
ATOM   534 C  CD2 . LEU A 1 86 ? -14.255 3.105   -16.827 1.00 94.82  ? 66   LEU A CD2 1 
ATOM   535 N  N   . ASN A 1 87 ? -15.576 7.570   -14.568 1.00 87.38  ? 67   ASN A N   1 
ATOM   536 C  CA  . ASN A 1 87 ? -16.793 8.258   -14.152 1.00 87.31  ? 67   ASN A CA  1 
ATOM   537 C  C   . ASN A 1 87 ? -17.052 9.518   -14.954 1.00 97.08  ? 67   ASN A C   1 
ATOM   538 O  O   . ASN A 1 87 ? -18.215 9.861   -15.170 1.00 97.01  ? 67   ASN A O   1 
ATOM   539 C  CB  . ASN A 1 87 ? -16.776 8.533   -12.648 1.00 82.17  ? 67   ASN A CB  1 
ATOM   540 C  CG  . ASN A 1 87 ? -17.171 7.343   -11.811 1.00 90.75  ? 67   ASN A CG  1 
ATOM   541 O  OD1 . ASN A 1 87 ? -18.058 6.548   -12.169 1.00 80.92  ? 67   ASN A OD1 1 
ATOM   542 N  ND2 . ASN A 1 87 ? -16.542 7.213   -10.656 1.00 83.71  ? 67   ASN A ND2 1 
ATOM   543 N  N   . GLU A 1 88 ? -15.977 10.193  -15.412 1.00 98.60  ? 68   GLU A N   1 
ATOM   544 C  CA  . GLU A 1 88 ? -16.059 11.381  -16.274 1.00 103.30 ? 68   GLU A CA  1 
ATOM   545 C  C   . GLU A 1 88 ? -16.484 10.945  -17.692 1.00 110.65 ? 68   GLU A C   1 
ATOM   546 O  O   . GLU A 1 88 ? -17.329 11.596  -18.311 1.00 111.89 ? 68   GLU A O   1 
ATOM   547 C  CB  . GLU A 1 88 ? -14.715 12.139  -16.299 1.00 107.00 ? 68   GLU A CB  1 
ATOM   548 C  CG  . GLU A 1 88 ? -14.369 12.811  -14.972 1.00 120.04 ? 68   GLU A CG  1 
ATOM   549 C  CD  . GLU A 1 88 ? -12.958 13.353  -14.785 1.00 149.02 ? 68   GLU A CD  1 
ATOM   550 O  OE1 . GLU A 1 88 ? -12.046 12.958  -15.550 1.00 150.14 ? 68   GLU A OE1 1 
ATOM   551 O  OE2 . GLU A 1 88 ? -12.759 14.151  -13.840 1.00 140.34 ? 68   GLU A OE2 1 
ATOM   552 N  N   . GLN A 1 89 ? -15.931 9.806   -18.163 1.00 108.85 ? 69   GLN A N   1 
ATOM   553 C  CA  . GLN A 1 89 ? -16.210 9.169   -19.452 1.00 112.64 ? 69   GLN A CA  1 
ATOM   554 C  C   . GLN A 1 89 ? -17.683 8.730   -19.530 1.00 117.90 ? 69   GLN A C   1 
ATOM   555 O  O   . GLN A 1 89 ? -18.400 9.145   -20.441 1.00 119.89 ? 69   GLN A O   1 
ATOM   556 C  CB  . GLN A 1 89 ? -15.262 7.958   -19.655 1.00 114.19 ? 69   GLN A CB  1 
ATOM   557 C  CG  . GLN A 1 89 ? -15.347 7.288   -21.038 1.00 140.79 ? 69   GLN A CG  1 
ATOM   558 C  CD  . GLN A 1 89 ? -14.594 5.970   -21.158 1.00 162.33 ? 69   GLN A CD  1 
ATOM   559 O  OE1 . GLN A 1 89 ? -14.525 5.154   -20.225 1.00 152.37 ? 69   GLN A OE1 1 
ATOM   560 N  NE2 . GLN A 1 89 ? -14.076 5.700   -22.354 1.00 160.75 ? 69   GLN A NE2 1 
ATOM   561 N  N   . GLU A 1 90 ? -18.127 7.904   -18.554 1.00 113.35 ? 70   GLU A N   1 
ATOM   562 C  CA  . GLU A 1 90 ? -19.492 7.365   -18.455 1.00 112.70 ? 70   GLU A CA  1 
ATOM   563 C  C   . GLU A 1 90 ? -20.583 8.453   -18.262 1.00 119.05 ? 70   GLU A C   1 
ATOM   564 O  O   . GLU A 1 90 ? -21.763 8.176   -18.511 1.00 119.38 ? 70   GLU A O   1 
ATOM   565 C  CB  . GLU A 1 90 ? -19.580 6.271   -17.366 1.00 110.17 ? 70   GLU A CB  1 
ATOM   566 C  CG  . GLU A 1 90 ? -19.088 4.903   -17.824 1.00 118.45 ? 70   GLU A CG  1 
ATOM   567 C  CD  . GLU A 1 90 ? -20.038 3.742   -17.584 1.00 140.29 ? 70   GLU A CD  1 
ATOM   568 O  OE1 . GLU A 1 90 ? -21.271 3.947   -17.667 1.00 141.10 ? 70   GLU A OE1 1 
ATOM   569 O  OE2 . GLU A 1 90 ? -19.552 2.615   -17.344 1.00 129.77 ? 70   GLU A OE2 1 
ATOM   570 N  N   . LYS A 1 91 ? -20.185 9.688   -17.867 1.00 116.86 ? 71   LYS A N   1 
ATOM   571 C  CA  . LYS A 1 91 ? -21.096 10.822  -17.668 1.00 117.75 ? 71   LYS A CA  1 
ATOM   572 C  C   . LYS A 1 91 ? -21.199 11.705  -18.938 1.00 129.21 ? 71   LYS A C   1 
ATOM   573 O  O   . LYS A 1 91 ? -21.468 12.909  -18.838 1.00 130.90 ? 71   LYS A O   1 
ATOM   574 C  CB  . LYS A 1 91 ? -20.686 11.638  -16.423 1.00 117.49 ? 71   LYS A CB  1 
ATOM   575 C  CG  . LYS A 1 91 ? -21.837 11.943  -15.465 1.00 116.14 ? 71   LYS A CG  1 
ATOM   576 C  CD  . LYS A 1 91 ? -21.366 12.024  -14.011 1.00 108.74 ? 71   LYS A CD  1 
ATOM   577 C  CE  . LYS A 1 91 ? -22.035 13.139  -13.238 1.00 108.58 ? 71   LYS A CE  1 
ATOM   578 N  NZ  . LYS A 1 91 ? -23.297 12.710  -12.576 1.00 112.90 ? 71   LYS A NZ  1 
ATOM   579 N  N   . GLN A 1 92 ? -21.026 11.089  -20.136 1.00 129.37 ? 72   GLN A N   1 
ATOM   580 C  CA  . GLN A 1 92 ? -21.099 11.775  -21.432 1.00 134.01 ? 72   GLN A CA  1 
ATOM   581 C  C   . GLN A 1 92 ? -22.144 11.148  -22.350 1.00 140.00 ? 72   GLN A C   1 
ATOM   582 O  O   . GLN A 1 92 ? -22.188 9.923   -22.486 1.00 138.53 ? 72   GLN A O   1 
ATOM   583 C  CB  . GLN A 1 92 ? -19.725 11.794  -22.143 1.00 138.29 ? 72   GLN A CB  1 
ATOM   584 C  CG  . GLN A 1 92 ? -18.552 12.384  -21.342 1.00 150.98 ? 72   GLN A CG  1 
ATOM   585 C  CD  . GLN A 1 92 ? -18.720 13.825  -20.913 1.00 169.10 ? 72   GLN A CD  1 
ATOM   586 O  OE1 . GLN A 1 92 ? -19.240 14.677  -21.652 1.00 169.80 ? 72   GLN A OE1 1 
ATOM   587 N  NE2 . GLN A 1 92 ? -18.241 14.134  -19.714 1.00 153.70 ? 72   GLN A NE2 1 
ATOM   588 N  N   . ALA A 1 93 ? -22.971 12.011  -22.991 1.00 139.89 ? 73   ALA A N   1 
ATOM   589 C  CA  . ALA A 1 93 ? -24.043 11.731  -23.970 1.00 144.79 ? 73   ALA A CA  1 
ATOM   590 C  C   . ALA A 1 93 ? -25.228 10.890  -23.448 1.00 150.11 ? 73   ALA A C   1 
ATOM   591 O  O   . ALA A 1 93 ? -26.333 11.023  -24.024 1.00 152.24 ? 73   ALA A O   1 
ATOM   592 C  CB  . ALA A 1 93 ? -23.469 11.099  -25.237 1.00 149.38 ? 73   ALA A CB  1 
ATOM   593 O  OXT . ALA A 1 93 ? -25.061 10.089  -22.501 1.00 164.12 ? 73   ALA A OXT 1 
HETATM 594 S  S   . SO4 B 2 .  ? 5.036   8.692   -1.144  1.00 172.51 ? 1074 SO4 A S   1 
HETATM 595 O  O1  . SO4 B 2 .  ? 5.879   8.575   0.052   1.00 171.89 ? 1074 SO4 A O1  1 
HETATM 596 O  O2  . SO4 B 2 .  ? 5.896   8.983   -2.293  1.00 173.09 ? 1074 SO4 A O2  1 
HETATM 597 O  O3  . SO4 B 2 .  ? 4.316   7.440   -1.395  1.00 172.19 ? 1074 SO4 A O3  1 
HETATM 598 O  O4  . SO4 B 2 .  ? 4.058   9.769   -0.956  1.00 172.24 ? 1074 SO4 A O4  1 
HETATM 599 S  S   . SO4 C 2 .  ? 11.260  6.757   16.994  1.00 117.47 ? 1075 SO4 A S   1 
HETATM 600 O  O1  . SO4 C 2 .  ? 12.253  7.607   17.646  1.00 117.01 ? 1075 SO4 A O1  1 
HETATM 601 O  O2  . SO4 C 2 .  ? 10.772  7.451   15.792  1.00 116.76 ? 1075 SO4 A O2  1 
HETATM 602 O  O3  . SO4 C 2 .  ? 11.879  5.480   16.581  1.00 118.52 ? 1075 SO4 A O3  1 
HETATM 603 O  O4  . SO4 C 2 .  ? 10.168  6.483   17.950  1.00 116.38 ? 1075 SO4 A O4  1 
HETATM 604 S  S   . SO4 D 2 .  ? 1.502   -6.709  13.010  1.00 179.84 ? 1076 SO4 A S   1 
HETATM 605 O  O1  . SO4 D 2 .  ? 2.402   -6.137  14.027  1.00 178.84 ? 1076 SO4 A O1  1 
HETATM 606 O  O2  . SO4 D 2 .  ? 1.907   -6.281  11.667  1.00 179.77 ? 1076 SO4 A O2  1 
HETATM 607 O  O3  . SO4 D 2 .  ? 1.532   -8.176  13.054  1.00 179.66 ? 1076 SO4 A O3  1 
HETATM 608 O  O4  . SO4 D 2 .  ? 0.144   -6.242  13.276  1.00 180.70 ? 1076 SO4 A O4  1 
HETATM 609 CL CL  . CL  E 3 .  ? 6.717   3.538   5.377   1.00 95.09  ? 1077 CL  A CL  1 
HETATM 610 S  S   . SO4 F 2 .  ? -27.711 12.774  -11.470 1.00 179.72 ? 1078 SO4 A S   1 
HETATM 611 O  O1  . SO4 F 2 .  ? -27.474 12.436  -10.065 1.00 180.10 ? 1078 SO4 A O1  1 
HETATM 612 O  O2  . SO4 F 2 .  ? -26.427 13.085  -12.116 1.00 179.26 ? 1078 SO4 A O2  1 
HETATM 613 O  O3  . SO4 F 2 .  ? -28.352 11.642  -12.141 1.00 178.58 ? 1078 SO4 A O3  1 
HETATM 614 O  O4  . SO4 F 2 .  ? -28.598 13.940  -11.545 1.00 180.14 ? 1078 SO4 A O4  1 
HETATM 615 CL CL  . CL  G 3 .  ? 4.773   -18.159 0.177   1.00 107.50 ? 1079 CL  A CL  1 
HETATM 616 O  O   . HOH H 4 .  ? -1.346  -5.875  9.615   1.00 69.39  ? 2001 HOH A O   1 
HETATM 617 O  O   . HOH H 4 .  ? 8.333   -13.317 14.440  0.33 110.14 ? 2002 HOH A O   1 
HETATM 618 O  O   . HOH H 4 .  ? 0.885   4.627   12.298  1.00 63.29  ? 2003 HOH A O   1 
HETATM 619 O  O   . HOH H 4 .  ? 9.061   -14.196 11.754  0.33 58.47  ? 2004 HOH A O   1 
HETATM 620 O  O   . HOH H 4 .  ? 8.426   7.772   -3.131  1.00 82.58  ? 2005 HOH A O   1 
HETATM 621 O  O   . HOH H 4 .  ? -20.377 7.881   -22.327 1.00 95.74  ? 2006 HOH A O   1 
HETATM 622 O  O   . HOH H 4 .  ? -22.447 3.585   -20.082 1.00 74.86  ? 2007 HOH A O   1 
# 
loop_
_atom_site_anisotrop.id 
_atom_site_anisotrop.type_symbol 
_atom_site_anisotrop.pdbx_label_atom_id 
_atom_site_anisotrop.pdbx_label_alt_id 
_atom_site_anisotrop.pdbx_label_comp_id 
_atom_site_anisotrop.pdbx_label_asym_id 
_atom_site_anisotrop.pdbx_label_seq_id 
_atom_site_anisotrop.pdbx_PDB_ins_code 
_atom_site_anisotrop.U[1][1] 
_atom_site_anisotrop.U[2][2] 
_atom_site_anisotrop.U[3][3] 
_atom_site_anisotrop.U[1][2] 
_atom_site_anisotrop.U[1][3] 
_atom_site_anisotrop.U[2][3] 
_atom_site_anisotrop.pdbx_auth_seq_id 
_atom_site_anisotrop.pdbx_auth_comp_id 
_atom_site_anisotrop.pdbx_auth_asym_id 
_atom_site_anisotrop.pdbx_auth_atom_id 
1   N N   . THR A 27 ? 1.1834 1.3802 1.5156 -0.0181 -0.0456 -0.0565 7  THR A N   
2   C CA  . THR A 27 ? 1.1795 1.3708 1.4973 -0.0156 -0.0549 -0.0572 7  THR A CA  
3   C C   . THR A 27 ? 1.1678 1.3161 1.4910 -0.0244 -0.0671 -0.0278 7  THR A C   
4   O O   . THR A 27 ? 1.1557 1.2827 1.4897 -0.0306 -0.0680 -0.0081 7  THR A O   
5   C CB  . THR A 27 ? 1.2981 1.5154 1.6511 -0.0031 -0.0676 -0.1012 7  THR A CB  
6   O OG1 . THR A 27 ? 1.2684 1.4879 1.6018 0.0005  -0.0739 -0.1037 7  THR A OG1 
7   C CG2 . THR A 27 ? 1.2625 1.4600 1.6868 -0.0027 -0.0885 -0.1180 7  THR A CG2 
8   N N   . TYR A 28 ? 1.0678 1.2098 1.3825 -0.0234 -0.0760 -0.0250 8  TYR A N   
9   C CA  . TYR A 28 ? 1.0261 1.1397 1.3443 -0.0303 -0.0862 0.0033  8  TYR A CA  
10  C C   . TYR A 28 ? 1.0233 1.1310 1.3898 -0.0291 -0.1058 -0.0063 8  TYR A C   
11  O O   . TYR A 28 ? 1.0386 1.1602 1.4062 -0.0228 -0.1104 -0.0285 8  TYR A O   
12  C CB  . TYR A 28 ? 1.0306 1.1407 1.2931 -0.0326 -0.0779 0.0256  8  TYR A CB  
13  C CG  . TYR A 28 ? 1.0458 1.1581 1.2732 -0.0350 -0.0628 0.0395  8  TYR A CG  
14  C CD1 . TYR A 28 ? 1.0576 1.1523 1.2871 -0.0395 -0.0631 0.0602  8  TYR A CD1 
15  C CD2 . TYR A 28 ? 1.0687 1.2041 1.2648 -0.0320 -0.0496 0.0335  8  TYR A CD2 
16  C CE1 . TYR A 28 ? 1.0767 1.1718 1.2855 -0.0416 -0.0527 0.0715  8  TYR A CE1 
17  C CE2 . TYR A 28 ? 1.0798 1.2174 1.2548 -0.0357 -0.0375 0.0514  8  TYR A CE2 
18  C CZ  . TYR A 28 ? 1.1825 1.2972 1.3674 -0.0409 -0.0400 0.0689  8  TYR A CZ  
19  O OH  . TYR A 28 ? 1.2072 1.3222 1.3829 -0.0447 -0.0313 0.0849  8  TYR A OH  
20  N N   . THR A 29 ? 0.9241 1.0139 1.3335 -0.0349 -0.1182 0.0126  9  THR A N   
21  C CA  . THR A 29 ? 0.9018 0.9847 1.3713 -0.0367 -0.1391 0.0141  9  THR A CA  
22  C C   . THR A 29 ? 0.9052 0.9873 1.3561 -0.0387 -0.1422 0.0302  9  THR A C   
23  O O   . THR A 29 ? 0.8815 0.9654 1.2723 -0.0394 -0.1292 0.0443  9  THR A O   
24  C CB  . THR A 29 ? 0.9646 1.0339 1.4843 -0.0433 -0.1505 0.0400  9  THR A CB  
25  O OG1 . THR A 29 ? 0.9517 1.0175 1.4391 -0.0489 -0.1450 0.0808  9  THR A OG1 
26  C CG2 . THR A 29 ? 0.9257 0.9944 1.4653 -0.0410 -0.1485 0.0240  9  THR A CG2 
27  N N   . ARG A 30 ? 0.8574 0.9371 1.3668 -0.0399 -0.1612 0.0276  10 ARG A N   
28  C CA  . ARG A 30 ? 0.8501 0.9305 1.3550 -0.0426 -0.1664 0.0435  10 ARG A CA  
29  C C   . ARG A 30 ? 0.8829 0.9622 1.3532 -0.0499 -0.1582 0.0898  10 ARG A C   
30  O O   . ARG A 30 ? 0.8887 0.9728 1.3085 -0.0490 -0.1497 0.0978  10 ARG A O   
31  C CB  . ARG A 30 ? 0.8557 0.9330 1.4480 -0.0443 -0.1912 0.0377  10 ARG A CB  
32  C CG  . ARG A 30 ? 1.0407 1.1263 1.6400 -0.0361 -0.1997 0.0024  10 ARG A CG  
33  C CD  . ARG A 30 ? 1.1999 1.2811 1.8733 -0.0414 -0.2221 0.0148  10 ARG A CD  
34  N NE  . ARG A 30 ? 1.2742 1.3589 1.9094 -0.0471 -0.2146 0.0469  10 ARG A NE  
35  C CZ  . ARG A 30 ? 1.2980 1.3829 1.9841 -0.0565 -0.2266 0.0816  10 ARG A CZ  
36  N NH1 . ARG A 30 ? 1.0798 1.1588 1.8619 -0.0627 -0.2480 0.0936  10 ARG A NH1 
37  N NH2 . ARG A 30 ? 0.9534 1.0470 1.5991 -0.0599 -0.2180 0.1067  10 ARG A NH2 
38  N N   . TYR A 31 ? 0.8077 0.8845 1.3024 -0.0549 -0.1608 0.1168  11 TYR A N   
39  C CA  . TYR A 31 ? 0.7781 0.8641 1.2440 -0.0583 -0.1547 0.1568  11 TYR A CA  
40  C C   . TYR A 31 ? 0.8262 0.9131 1.2174 -0.0535 -0.1374 0.1520  11 TYR A C   
41  O O   . TYR A 31 ? 0.8126 0.9097 1.1637 -0.0522 -0.1322 0.1677  11 TYR A O   
42  C CB  . TYR A 31 ? 0.7767 0.8655 1.2923 -0.0629 -0.1640 0.1843  11 TYR A CB  
43  C CG  . TYR A 31 ? 0.7681 0.8763 1.2513 -0.0626 -0.1580 0.2217  11 TYR A CG  
44  C CD1 . TYR A 31 ? 0.7925 0.9252 1.2865 -0.0657 -0.1624 0.2592  11 TYR A CD1 
45  C CD2 . TYR A 31 ? 0.7573 0.8657 1.2030 -0.0577 -0.1488 0.2182  11 TYR A CD2 
46  C CE1 . TYR A 31 ? 0.7867 0.9492 1.2499 -0.0621 -0.1574 0.2898  11 TYR A CE1 
47  C CE2 . TYR A 31 ? 0.7583 0.8907 1.1769 -0.0538 -0.1460 0.2461  11 TYR A CE2 
48  C CZ  . TYR A 31 ? 0.8437 1.0061 1.2691 -0.0550 -0.1502 0.2809  11 TYR A CZ  
49  O OH  . TYR A 31 ? 0.8943 1.0912 1.2918 -0.0480 -0.1479 0.3049  11 TYR A OH  
50  N N   . GLN A 32 ? 0.7871 0.8656 1.1660 -0.0507 -0.1299 0.1305  12 GLN A N   
51  C CA  . GLN A 32 ? 0.7804 0.8581 1.1013 -0.0471 -0.1154 0.1262  12 GLN A CA  
52  C C   . GLN A 32 ? 0.8650 0.9453 1.1398 -0.0446 -0.1088 0.1185  12 GLN A C   
53  O O   . GLN A 32 ? 0.8774 0.9607 1.1147 -0.0429 -0.1049 0.1320  12 GLN A O   
54  C CB  . GLN A 32 ? 0.7917 0.8638 1.1174 -0.0457 -0.1086 0.1035  12 GLN A CB  
55  C CG  . GLN A 32 ? 0.7716 0.8399 1.1357 -0.0472 -0.1145 0.1118  12 GLN A CG  
56  C CD  . GLN A 32 ? 0.8339 0.8997 1.2140 -0.0457 -0.1096 0.0859  12 GLN A CD  
57  O OE1 . GLN A 32 ? 0.7383 0.8103 1.1215 -0.0429 -0.1065 0.0587  12 GLN A OE1 
58  N NE2 . GLN A 32 ? 0.7971 0.8589 1.1907 -0.0461 -0.1100 0.0926  12 GLN A NE2 
59  N N   . THR A 33 ? 0.8248 0.9064 1.1062 -0.0429 -0.1100 0.0955  13 THR A N   
60  C CA  . THR A 33 ? 0.8286 0.9148 1.0691 -0.0396 -0.1052 0.0872  13 THR A CA  
61  C C   . THR A 33 ? 0.8876 0.9762 1.1167 -0.0411 -0.1104 0.1088  13 THR A C   
62  O O   . THR A 33 ? 0.8891 0.9788 1.0741 -0.0388 -0.1049 0.1145  13 THR A O   
63  C CB  . THR A 33 ? 0.8746 0.9691 1.1332 -0.0350 -0.1094 0.0559  13 THR A CB  
64  O OG1 . THR A 33 ? 0.9311 1.0330 1.1960 -0.0316 -0.1031 0.0340  13 THR A OG1 
65  C CG2 . THR A 33 ? 0.7617 0.8644 0.9797 -0.0305 -0.1061 0.0480  13 THR A CG2 
66  N N   . LEU A 34 ? 0.8316 0.9235 1.1055 -0.0448 -0.1219 0.1219  14 LEU A N   
67  C CA  . LEU A 34 ? 0.8196 0.9223 1.0921 -0.0465 -0.1267 0.1451  14 LEU A CA  
68  C C   . LEU A 34 ? 0.8751 0.9887 1.1134 -0.0444 -0.1213 0.1674  14 LEU A C   
69  O O   . LEU A 34 ? 0.8854 1.0100 1.0945 -0.0415 -0.1205 0.1754  14 LEU A O   
70  C CB  . LEU A 34 ? 0.8133 0.9213 1.1540 -0.0525 -0.1403 0.1610  14 LEU A CB  
71  C CG  . LEU A 34 ? 0.8527 0.9809 1.2055 -0.0559 -0.1451 0.1933  14 LEU A CG  
72  C CD1 . LEU A 34 ? 0.8523 0.9797 1.2618 -0.0603 -0.1584 0.1908  14 LEU A CD1 
73  C CD2 . LEU A 34 ? 0.8502 0.9976 1.2218 -0.0587 -0.1463 0.2299  14 LEU A CD2 
74  N N   . GLU A 35 ? 0.8156 0.9285 1.0613 -0.0443 -0.1195 0.1745  15 GLU A N   
75  C CA  . GLU A 35 ? 0.7897 0.9180 1.0109 -0.0394 -0.1176 0.1908  15 GLU A CA  
76  C C   . GLU A 35 ? 0.8273 0.9464 1.0031 -0.0340 -0.1110 0.1754  15 GLU A C   
77  O O   . GLU A 35 ? 0.8327 0.9667 0.9835 -0.0274 -0.1126 0.1816  15 GLU A O   
78  C CB  . GLU A 35 ? 0.7922 0.9261 1.0435 -0.0403 -0.1207 0.2043  15 GLU A CB  
79  C CG  . GLU A 35 ? 0.8048 0.9586 1.1026 -0.0450 -0.1298 0.2339  15 GLU A CG  
80  C CD  . GLU A 35 ? 1.0202 1.2113 1.3058 -0.0417 -0.1313 0.2611  15 GLU A CD  
81  O OE1 . GLU A 35 ? 1.1007 1.3100 1.3440 -0.0322 -0.1278 0.2594  15 GLU A OE1 
82  O OE2 . GLU A 35 ? 0.8412 1.0464 1.1641 -0.0479 -0.1372 0.2833  15 GLU A OE2 
83  N N   . LEU A 36 ? 0.7691 0.8685 0.9385 -0.0359 -0.1047 0.1554  16 LEU A N   
84  C CA  . LEU A 36 ? 0.7633 0.8540 0.8979 -0.0327 -0.0989 0.1459  16 LEU A CA  
85  C C   . LEU A 36 ? 0.8097 0.9027 0.9157 -0.0303 -0.1002 0.1445  16 LEU A C   
86  O O   . LEU A 36 ? 0.8021 0.8971 0.8860 -0.0253 -0.1026 0.1468  16 LEU A O   
87  C CB  . LEU A 36 ? 0.7701 0.8492 0.9086 -0.0358 -0.0906 0.1307  16 LEU A CB  
88  C CG  . LEU A 36 ? 0.8226 0.8977 0.9833 -0.0369 -0.0884 0.1300  16 LEU A CG  
89  C CD1 . LEU A 36 ? 0.8322 0.9054 1.0089 -0.0397 -0.0814 0.1129  16 LEU A CD1 
90  C CD2 . LEU A 36 ? 0.8239 0.8954 0.9697 -0.0337 -0.0878 0.1344  16 LEU A CD2 
91  N N   . GLU A 37 ? 0.7783 0.8727 0.8907 -0.0326 -0.1015 0.1393  17 GLU A N   
92  C CA  . GLU A 37 ? 0.7831 0.8808 0.8720 -0.0303 -0.1040 0.1373  17 GLU A CA  
93  C C   . GLU A 37 ? 0.8069 0.9209 0.8897 -0.0265 -0.1103 0.1516  17 GLU A C   
94  O O   . GLU A 37 ? 0.8196 0.9353 0.8751 -0.0215 -0.1125 0.1496  17 GLU A O   
95  C CB  . GLU A 37 ? 0.8080 0.9062 0.9130 -0.0322 -0.1062 0.1254  17 GLU A CB  
96  C CG  . GLU A 37 ? 0.9778 1.0718 1.0717 -0.0309 -0.1000 0.1054  17 GLU A CG  
97  C CD  . GLU A 37 ? 1.1820 1.2763 1.2333 -0.0274 -0.0955 0.1025  17 GLU A CD  
98  O OE1 . GLU A 37 ? 1.0095 1.1013 1.0395 -0.0258 -0.0986 0.1135  17 GLU A OE1 
99  O OE2 . GLU A 37 ? 1.1330 1.2344 1.1748 -0.0253 -0.0896 0.0894  17 GLU A OE2 
100 N N   . LYS A 38 ? 0.7432 0.8732 0.8536 -0.0279 -0.1138 0.1670  18 LYS A N   
101 C CA  . LYS A 38 ? 0.7322 0.8917 0.8399 -0.0231 -0.1185 0.1837  18 LYS A CA  
102 C C   . LYS A 38 ? 0.7865 0.9519 0.8662 -0.0134 -0.1198 0.1778  18 LYS A C   
103 O O   . LYS A 38 ? 0.8066 0.9836 0.8647 -0.0064 -0.1241 0.1733  18 LYS A O   
104 C CB  . LYS A 38 ? 0.7528 0.9325 0.9005 -0.0271 -0.1209 0.2069  18 LYS A CB  
105 C CG  . LYS A 38 ? 0.8452 1.0668 1.0002 -0.0242 -0.1245 0.2310  18 LYS A CG  
106 C CD  . LYS A 38 ? 1.0483 1.2882 1.2518 -0.0309 -0.1275 0.2603  18 LYS A CD  
107 C CE  . LYS A 38 ? 1.2018 1.4899 1.4022 -0.0232 -0.1282 0.2853  18 LYS A CE  
108 N NZ  . LYS A 38 ? 1.2512 1.5519 1.4996 -0.0301 -0.1316 0.3151  18 LYS A NZ  
109 N N   . GLU A 39 ? 0.7340 0.8897 0.8190 -0.0127 -0.1183 0.1743  19 GLU A N   
110 C CA  . GLU A 39 ? 0.7320 0.8902 0.8020 -0.0032 -0.1227 0.1651  19 GLU A CA  
111 C C   . GLU A 39 ? 0.7982 0.9355 0.8472 -0.0019 -0.1242 0.1514  19 GLU A C   
112 O O   . GLU A 39 ? 0.7900 0.9386 0.8287 0.0082  -0.1332 0.1442  19 GLU A O   
113 C CB  . GLU A 39 ? 0.7418 0.8889 0.8283 -0.0045 -0.1206 0.1633  19 GLU A CB  
114 C CG  . GLU A 39 ? 0.7880 0.9449 0.8715 0.0071  -0.1289 0.1540  19 GLU A CG  
115 C CD  . GLU A 39 ? 0.9889 1.1903 1.0676 0.0217  -0.1385 0.1562  19 GLU A CD  
116 O OE1 . GLU A 39 ? 0.8238 1.0554 0.9080 0.0213  -0.1367 0.1746  19 GLU A OE1 
117 O OE2 . GLU A 39 ? 0.8845 1.0951 0.9585 0.0344  -0.1492 0.1397  19 GLU A OE2 
118 N N   . PHE A 40 ? 0.7728 0.8846 0.8184 -0.0105 -0.1167 0.1476  20 PHE A N   
119 C CA  . PHE A 40 ? 0.7877 0.8830 0.8153 -0.0106 -0.1175 0.1414  20 PHE A CA  
120 C C   . PHE A 40 ? 0.9040 1.0090 0.9149 -0.0047 -0.1256 0.1393  20 PHE A C   
121 O O   . PHE A 40 ? 0.9140 1.0137 0.9178 0.0010  -0.1340 0.1344  20 PHE A O   
122 C CB  . PHE A 40 ? 0.8144 0.8954 0.8383 -0.0189 -0.1072 0.1395  20 PHE A CB  
123 C CG  . PHE A 40 ? 0.8513 0.9223 0.8566 -0.0190 -0.1074 0.1401  20 PHE A CG  
124 C CD1 . PHE A 40 ? 0.8850 0.9458 0.8966 -0.0199 -0.1079 0.1451  20 PHE A CD1 
125 C CD2 . PHE A 40 ? 0.8920 0.9654 0.8781 -0.0184 -0.1085 0.1382  20 PHE A CD2 
126 C CE1 . PHE A 40 ? 0.9113 0.9657 0.9125 -0.0212 -0.1093 0.1527  20 PHE A CE1 
127 C CE2 . PHE A 40 ? 0.9370 1.0042 0.9071 -0.0182 -0.1100 0.1430  20 PHE A CE2 
128 C CZ  . PHE A 40 ? 0.9174 0.9757 0.8960 -0.0201 -0.1103 0.1526  20 PHE A CZ  
129 N N   . HIS A 41 ? 0.9002 1.0199 0.9108 -0.0058 -0.1248 0.1429  21 HIS A N   
130 C CA  . HIS A 41 ? 0.9201 1.0517 0.9165 -0.0004 -0.1317 0.1405  21 HIS A CA  
131 C C   . HIS A 41 ? 0.9220 1.0803 0.9178 0.0118  -0.1418 0.1375  21 HIS A C   
132 O O   . HIS A 41 ? 0.9281 1.0880 0.9127 0.0192  -0.1512 0.1280  21 HIS A O   
133 C CB  . HIS A 41 ? 0.9526 1.0926 0.9559 -0.0057 -0.1284 0.1454  21 HIS A CB  
134 C CG  . HIS A 41 ? 1.0341 1.1522 1.0326 -0.0121 -0.1232 0.1381  21 HIS A CG  
135 N ND1 . HIS A 41 ? 1.0704 1.1836 1.0903 -0.0185 -0.1175 0.1369  21 HIS A ND1 
136 C CD2 . HIS A 41 ? 1.0854 1.1902 1.0614 -0.0109 -0.1238 0.1310  21 HIS A CD2 
137 C CE1 . HIS A 41 ? 1.0805 1.1829 1.0877 -0.0194 -0.1146 0.1256  21 HIS A CE1 
138 N NE2 . HIS A 41 ? 1.0929 1.1910 1.0718 -0.0154 -0.1174 0.1246  21 HIS A NE2 
139 N N   . THR A 42 ? 0.8339 1.0136 0.8429 0.0156  -0.1416 0.1427  22 THR A N   
140 C CA  . THR A 42 ? 0.8182 1.0327 0.8271 0.0308  -0.1521 0.1355  22 THR A CA  
141 C C   . THR A 42 ? 0.8659 1.0615 0.8762 0.0387  -0.1636 0.1167  22 THR A C   
142 O O   . THR A 42 ? 0.8716 1.0863 0.8800 0.0524  -0.1773 0.1014  22 THR A O   
143 C CB  . THR A 42 ? 0.8393 1.0826 0.8623 0.0331  -0.1491 0.1474  22 THR A CB  
144 O OG1 . THR A 42 ? 0.8354 1.0872 0.8701 0.0223  -0.1399 0.1693  22 THR A OG1 
145 C CG2 . THR A 42 ? 0.7538 1.0492 0.7739 0.0517  -0.1593 0.1401  22 THR A CG2 
146 N N   . ASN A 43 ? 0.8177 0.9790 0.8375 0.0303  -0.1592 0.1179  23 ASN A N   
147 C CA  . ASN A 43 ? 0.8223 0.9618 0.8557 0.0341  -0.1696 0.1067  23 ASN A CA  
148 C C   . ASN A 43 ? 0.8798 0.9827 0.9190 0.0194  -0.1586 0.1172  23 ASN A C   
149 O O   . ASN A 43 ? 0.8748 0.9744 0.9197 0.0122  -0.1471 0.1242  23 ASN A O   
150 C CB  . ASN A 43 ? 0.7712 0.9333 0.8235 0.0485  -0.1820 0.0925  23 ASN A CB  
151 C CG  . ASN A 43 ? 1.0073 1.1919 1.0619 0.0485  -0.1736 0.1009  23 ASN A CG  
152 O OD1 . ASN A 43 ? 0.8623 1.0277 0.9200 0.0351  -0.1599 0.1148  23 ASN A OD1 
153 N ND2 . ASN A 43 ? 0.9524 1.1833 1.0074 0.0650  -0.1829 0.0922  23 ASN A ND2 
154 N N   . HIS A 44 ? 0.8256 0.9061 0.8651 0.0157  -0.1625 0.1196  24 HIS A N   
155 C CA  . HIS A 44 ? 0.8333 0.8904 0.8771 0.0031  -0.1516 0.1330  24 HIS A CA  
156 C C   . HIS A 44 ? 0.8931 0.9409 0.9676 0.0024  -0.1543 0.1330  24 HIS A C   
157 O O   . HIS A 44 ? 0.8912 0.9300 0.9707 -0.0078 -0.1410 0.1437  24 HIS A O   
158 C CB  . HIS A 44 ? 0.8625 0.9061 0.8992 -0.0002 -0.1556 0.1417  24 HIS A CB  
159 C CG  . HIS A 44 ? 0.9032 0.9552 0.9114 0.0012  -0.1543 0.1399  24 HIS A CG  
160 N ND1 . HIS A 44 ? 0.9307 0.9749 0.9317 0.0022  -0.1630 0.1443  24 HIS A ND1 
161 C CD2 . HIS A 44 ? 0.9095 0.9763 0.9008 0.0014  -0.1468 0.1354  24 HIS A CD2 
162 C CE1 . HIS A 44 ? 0.9217 0.9766 0.8989 0.0039  -0.1600 0.1393  24 HIS A CE1 
163 N NE2 . HIS A 44 ? 0.9118 0.9807 0.8851 0.0031  -0.1506 0.1344  24 HIS A NE2 
164 N N   . TYR A 45 ? 0.8451 0.8991 0.9427 0.0145  -0.1725 0.1183  25 TYR A N   
165 C CA  . TYR A 45 ? 0.8303 0.8763 0.9637 0.0157  -0.1789 0.1145  25 TYR A CA  
166 C C   . TYR A 45 ? 0.8463 0.9154 0.9830 0.0265  -0.1822 0.0997  25 TYR A C   
167 O O   . TYR A 45 ? 0.8341 0.9307 0.9584 0.0396  -0.1908 0.0869  25 TYR A O   
168 C CB  . TYR A 45 ? 0.8520 0.8851 1.0228 0.0218  -0.2017 0.1083  25 TYR A CB  
169 C CG  . TYR A 45 ? 0.8876 0.9000 1.0600 0.0097  -0.1985 0.1311  25 TYR A CG  
170 C CD1 . TYR A 45 ? 0.9183 0.9165 1.1092 -0.0044 -0.1873 0.1545  25 TYR A CD1 
171 C CD2 . TYR A 45 ? 0.9055 0.9183 1.0602 0.0127  -0.2057 0.1315  25 TYR A CD2 
172 C CE1 . TYR A 45 ? 0.9359 0.9251 1.1261 -0.0149 -0.1830 0.1807  25 TYR A CE1 
173 C CE2 . TYR A 45 ? 0.9299 0.9282 1.0840 0.0023  -0.2029 0.1556  25 TYR A CE2 
174 C CZ  . TYR A 45 ? 0.9953 0.9842 1.1658 -0.0114 -0.1910 0.1816  25 TYR A CZ  
175 O OH  . TYR A 45 ? 0.9853 0.9694 1.1547 -0.0208 -0.1875 0.2102  25 TYR A OH  
176 N N   . LEU A 46 ? 0.7805 0.8436 0.9341 0.0215  -0.1749 0.1028  26 LEU A N   
177 C CA  . LEU A 46 ? 0.7530 0.8390 0.9118 0.0317  -0.1786 0.0914  26 LEU A CA  
178 C C   . LEU A 46 ? 0.8176 0.9012 1.0177 0.0416  -0.1966 0.0747  26 LEU A C   
179 O O   . LEU A 46 ? 0.8307 0.8878 1.0608 0.0340  -0.1997 0.0797  26 LEU A O   
180 C CB  . LEU A 46 ? 0.7353 0.8184 0.8867 0.0202  -0.1591 0.1048  26 LEU A CB  
181 C CG  . LEU A 46 ? 0.7554 0.8395 0.8788 0.0100  -0.1427 0.1186  26 LEU A CG  
182 C CD1 . LEU A 46 ? 0.7418 0.8235 0.8731 0.0019  -0.1302 0.1253  26 LEU A CD1 
183 C CD2 . LEU A 46 ? 0.7198 0.8313 0.8221 0.0186  -0.1477 0.1178  26 LEU A CD2 
184 N N   . THR A 47 ? 0.7564 0.8720 0.9607 0.0594  -0.2091 0.0558  27 THR A N   
185 C CA  . THR A 47 ? 0.7484 0.8674 0.9941 0.0719  -0.2282 0.0344  27 THR A CA  
186 C C   . THR A 47 ? 0.7919 0.9017 1.0453 0.0623  -0.2142 0.0451  27 THR A C   
187 O O   . THR A 47 ? 0.7812 0.8918 1.0068 0.0512  -0.1942 0.0638  27 THR A O   
188 C CB  . THR A 47 ? 0.7912 0.9588 1.0351 0.0987  -0.2488 0.0061  27 THR A CB  
189 O OG1 . THR A 47 ? 0.8107 1.0141 1.0198 0.1016  -0.2359 0.0171  27 THR A OG1 
190 C CG2 . THR A 47 ? 0.7406 0.9213 0.9811 0.1103  -0.2644 -0.0093 27 THR A CG2 
191 N N   . ARG A 48 ? 0.7555 0.8560 1.0518 0.0667  -0.2262 0.0321  28 ARG A N   
192 C CA  . ARG A 48 ? 0.7441 0.8374 1.0502 0.0587  -0.2142 0.0399  28 ARG A CA  
193 C C   . ARG A 48 ? 0.7812 0.9106 1.0579 0.0685  -0.2103 0.0396  28 ARG A C   
194 O O   . ARG A 48 ? 0.7730 0.8958 1.0367 0.0558  -0.1922 0.0579  28 ARG A O   
195 C CB  . ARG A 48 ? 0.7527 0.8345 1.1146 0.0644  -0.2310 0.0232  28 ARG A CB  
196 C CG  . ARG A 48 ? 0.8476 0.9211 1.2232 0.0557  -0.2186 0.0303  28 ARG A CG  
197 C CD  . ARG A 48 ? 0.8985 0.9772 1.3231 0.0698  -0.2402 0.0055  28 ARG A CD  
198 N NE  . ARG A 48 ? 1.1030 1.1947 1.5235 0.0724  -0.2340 0.0042  28 ARG A NE  
199 C CZ  . ARG A 48 ? 1.4198 1.4904 1.8585 0.0572  -0.2193 0.0166  28 ARG A CZ  
200 N NH1 . ARG A 48 ? 1.3108 1.3520 1.7703 0.0380  -0.2068 0.0334  28 ARG A NH1 
201 N NH2 . ARG A 48 ? 1.2639 1.3476 1.7010 0.0617  -0.2171 0.0135  28 ARG A NH2 
202 N N   . ARG A 49 ? 0.7322 0.9045 1.0008 0.0913  -0.2281 0.0202  29 ARG A N   
203 C CA  . ARG A 49 ? 0.7202 0.9381 0.9622 0.1020  -0.2255 0.0260  29 ARG A CA  
204 C C   . ARG A 49 ? 0.7760 0.9920 0.9837 0.0860  -0.2040 0.0566  29 ARG A C   
205 O O   . ARG A 49 ? 0.7717 0.9908 0.9754 0.0781  -0.1925 0.0753  29 ARG A O   
206 C CB  . ARG A 49 ? 0.6994 0.9746 0.9360 0.1310  -0.2474 0.0000  29 ARG A CB  
207 C CG  . ARG A 49 ? 0.8030 1.1398 1.0126 0.1444  -0.2454 0.0107  29 ARG A CG  
208 C CD  . ARG A 49 ? 1.0869 1.4260 1.3078 0.1424  -0.2412 0.0211  29 ARG A CD  
209 N NE  . ARG A 49 ? 1.2659 1.6127 1.5197 0.1604  -0.2622 -0.0119 29 ARG A NE  
210 C CZ  . ARG A 49 ? 1.3004 1.6148 1.5831 0.1523  -0.2610 -0.0130 29 ARG A CZ  
211 N NH1 . ARG A 49 ? 0.9736 1.2478 1.2550 0.1274  -0.2396 0.0154  29 ARG A NH1 
212 N NH2 . ARG A 49 ? 1.0994 1.4237 1.4159 0.1705  -0.2825 -0.0455 29 ARG A NH2 
213 N N   . ARG A 50 ? 0.7270 0.9343 0.9167 0.0806  -0.2003 0.0607  30 ARG A N   
214 C CA  . ARG A 50 ? 0.7172 0.9202 0.8808 0.0659  -0.1825 0.0858  30 ARG A CA  
215 C C   . ARG A 50 ? 0.7788 0.9422 0.9501 0.0446  -0.1649 0.1021  30 ARG A C   
216 O O   . ARG A 50 ? 0.7846 0.9552 0.9495 0.0371  -0.1547 0.1199  30 ARG A O   
217 C CB  . ARG A 50 ? 0.6993 0.8990 0.8448 0.0653  -0.1839 0.0837  30 ARG A CB  
218 C CG  . ARG A 50 ? 0.7510 0.9590 0.8715 0.0553  -0.1700 0.1060  30 ARG A CG  
219 C CD  . ARG A 50 ? 0.7716 1.0264 0.8861 0.0621  -0.1687 0.1213  30 ARG A CD  
220 N NE  . ARG A 50 ? 0.8684 1.1369 0.9673 0.0549  -0.1601 0.1411  30 ARG A NE  
221 C CZ  . ARG A 50 ? 0.9811 1.2843 1.0818 0.0538  -0.1557 0.1656  30 ARG A CZ  
222 N NH1 . ARG A 50 ? 0.7670 1.0947 0.8803 0.0594  -0.1582 0.1750  30 ARG A NH1 
223 N NH2 . ARG A 50 ? 0.8716 1.1852 0.9657 0.0467  -0.1495 0.1833  30 ARG A NH2 
224 N N   . ARG A 51 ? 0.7303 0.8573 0.9202 0.0355  -0.1622 0.0963  31 ARG A N   
225 C CA  . ARG A 51 ? 0.7231 0.8217 0.9216 0.0180  -0.1454 0.1075  31 ARG A CA  
226 C C   . ARG A 51 ? 0.7912 0.8990 1.0039 0.0185  -0.1433 0.1108  31 ARG A C   
227 O O   . ARG A 51 ? 0.7940 0.8944 1.0066 0.0076  -0.1313 0.1220  31 ARG A O   
228 C CB  . ARG A 51 ? 0.7276 0.7989 0.9487 0.0114  -0.1449 0.1031  31 ARG A CB  
229 C CG  . ARG A 51 ? 0.8504 0.9026 1.0786 -0.0051 -0.1262 0.1133  31 ARG A CG  
230 C CD  . ARG A 51 ? 0.9620 0.9973 1.2199 -0.0111 -0.1257 0.1143  31 ARG A CD  
231 N NE  . ARG A 51 ? 1.2518 1.2801 1.5113 -0.0097 -0.1349 0.1169  31 ARG A NE  
232 C CZ  . ARG A 51 ? 1.5932 1.6140 1.8888 -0.0044 -0.1514 0.1103  31 ARG A CZ  
233 N NH1 . ARG A 51 ? 1.4804 1.5006 1.8116 0.0001  -0.1592 0.0998  31 ARG A NH1 
234 N NH2 . ARG A 51 ? 1.4704 1.4840 1.7728 -0.0032 -0.1622 0.1135  31 ARG A NH2 
235 N N   . ILE A 52 ? 0.7544 0.8812 0.9819 0.0329  -0.1573 0.0994  32 ILE A N   
236 C CA  . ILE A 52 ? 0.7464 0.8867 0.9877 0.0362  -0.1585 0.1034  32 ILE A CA  
237 C C   . ILE A 52 ? 0.7977 0.9639 1.0225 0.0355  -0.1546 0.1243  32 ILE A C   
238 O O   . ILE A 52 ? 0.7862 0.9420 1.0233 0.0248  -0.1464 0.1374  32 ILE A O   
239 C CB  . ILE A 52 ? 0.7842 0.9477 1.0422 0.0554  -0.1769 0.0846  32 ILE A CB  
240 C CG1 . ILE A 52 ? 0.7877 0.9238 1.0761 0.0553  -0.1841 0.0647  32 ILE A CG1 
241 C CG2 . ILE A 52 ? 0.7821 0.9639 1.0509 0.0595  -0.1787 0.0921  32 ILE A CG2 
242 C CD1 . ILE A 52 ? 0.8075 0.9171 1.1256 0.0444  -0.1768 0.0651  32 ILE A CD1 
243 N N   . GLU A 53 ? 0.7712 0.9723 0.9739 0.0467  -0.1614 0.1277  33 GLU A N   
244 C CA  . GLU A 53 ? 0.7695 1.0026 0.9607 0.0461  -0.1583 0.1527  33 GLU A CA  
245 C C   . GLU A 53 ? 0.8406 1.0434 1.0380 0.0262  -0.1449 0.1684  33 GLU A C   
246 O O   . GLU A 53 ? 0.8419 1.0486 1.0583 0.0194  -0.1426 0.1876  33 GLU A O   
247 C CB  . GLU A 53 ? 0.7831 1.0561 0.9491 0.0596  -0.1652 0.1504  33 GLU A CB  
248 C CG  . GLU A 53 ? 0.8933 1.2211 1.0556 0.0834  -0.1801 0.1402  33 GLU A CG  
249 C CD  . GLU A 53 ? 1.2482 1.6179 1.3895 0.1016  -0.1902 0.1246  33 GLU A CD  
250 O OE1 . GLU A 53 ? 0.9906 1.3642 1.1156 0.0957  -0.1838 0.1354  33 GLU A OE1 
251 O OE2 . GLU A 53 ? 1.3300 1.7317 1.4740 0.1235  -0.2063 0.0987  33 GLU A OE2 
252 N N   . MET A 54 ? 0.8052 0.9779 0.9917 0.0181  -0.1382 0.1582  34 MET A N   
253 C CA  . MET A 54 ? 0.8113 0.9575 1.0007 0.0027  -0.1269 0.1637  34 MET A CA  
254 C C   . MET A 54 ? 0.8353 0.9599 1.0529 -0.0064 -0.1215 0.1622  34 MET A C   
255 O O   . MET A 54 ? 0.8200 0.9405 1.0550 -0.0147 -0.1187 0.1716  34 MET A O   
256 C CB  . MET A 54 ? 0.8563 0.9792 1.0275 -0.0011 -0.1221 0.1503  34 MET A CB  
257 C CG  . MET A 54 ? 0.9176 1.0570 1.0639 0.0064  -0.1278 0.1496  34 MET A CG  
258 S SD  . MET A 54 ? 0.9953 1.1600 1.1363 0.0037  -0.1262 0.1701  34 MET A SD  
259 C CE  . MET A 54 ? 0.9539 1.0843 1.1010 -0.0123 -0.1150 0.1682  34 MET A CE  
260 N N   . ALA A 55 ? 0.7846 0.8964 1.0122 -0.0044 -0.1218 0.1486  35 ALA A N   
261 C CA  . ALA A 55 ? 0.7699 0.8642 1.0253 -0.0115 -0.1167 0.1433  35 ALA A CA  
262 C C   . ALA A 55 ? 0.8141 0.9208 1.0943 -0.0113 -0.1225 0.1570  35 ALA A C   
263 O O   . ALA A 55 ? 0.8069 0.9018 1.1108 -0.0200 -0.1189 0.1579  35 ALA A O   
264 C CB  . ALA A 55 ? 0.7771 0.8624 1.0421 -0.0076 -0.1185 0.1293  35 ALA A CB  
265 N N   . HIS A 56 ? 0.7721 0.9079 1.0493 0.0000  -0.1330 0.1680  36 HIS A N   
266 C CA  . HIS A 56 ? 0.7636 0.9193 1.0648 0.0015  -0.1404 0.1886  36 HIS A CA  
267 C C   . HIS A 56 ? 0.8251 0.9921 1.1354 -0.0056 -0.1406 0.2132  36 HIS A C   
268 O O   . HIS A 56 ? 0.8458 1.0113 1.1927 -0.0119 -0.1449 0.2289  36 HIS A O   
269 C CB  . HIS A 56 ? 0.7649 0.9587 1.0569 0.0183  -0.1516 0.1933  36 HIS A CB  
270 C CG  . HIS A 56 ? 0.8002 0.9828 1.0979 0.0256  -0.1554 0.1689  36 HIS A CG  
271 N ND1 . HIS A 56 ? 0.8167 0.9710 1.1438 0.0180  -0.1523 0.1600  36 HIS A ND1 
272 C CD2 . HIS A 56 ? 0.8231 1.0220 1.1071 0.0408  -0.1639 0.1509  36 HIS A CD2 
273 C CE1 . HIS A 56 ? 0.8109 0.9629 1.1404 0.0268  -0.1576 0.1397  36 HIS A CE1 
274 N NE2 . HIS A 56 ? 0.8196 0.9968 1.1264 0.0410  -0.1660 0.1326  36 HIS A NE2 
275 N N   . ALA A 57 ? 0.7644 0.9422 1.0478 -0.0048 -0.1378 0.2167  37 ALA A N   
276 C CA  . ALA A 57 ? 0.7492 0.9398 1.0439 -0.0115 -0.1385 0.2405  37 ALA A CA  
277 C C   . ALA A 57 ? 0.8121 0.9684 1.1346 -0.0251 -0.1348 0.2323  37 ALA A C   
278 O O   . ALA A 57 ? 0.8389 0.9985 1.2020 -0.0319 -0.1411 0.2518  37 ALA A O   
279 C CB  . ALA A 57 ? 0.7510 0.9626 1.0092 -0.0058 -0.1366 0.2416  37 ALA A CB  
280 N N   . LEU A 58 ? 0.7477 0.8756 1.0528 -0.0278 -0.1263 0.2040  38 LEU A N   
281 C CA  . LEU A 58 ? 0.7348 0.8388 1.0586 -0.0366 -0.1224 0.1882  38 LEU A CA  
282 C C   . LEU A 58 ? 0.7761 0.8621 1.1303 -0.0394 -0.1214 0.1708  38 LEU A C   
283 O O   . LEU A 58 ? 0.7759 0.8493 1.1501 -0.0440 -0.1197 0.1530  38 LEU A O   
284 C CB  . LEU A 58 ? 0.7356 0.8297 1.0198 -0.0364 -0.1130 0.1705  38 LEU A CB  
285 C CG  . LEU A 58 ? 0.7861 0.8959 1.0372 -0.0325 -0.1137 0.1811  38 LEU A CG  
286 C CD1 . LEU A 58 ? 0.7887 0.8853 1.0128 -0.0342 -0.1066 0.1645  38 LEU A CD1 
287 C CD2 . LEU A 58 ? 0.8046 0.9329 1.0782 -0.0353 -0.1210 0.2044  38 LEU A CD2 
288 N N   . CYS A 59 ? 0.7232 0.8119 1.0825 -0.0352 -0.1234 0.1729  39 CYS A N   
289 C CA  . CYS A 59 ? 0.7236 0.7981 1.1124 -0.0370 -0.1227 0.1564  39 CYS A CA  
290 C C   . CYS A 59 ? 0.7769 0.8377 1.1519 -0.0396 -0.1096 0.1280  39 CYS A C   
291 O O   . CYS A 59 ? 0.7724 0.8275 1.1754 -0.0426 -0.1082 0.1098  39 CYS A O   
292 C CB  . CYS A 59 ? 0.7227 0.7950 1.1677 -0.0412 -0.1345 0.1645  39 CYS A CB  
293 S SG  . CYS A 59 ? 0.7666 0.8637 1.2331 -0.0385 -0.1492 0.2069  39 CYS A SG  
294 N N   . LEU A 60 ? 0.7434 0.8048 1.0777 -0.0375 -0.1013 0.1254  40 LEU A N   
295 C CA  . LEU A 60 ? 0.7503 0.8064 1.0654 -0.0397 -0.0881 0.1091  40 LEU A CA  
296 C C   . LEU A 60 ? 0.8067 0.8605 1.1129 -0.0365 -0.0871 0.1109  40 LEU A C   
297 O O   . LEU A 60 ? 0.8125 0.8716 1.1090 -0.0303 -0.0962 0.1214  40 LEU A O   
298 C CB  . LEU A 60 ? 0.7490 0.8077 1.0290 -0.0403 -0.0839 0.1116  40 LEU A CB  
299 C CG  . LEU A 60 ? 0.7979 0.8599 1.0833 -0.0425 -0.0847 0.1053  40 LEU A CG  
300 C CD1 . LEU A 60 ? 0.7949 0.8596 1.0461 -0.0415 -0.0847 0.1135  40 LEU A CD1 
301 C CD2 . LEU A 60 ? 0.8159 0.8832 1.1110 -0.0437 -0.0755 0.0818  40 LEU A CD2 
302 N N   . THR A 61 ? 0.7515 0.8024 1.0630 -0.0394 -0.0771 0.1006  41 THR A N   
303 C CA  . THR A 61 ? 0.7442 0.7911 1.0573 -0.0368 -0.0789 0.1026  41 THR A CA  
304 C C   . THR A 61 ? 0.8171 0.8627 1.1027 -0.0346 -0.0810 0.1101  41 THR A C   
305 O O   . THR A 61 ? 0.8262 0.8740 1.0876 -0.0367 -0.0772 0.1138  41 THR A O   
306 C CB  . THR A 61 ? 0.7922 0.8394 1.1254 -0.0420 -0.0674 0.0942  41 THR A CB  
307 O OG1 . THR A 61 ? 0.8163 0.8712 1.1310 -0.0473 -0.0543 0.0962  41 THR A OG1 
308 C CG2 . THR A 61 ? 0.7466 0.7971 1.1097 -0.0431 -0.0659 0.0822  41 THR A CG2 
309 N N   . GLU A 62 ? 0.7907 0.8329 1.0849 -0.0295 -0.0894 0.1097  42 GLU A N   
310 C CA  . GLU A 62 ? 0.8000 0.8394 1.0820 -0.0263 -0.0955 0.1131  42 GLU A CA  
311 C C   . GLU A 62 ? 0.8673 0.9034 1.1406 -0.0363 -0.0816 0.1206  42 GLU A C   
312 O O   . GLU A 62 ? 0.8750 0.9109 1.1252 -0.0360 -0.0829 0.1266  42 GLU A O   
313 C CB  . GLU A 62 ? 0.8228 0.8581 1.1342 -0.0200 -0.1074 0.1063  42 GLU A CB  
314 C CG  . GLU A 62 ? 0.9626 1.0097 1.2730 -0.0043 -0.1270 0.0974  42 GLU A CG  
315 C CD  . GLU A 62 ? 1.3263 1.3685 1.6675 0.0030  -0.1421 0.0862  42 GLU A CD  
316 O OE1 . GLU A 62 ? 1.2464 1.2844 1.5865 0.0052  -0.1498 0.0859  42 GLU A OE1 
317 O OE2 . GLU A 62 ? 1.2080 1.2494 1.5804 0.0065  -0.1476 0.0771  42 GLU A OE2 
318 N N   . ARG A 63 ? 0.8331 0.8723 1.1246 -0.0442 -0.0681 0.1210  43 ARG A N   
319 C CA  . ARG A 63 ? 0.8461 0.8951 1.1303 -0.0527 -0.0527 0.1309  43 ARG A CA  
320 C C   . ARG A 63 ? 0.8962 0.9558 1.1471 -0.0532 -0.0451 0.1285  43 ARG A C   
321 O O   . ARG A 63 ? 0.8949 0.9601 1.1247 -0.0553 -0.0412 0.1388  43 ARG A O   
322 C CB  . ARG A 63 ? 0.8606 0.9216 1.1732 -0.0588 -0.0394 0.1301  43 ARG A CB  
323 C CG  . ARG A 63 ? 1.0005 1.0795 1.3151 -0.0669 -0.0253 0.1487  43 ARG A CG  
324 C CD  . ARG A 63 ? 1.1752 1.2820 1.5055 -0.0715 -0.0072 0.1453  43 ARG A CD  
325 N NE  . ARG A 63 ? 1.4135 1.5500 1.7392 -0.0782 0.0083  0.1678  43 ARG A NE  
326 C CZ  . ARG A 63 ? 1.6511 1.8260 1.9552 -0.0776 0.0248  0.1649  43 ARG A CZ  
327 N NH1 . ARG A 63 ? 1.4877 1.6711 1.7789 -0.0706 0.0261  0.1363  43 ARG A NH1 
328 N NH2 . ARG A 63 ? 1.4981 1.7071 1.7970 -0.0828 0.0385  0.1907  43 ARG A NH2 
329 N N   . GLN A 64 ? 0.8459 0.9083 1.0975 -0.0507 -0.0457 0.1150  44 GLN A N   
330 C CA  . GLN A 64 ? 0.8445 0.9161 1.0758 -0.0498 -0.0427 0.1082  44 GLN A CA  
331 C C   . GLN A 64 ? 0.9016 0.9656 1.1057 -0.0470 -0.0514 0.1165  44 GLN A C   
332 O O   . GLN A 64 ? 0.9219 0.9943 1.1034 -0.0473 -0.0470 0.1162  44 GLN A O   
333 C CB  . GLN A 64 ? 0.8539 0.9258 1.1068 -0.0477 -0.0473 0.0938  44 GLN A CB  
334 C CG  . GLN A 64 ? 0.9226 1.0055 1.2037 -0.0492 -0.0394 0.0803  44 GLN A CG  
335 C CD  . GLN A 64 ? 1.0563 1.1374 1.3655 -0.0468 -0.0479 0.0656  44 GLN A CD  
336 O OE1 . GLN A 64 ? 1.0029 1.0704 1.3314 -0.0456 -0.0593 0.0710  44 GLN A OE1 
337 N NE2 . GLN A 64 ? 0.9047 1.0029 1.2201 -0.0448 -0.0441 0.0466  44 GLN A NE2 
338 N N   . ILE A 65 ? 0.8391 0.8919 1.0453 -0.0426 -0.0642 0.1219  45 ILE A N   
339 C CA  . ILE A 65 ? 0.8314 0.8822 1.0146 -0.0381 -0.0736 0.1279  45 ILE A CA  
340 C C   . ILE A 65 ? 0.8921 0.9391 1.0638 -0.0394 -0.0730 0.1360  45 ILE A C   
341 O O   . ILE A 65 ? 0.8977 0.9466 1.0453 -0.0390 -0.0735 0.1396  45 ILE A O   
342 C CB  . ILE A 65 ? 0.8542 0.9069 1.0439 -0.0299 -0.0877 0.1285  45 ILE A CB  
343 C CG1 . ILE A 65 ? 0.8465 0.9075 1.0406 -0.0299 -0.0894 0.1303  45 ILE A CG1 
344 C CG2 . ILE A 65 ? 0.8565 0.9123 1.0280 -0.0227 -0.0985 0.1311  45 ILE A CG2 
345 C CD1 . ILE A 65 ? 0.8439 0.9102 1.0577 -0.0263 -0.0958 0.1322  45 ILE A CD1 
346 N N   . LYS A 66 ? 0.8516 0.8932 1.0458 -0.0414 -0.0732 0.1403  46 LYS A N   
347 C CA  . LYS A 66 ? 0.8646 0.9014 1.0635 -0.0441 -0.0758 0.1529  46 LYS A CA  
348 C C   . LYS A 66 ? 0.9425 0.9912 1.1206 -0.0508 -0.0619 0.1649  46 LYS A C   
349 O O   . LYS A 66 ? 0.9537 0.9998 1.1175 -0.0504 -0.0670 0.1747  46 LYS A O   
350 C CB  . LYS A 66 ? 0.8951 0.9254 1.1348 -0.0464 -0.0791 0.1567  46 LYS A CB  
351 C CG  . LYS A 66 ? 1.1206 1.1425 1.3816 -0.0486 -0.0884 0.1715  46 LYS A CG  
352 C CD  . LYS A 66 ? 1.2520 1.2621 1.5603 -0.0439 -0.1053 0.1645  46 LYS A CD  
353 C CE  . LYS A 66 ? 1.3697 1.3693 1.7143 -0.0465 -0.1188 0.1794  46 LYS A CE  
354 N NZ  . LYS A 66 ? 1.4052 1.3937 1.8028 -0.0388 -0.1406 0.1654  46 LYS A NZ  
355 N N   . ILE A 67 ? 0.8942 0.9602 1.0710 -0.0551 -0.0456 0.1616  47 ILE A N   
356 C CA  . ILE A 67 ? 0.8971 0.9876 1.0531 -0.0583 -0.0310 0.1681  47 ILE A CA  
357 C C   . ILE A 67 ? 0.9545 1.0471 1.0775 -0.0533 -0.0345 0.1591  47 ILE A C   
358 O O   . ILE A 67 ? 0.9761 1.0790 1.0773 -0.0537 -0.0321 0.1704  47 ILE A O   
359 C CB  . ILE A 67 ? 0.9325 1.0481 1.1003 -0.0601 -0.0154 0.1583  47 ILE A CB  
360 C CG1 . ILE A 67 ? 0.9334 1.0547 1.1343 -0.0665 -0.0088 0.1729  47 ILE A CG1 
361 C CG2 . ILE A 67 ? 0.9579 1.1093 1.0998 -0.0579 -0.0026 0.1538  47 ILE A CG2 
362 C CD1 . ILE A 67 ? 0.9943 1.1315 1.2153 -0.0664 0.0010  0.1563  47 ILE A CD1 
363 N N   . TRP A 68 ? 0.8834 0.9682 1.0067 -0.0492 -0.0406 0.1412  48 TRP A N   
364 C CA  . TRP A 68 ? 0.8763 0.9630 0.9777 -0.0452 -0.0453 0.1325  48 TRP A CA  
365 C C   . TRP A 68 ? 0.9137 0.9905 0.9945 -0.0436 -0.0541 0.1447  48 TRP A C   
366 O O   . TRP A 68 ? 0.9190 1.0056 0.9762 -0.0425 -0.0520 0.1462  48 TRP A O   
367 C CB  . TRP A 68 ? 0.8490 0.9275 0.9661 -0.0427 -0.0535 0.1204  48 TRP A CB  
368 C CG  . TRP A 68 ? 0.8694 0.9532 0.9762 -0.0400 -0.0576 0.1111  48 TRP A CG  
369 C CD1 . TRP A 68 ? 0.9112 1.0082 1.0289 -0.0383 -0.0553 0.0931  48 TRP A CD1 
370 C CD2 . TRP A 68 ? 0.8682 0.9465 0.9574 -0.0376 -0.0664 0.1169  48 TRP A CD2 
371 N NE1 . TRP A 68 ? 0.9050 1.0024 1.0162 -0.0358 -0.0630 0.0883  48 TRP A NE1 
372 C CE2 . TRP A 68 ? 0.9174 1.0041 1.0089 -0.0359 -0.0685 0.1043  48 TRP A CE2 
373 C CE3 . TRP A 68 ? 0.8843 0.9543 0.9598 -0.0355 -0.0740 0.1287  48 TRP A CE3 
374 C CZ2 . TRP A 68 ? 0.9085 0.9941 0.9885 -0.0339 -0.0763 0.1066  48 TRP A CZ2 
375 C CZ3 . TRP A 68 ? 0.9060 0.9779 0.9668 -0.0326 -0.0812 0.1295  48 TRP A CZ3 
376 C CH2 . TRP A 68 ? 0.9175 0.9964 0.9800 -0.0326 -0.0814 0.1204  48 TRP A CH2 
377 N N   . PHE A 69 ? 0.8428 0.9034 0.9350 -0.0420 -0.0653 0.1509  49 PHE A N   
378 C CA  . PHE A 69 ? 0.8316 0.8834 0.9131 -0.0385 -0.0774 0.1579  49 PHE A CA  
379 C C   . PHE A 69 ? 0.9289 0.9824 1.0065 -0.0425 -0.0748 0.1750  49 PHE A C   
380 O O   . PHE A 69 ? 0.9574 1.0090 1.0178 -0.0402 -0.0817 0.1798  49 PHE A O   
381 C CB  . PHE A 69 ? 0.8279 0.8699 0.9292 -0.0325 -0.0920 0.1540  49 PHE A CB  
382 C CG  . PHE A 69 ? 0.8173 0.8659 0.9088 -0.0254 -0.0997 0.1446  49 PHE A CG  
383 C CD1 . PHE A 69 ? 0.8127 0.8683 0.9115 -0.0261 -0.0952 0.1403  49 PHE A CD1 
384 C CD2 . PHE A 69 ? 0.8308 0.8830 0.9088 -0.0183 -0.1113 0.1427  49 PHE A CD2 
385 C CE1 . PHE A 69 ? 0.8168 0.8845 0.9109 -0.0210 -0.1016 0.1395  49 PHE A CE1 
386 C CE2 . PHE A 69 ? 0.8150 0.8822 0.8848 -0.0121 -0.1164 0.1383  49 PHE A CE2 
387 C CZ  . PHE A 69 ? 0.7824 0.8584 0.8612 -0.0140 -0.1112 0.1395  49 PHE A CZ  
388 N N   . GLN A 70 ? 0.8821 0.9421 0.9781 -0.0489 -0.0651 0.1869  50 GLN A N   
389 C CA  . GLN A 70 ? 0.8910 0.9603 0.9891 -0.0542 -0.0612 0.2116  50 GLN A CA  
390 C C   . GLN A 70 ? 0.9564 1.0510 1.0183 -0.0535 -0.0495 0.2131  50 GLN A C   
391 O O   . GLN A 70 ? 0.9813 1.0790 1.0282 -0.0532 -0.0539 0.2277  50 GLN A O   
392 C CB  . GLN A 70 ? 0.9131 0.9910 1.0439 -0.0617 -0.0519 0.2267  50 GLN A CB  
393 C CG  . GLN A 70 ? 1.1790 1.2328 1.3540 -0.0624 -0.0676 0.2311  50 GLN A CG  
394 C CD  . GLN A 70 ? 1.3798 1.4416 1.5930 -0.0700 -0.0586 0.2434  50 GLN A CD  
395 O OE1 . GLN A 70 ? 1.2714 1.3613 1.4772 -0.0752 -0.0388 0.2518  50 GLN A OE1 
396 N NE2 . GLN A 70 ? 1.2643 1.3056 1.5220 -0.0693 -0.0741 0.2418  50 GLN A NE2 
397 N N   . ASN A 71 ? 0.8977 1.0113 0.9489 -0.0516 -0.0373 0.1952  51 ASN A N   
398 C CA  . ASN A 71 ? 0.9017 1.0452 0.9229 -0.0473 -0.0285 0.1870  51 ASN A CA  
399 C C   . ASN A 71 ? 0.9457 1.0780 0.9431 -0.0417 -0.0398 0.1765  51 ASN A C   
400 O O   . ASN A 71 ? 0.9581 1.1094 0.9302 -0.0387 -0.0379 0.1821  51 ASN A O   
401 C CB  . ASN A 71 ? 0.8799 1.0458 0.9068 -0.0444 -0.0178 0.1630  51 ASN A CB  
402 C CG  . ASN A 71 ? 1.1627 1.3526 1.2088 -0.0487 -0.0034 0.1719  51 ASN A CG  
403 O OD1 . ASN A 71 ? 1.1318 1.3355 1.1823 -0.0542 0.0031  0.2010  51 ASN A OD1 
404 N ND2 . ASN A 71 ? 1.0072 1.2059 1.0701 -0.0463 0.0014  0.1484  51 ASN A ND2 
405 N N   . ARG A 72 ? 0.8814 0.9873 0.8875 -0.0399 -0.0514 0.1638  52 ARG A N   
406 C CA  . ARG A 72 ? 0.8681 0.9652 0.8577 -0.0351 -0.0622 0.1551  52 ARG A CA  
407 C C   . ARG A 72 ? 0.9418 1.0294 0.9197 -0.0345 -0.0717 0.1711  52 ARG A C   
408 O O   . ARG A 72 ? 0.9377 1.0276 0.8949 -0.0304 -0.0773 0.1671  52 ARG A O   
409 C CB  . ARG A 72 ? 0.8336 0.9154 0.8397 -0.0337 -0.0705 0.1435  52 ARG A CB  
410 C CG  . ARG A 72 ? 0.9103 0.9906 0.9054 -0.0295 -0.0795 0.1357  52 ARG A CG  
411 C CD  . ARG A 72 ? 1.0017 1.0969 0.9893 -0.0273 -0.0763 0.1211  52 ARG A CD  
412 N NE  . ARG A 72 ? 1.0465 1.1395 1.0273 -0.0241 -0.0859 0.1167  52 ARG A NE  
413 C CZ  . ARG A 72 ? 1.1809 1.2751 1.1377 -0.0211 -0.0904 0.1202  52 ARG A CZ  
414 N NH1 . ARG A 72 ? 1.0365 1.1342 0.9745 -0.0211 -0.0869 0.1314  52 ARG A NH1 
415 N NH2 . ARG A 72 ? 1.0540 1.1477 1.0088 -0.0183 -0.0990 0.1152  52 ARG A NH2 
416 N N   . ARG A 73 ? 0.9183 0.9947 0.9155 -0.0380 -0.0758 0.1882  53 ARG A N   
417 C CA  . ARG A 73 ? 0.9296 0.9955 0.9282 -0.0375 -0.0883 0.2046  53 ARG A CA  
418 C C   . ARG A 73 ? 1.0270 1.1143 1.0080 -0.0403 -0.0799 0.2253  53 ARG A C   
419 O O   . ARG A 73 ? 1.0293 1.1163 0.9942 -0.0375 -0.0881 0.2324  53 ARG A O   
420 C CB  . ARG A 73 ? 0.8882 0.9366 0.9249 -0.0398 -0.0982 0.2140  53 ARG A CB  
421 C CG  . ARG A 73 ? 0.8504 0.8829 0.8991 -0.0320 -0.1152 0.1956  53 ARG A CG  
422 C CD  . ARG A 73 ? 0.9095 0.9288 1.0012 -0.0319 -0.1269 0.1994  53 ARG A CD  
423 N NE  . ARG A 73 ? 1.0285 1.0477 1.1302 -0.0263 -0.1293 0.1793  53 ARG A NE  
424 C CZ  . ARG A 73 ? 1.0296 1.0465 1.1581 -0.0291 -0.1258 0.1790  53 ARG A CZ  
425 N NH1 . ARG A 73 ? 0.6075 0.6219 0.7600 -0.0380 -0.1197 0.1983  53 ARG A NH1 
426 N NH2 . ARG A 73 ? 0.9670 0.9875 1.1012 -0.0226 -0.1291 0.1616  53 ARG A NH2 
427 N N   . MET A 74 ? 1.0234 1.1351 1.0068 -0.0448 -0.0633 0.2346  54 MET A N   
428 C CA  . MET A 74 ? 1.0634 1.2112 1.0285 -0.0459 -0.0517 0.2555  54 MET A CA  
429 C C   . MET A 74 ? 1.0956 1.2623 1.0219 -0.0372 -0.0508 0.2372  54 MET A C   
430 O O   . MET A 74 ? 1.1162 1.2987 1.0227 -0.0351 -0.0531 0.2543  54 MET A O   
431 C CB  . MET A 74 ? 1.1161 1.2947 1.0924 -0.0498 -0.0331 0.2614  54 MET A CB  
432 C CG  . MET A 74 ? 1.2231 1.4492 1.1873 -0.0515 -0.0201 0.2926  54 MET A CG  
433 S SD  . MET A 74 ? 1.3369 1.5563 1.3043 -0.0556 -0.0336 0.3362  54 MET A SD  
434 C CE  . MET A 74 ? 1.2938 1.4784 1.3267 -0.0682 -0.0436 0.3641  54 MET A CE  
435 N N   . LYS A 75 ? 0.9998 1.1623 0.9206 -0.0321 -0.0503 0.2033  55 LYS A N   
436 C CA  . LYS A 75 ? 0.9738 1.1503 0.8696 -0.0234 -0.0527 0.1797  55 LYS A CA  
437 C C   . LYS A 75 ? 1.0074 1.1628 0.8906 -0.0211 -0.0679 0.1841  55 LYS A C   
438 O O   . LYS A 75 ? 1.0260 1.2007 0.8837 -0.0155 -0.0697 0.1853  55 LYS A O   
439 C CB  . LYS A 75 ? 0.9579 1.1271 0.8693 -0.0210 -0.0529 0.1478  55 LYS A CB  
440 C CG  . LYS A 75 ? 0.9544 1.1425 0.8540 -0.0119 -0.0560 0.1197  55 LYS A CG  
441 C CD  . LYS A 75 ? 1.0254 1.1967 0.9541 -0.0119 -0.0620 0.0952  55 LYS A CD  
442 C CE  . LYS A 75 ? 1.1859 1.3753 1.1180 -0.0029 -0.0681 0.0647  55 LYS A CE  
443 N NZ  . LYS A 75 ? 1.3253 1.5075 1.2413 0.0006  -0.0788 0.0641  55 LYS A NZ  
444 N N   . LEU A 76 ? 0.9272 1.0483 0.8285 -0.0242 -0.0794 0.1859  56 LEU A N   
445 C CA  . LEU A 76 ? 0.9152 1.0185 0.8103 -0.0210 -0.0950 0.1872  56 LEU A CA  
446 C C   . LEU A 76 ? 0.9809 1.0874 0.8693 -0.0220 -0.1005 0.2143  56 LEU A C   
447 O O   . LEU A 76 ? 0.9975 1.1073 0.8660 -0.0171 -0.1084 0.2134  56 LEU A O   
448 C CB  . LEU A 76 ? 0.8948 0.9718 0.8137 -0.0215 -0.1058 0.1815  56 LEU A CB  
449 C CG  . LEU A 76 ? 0.9388 1.0041 0.8537 -0.0157 -0.1220 0.1743  56 LEU A CG  
450 C CD1 . LEU A 76 ? 0.9399 1.0154 0.8362 -0.0117 -0.1211 0.1571  56 LEU A CD1 
451 C CD2 . LEU A 76 ? 0.9076 0.9610 0.8455 -0.0133 -0.1314 0.1664  56 LEU A CD2 
452 N N   . LYS A 77 ? 0.9266 1.0335 0.8365 -0.0288 -0.0973 0.2403  57 LYS A N   
453 C CA  . LYS A 77 ? 0.9371 1.0478 0.8534 -0.0318 -0.1040 0.2746  57 LYS A CA  
454 C C   . LYS A 77 ? 0.9979 1.1454 0.8770 -0.0276 -0.0962 0.2847  57 LYS A C   
455 O O   . LYS A 77 ? 1.0052 1.1511 0.8761 -0.0253 -0.1080 0.2995  57 LYS A O   
456 C CB  . LYS A 77 ? 0.9653 1.0755 0.9189 -0.0411 -0.1002 0.3029  57 LYS A CB  
457 C CG  . LYS A 77 ? 1.0799 1.1795 1.0630 -0.0457 -0.1160 0.3393  57 LYS A CG  
458 C CD  . LYS A 77 ? 1.1262 1.2217 1.1604 -0.0559 -0.1159 0.3683  57 LYS A CD  
459 C CE  . LYS A 77 ? 1.2913 1.4289 1.3245 -0.0633 -0.1000 0.4120  57 LYS A CE  
460 N NZ  . LYS A 77 ? 1.4491 1.5823 1.5411 -0.0746 -0.1011 0.4434  57 LYS A NZ  
461 N N   . LYS A 78 ? 0.9496 1.1323 0.8077 -0.0245 -0.0784 0.2715  58 LYS A N   
462 C CA  . LYS A 78 ? 0.9637 1.1929 0.7850 -0.0164 -0.0703 0.2717  58 LYS A CA  
463 C C   . LYS A 78 ? 1.0299 1.2512 0.8275 -0.0068 -0.0817 0.2431  58 LYS A C   
464 O O   . LYS A 78 ? 1.0553 1.2975 0.8291 -0.0011 -0.0863 0.2550  58 LYS A O   
465 C CB  . LYS A 78 ? 0.9777 1.2510 0.7897 -0.0125 -0.0510 0.2564  58 LYS A CB  
466 C CG  . LYS A 78 ? 1.0986 1.3836 0.9361 -0.0216 -0.0375 0.2789  58 LYS A CG  
467 C CD  . LYS A 78 ? 1.3302 1.6563 1.1664 -0.0258 -0.0291 0.3273  58 LYS A CD  
468 C CE  . LYS A 78 ? 1.5285 1.8795 1.3884 -0.0328 -0.0121 0.3429  58 LYS A CE  
469 N NZ  . LYS A 78 ? 1.6846 2.0752 1.5543 -0.0399 -0.0045 0.3995  58 LYS A NZ  
470 N N   . GLU A 79 ? 0.9682 1.1630 0.7751 -0.0051 -0.0865 0.2087  59 GLU A N   
471 C CA  . GLU A 79 ? 0.9645 1.1513 0.7580 0.0025  -0.0975 0.1827  59 GLU A CA  
472 C C   . GLU A 79 ? 1.0223 1.1874 0.8123 0.0026  -0.1137 0.1986  59 GLU A C   
473 O O   . GLU A 79 ? 1.0435 1.2221 0.8105 0.0102  -0.1203 0.1937  59 GLU A O   
474 C CB  . GLU A 79 ? 0.9564 1.1204 0.7707 0.0015  -0.0999 0.1538  59 GLU A CB  
475 C CG  . GLU A 79 ? 1.1628 1.3464 0.9865 0.0035  -0.0891 0.1312  59 GLU A CG  
476 C CD  . GLU A 79 ? 1.5461 1.7072 1.3985 0.0007  -0.0930 0.1108  59 GLU A CD  
477 O OE1 . GLU A 79 ? 1.3801 1.5163 1.2506 -0.0062 -0.0943 0.1215  59 GLU A OE1 
478 O OE2 . GLU A 79 ? 1.4963 1.6686 1.3571 0.0063  -0.0959 0.0846  59 GLU A OE2 
479 N N   . ILE A 80 ? 0.9397 1.0737 0.7553 -0.0043 -0.1219 0.2157  60 ILE A N   
480 C CA  . ILE A 80 ? 0.9300 1.0432 0.7531 -0.0036 -0.1404 0.2292  60 ILE A CA  
481 C C   . ILE A 80 ? 1.0178 1.1523 0.8258 -0.0027 -0.1427 0.2609  60 ILE A C   
482 O O   . ILE A 80 ? 1.0320 1.1658 0.8253 0.0033  -0.1550 0.2600  60 ILE A O   
483 C CB  . ILE A 80 ? 0.9418 1.0242 0.8035 -0.0088 -0.1502 0.2359  60 ILE A CB  
484 C CG1 . ILE A 80 ? 0.9019 0.9693 0.7717 -0.0055 -0.1543 0.2051  60 ILE A CG1 
485 C CG2 . ILE A 80 ? 0.9543 1.0206 0.8362 -0.0087 -0.1704 0.2581  60 ILE A CG2 
486 C CD1 . ILE A 80 ? 0.9328 0.9853 0.8336 -0.0085 -0.1560 0.2038  60 ILE A CD1 
487 N N   . GLN A 81 ? 0.9842 1.1417 0.7970 -0.0084 -0.1307 0.2908  61 GLN A N   
488 C CA  . GLN A 81 ? 1.0120 1.2006 0.8124 -0.0083 -0.1304 0.3291  61 GLN A CA  
489 C C   . GLN A 81 ? 1.0609 1.2895 0.8145 0.0038  -0.1254 0.3137  61 GLN A C   
490 O O   . GLN A 81 ? 1.0834 1.3199 0.8234 0.0083  -0.1368 0.3298  61 GLN A O   
491 C CB  . GLN A 81 ? 1.0423 1.2566 0.8602 -0.0171 -0.1156 0.3651  61 GLN A CB  
492 C CG  . GLN A 81 ? 1.2155 1.4775 1.0205 -0.0172 -0.1112 0.4126  61 GLN A CG  
493 C CD  . GLN A 81 ? 1.4144 1.6550 1.2438 -0.0210 -0.1333 0.4495  61 GLN A CD  
494 O OE1 . GLN A 81 ? 1.3372 1.5263 1.2063 -0.0255 -0.1529 0.4449  61 GLN A OE1 
495 N NE2 . GLN A 81 ? 1.2890 1.5741 1.0981 -0.0181 -0.1321 0.4869  61 GLN A NE2 
496 N N   . ALA A 82 ? 0.9813 1.2338 0.7156 0.0102  -0.1116 0.2796  62 ALA A N   
497 C CA  . ALA A 82 ? 0.9760 1.2683 0.6736 0.0243  -0.1095 0.2544  62 ALA A CA  
498 C C   . ALA A 82 ? 1.0307 1.2993 0.7191 0.0308  -0.1283 0.2371  62 ALA A C   
499 O O   . ALA A 82 ? 1.0588 1.3564 0.7198 0.0402  -0.1338 0.2432  62 ALA A O   
500 C CB  . ALA A 82 ? 0.9611 1.2674 0.6591 0.0293  -0.0984 0.2130  62 ALA A CB  
501 N N   . ILE A 83 ? 0.9568 1.1775 0.6681 0.0262  -0.1380 0.2177  63 ILE A N   
502 C CA  . ILE A 83 ? 0.9479 1.1458 0.6567 0.0312  -0.1552 0.2010  63 ILE A CA  
503 C C   . ILE A 83 ? 1.0325 1.2201 0.7428 0.0299  -0.1699 0.2344  63 ILE A C   
504 O O   . ILE A 83 ? 1.0321 1.2300 0.7226 0.0382  -0.1804 0.2318  63 ILE A O   
505 C CB  . ILE A 83 ? 0.9439 1.1041 0.6800 0.0266  -0.1595 0.1768  63 ILE A CB  
506 C CG1 . ILE A 83 ? 0.9192 1.0909 0.6585 0.0290  -0.1496 0.1441  63 ILE A CG1 
507 C CG2 . ILE A 83 ? 0.9528 1.0912 0.6923 0.0304  -0.1777 0.1670  63 ILE A CG2 
508 C CD1 . ILE A 83 ? 0.9398 1.0882 0.7068 0.0216  -0.1462 0.1370  63 ILE A CD1 
509 N N   . LYS A 84 ? 1.0139 1.1803 0.7531 0.0199  -0.1728 0.2647  64 LYS A N   
510 C CA  . LYS A 84 ? 1.0397 1.1929 0.7957 0.0173  -0.1901 0.2995  64 LYS A CA  
511 C C   . LYS A 84 ? 1.1285 1.3235 0.8543 0.0229  -0.1888 0.3267  64 LYS A C   
512 O O   . LYS A 84 ? 1.1509 1.3406 0.8709 0.0283  -0.2059 0.3325  64 LYS A O   
513 C CB  . LYS A 84 ? 1.0795 1.2134 0.8792 0.0057  -0.1916 0.3298  64 LYS A CB  
514 C CG  . LYS A 84 ? 1.2604 1.3810 1.0916 0.0022  -0.2127 0.3703  64 LYS A CG  
515 C CD  . LYS A 84 ? 1.4140 1.5247 1.2943 -0.0098 -0.2136 0.4064  64 LYS A CD  
516 C CE  . LYS A 84 ? 1.5847 1.6839 1.5083 -0.0144 -0.2368 0.4512  64 LYS A CE  
517 N NZ  . LYS A 84 ? 1.7044 1.8496 1.6062 -0.0160 -0.2288 0.5005  64 LYS A NZ  
518 N N   . GLU A 85 ? 1.0965 1.3385 0.8015 0.0235  -0.1688 0.3409  65 GLU A N   
519 C CA  . GLU A 85 ? 1.1300 1.4265 0.8025 0.0311  -0.1654 0.3683  65 GLU A CA  
520 C C   . GLU A 85 ? 1.2102 1.5344 0.8406 0.0476  -0.1665 0.3284  65 GLU A C   
521 O O   . GLU A 85 ? 1.2728 1.6346 0.8761 0.0568  -0.1718 0.3468  65 GLU A O   
522 C CB  . GLU A 85 ? 1.1664 1.5134 0.8355 0.0268  -0.1448 0.4037  65 GLU A CB  
523 C CG  . GLU A 85 ? 1.3304 1.7103 0.9820 0.0316  -0.1229 0.3707  65 GLU A CG  
524 C CD  . GLU A 85 ? 1.6512 2.0847 1.3038 0.0271  -0.1033 0.4105  65 GLU A CD  
525 O OE1 . GLU A 85 ? 1.6571 2.1590 1.2780 0.0365  -0.0963 0.4338  65 GLU A OE1 
526 O OE2 . GLU A 85 ? 1.3501 1.7614 1.0367 0.0144  -0.0953 0.4205  65 GLU A OE2 
527 N N   . LEU A 86 ? 1.1340 1.4400 0.7635 0.0517  -0.1646 0.2767  66 LEU A N   
528 C CA  . LEU A 86 ? 1.1378 1.4637 0.7406 0.0671  -0.1703 0.2358  66 LEU A CA  
529 C C   . LEU A 86 ? 1.1840 1.4783 0.7895 0.0694  -0.1920 0.2350  66 LEU A C   
530 O O   . LEU A 86 ? 1.1813 1.5009 0.7609 0.0823  -0.2007 0.2233  66 LEU A O   
531 C CB  . LEU A 86 ? 1.1099 1.4177 0.7271 0.0677  -0.1653 0.1865  66 LEU A CB  
532 C CG  . LEU A 86 ? 1.1731 1.5270 0.7783 0.0777  -0.1522 0.1567  66 LEU A CG  
533 C CD1 . LEU A 86 ? 1.1452 1.4684 0.7817 0.0724  -0.1493 0.1217  66 LEU A CD1 
534 C CD2 . LEU A 86 ? 1.2095 1.6067 0.7866 0.0969  -0.1605 0.1295  66 LEU A CD2 
535 N N   . ASN A 87 ? 1.1467 1.3881 0.7854 0.0584  -0.2019 0.2426  67 ASN A N   
536 C CA  . ASN A 87 ? 1.1529 1.3614 0.8029 0.0600  -0.2236 0.2394  67 ASN A CA  
537 C C   . ASN A 87 ? 1.2749 1.4926 0.9213 0.0612  -0.2373 0.2823  67 ASN A C   
538 O O   . ASN A 87 ? 1.2783 1.4889 0.9187 0.0684  -0.2548 0.2759  67 ASN A O   
539 C CB  . ASN A 87 ? 1.0911 1.2514 0.7796 0.0510  -0.2297 0.2288  67 ASN A CB  
540 C CG  . ASN A 87 ? 1.2016 1.3521 0.8946 0.0527  -0.2246 0.1852  67 ASN A CG  
541 O OD1 . ASN A 87 ? 1.0777 1.2419 0.7550 0.0612  -0.2267 0.1579  67 ASN A OD1 
542 N ND2 . ASN A 87 ? 1.1111 1.2393 0.8303 0.0446  -0.2191 0.1796  67 ASN A ND2 
543 N N   . GLU A 88 ? 1.2855 1.5211 0.9395 0.0537  -0.2298 0.3281  68 GLU A N   
544 C CA  . GLU A 88 ? 1.3387 1.5907 0.9955 0.0531  -0.2417 0.3803  68 GLU A CA  
545 C C   . GLU A 88 ? 1.4283 1.7419 1.0339 0.0678  -0.2368 0.3833  68 GLU A C   
546 O O   . GLU A 88 ? 1.4442 1.7661 1.0412 0.0741  -0.2538 0.4024  68 GLU A O   
547 C CB  . GLU A 88 ? 1.3735 1.6313 1.0610 0.0395  -0.2336 0.4309  68 GLU A CB  
548 C CG  . GLU A 88 ? 1.5390 1.7379 1.2840 0.0273  -0.2452 0.4308  68 GLU A CG  
549 C CD  . GLU A 88 ? 1.8934 2.0926 1.6760 0.0136  -0.2361 0.4689  68 GLU A CD  
550 O OE1 . GLU A 88 ? 1.8991 2.1459 1.6597 0.0120  -0.2137 0.4899  68 GLU A OE1 
551 O OE2 . GLU A 88 ? 1.7804 1.9345 1.6174 0.0056  -0.2520 0.4739  68 GLU A OE2 
552 N N   . GLN A 89 ? 1.4010 1.7593 0.9754 0.0751  -0.2157 0.3593  69 GLN A N   
553 C CA  . GLN A 89 ? 1.4423 1.8692 0.9684 0.0930  -0.2097 0.3487  69 GLN A CA  
554 C C   . GLN A 89 ? 1.5181 1.9336 1.0281 0.1067  -0.2270 0.3056  69 GLN A C   
555 O O   . GLN A 89 ? 1.5411 1.9880 1.0264 0.1180  -0.2386 0.3204  69 GLN A O   
556 C CB  . GLN A 89 ? 1.4535 1.9211 0.9640 0.0982  -0.1867 0.3191  69 GLN A CB  
557 C CG  . GLN A 89 ? 1.7785 2.3290 1.2419 0.1203  -0.1806 0.3016  69 GLN A CG  
558 C CD  . GLN A 89 ? 2.0424 2.6260 1.4993 0.1289  -0.1644 0.2544  69 GLN A CD  
559 O OE1 . GLN A 89 ? 1.9229 2.4603 1.4062 0.1231  -0.1637 0.2140  69 GLN A OE1 
560 N NE2 . GLN A 89 ? 2.0049 2.6754 1.4276 0.1453  -0.1529 0.2564  69 GLN A NE2 
561 N N   . GLU A 90 ? 1.4688 1.8421 0.9959 0.1053  -0.2290 0.2551  70 GLU A N   
562 C CA  . GLU A 90 ? 1.4670 1.8259 0.9893 0.1159  -0.2442 0.2112  70 GLU A CA  
563 C C   . GLU A 90 ? 1.5551 1.8799 1.0882 0.1145  -0.2673 0.2292  70 GLU A C   
564 O O   . GLU A 90 ? 1.5622 1.8894 1.0842 0.1261  -0.2813 0.2019  70 GLU A O   
565 C CB  . GLU A 90 ? 1.4378 1.7623 0.9857 0.1115  -0.2396 0.1636  70 GLU A CB  
566 C CG  . GLU A 90 ? 1.5330 1.8971 1.0705 0.1211  -0.2266 0.1268  70 GLU A CG  
567 C CD  . GLU A 90 ? 1.8076 2.1629 1.3598 0.1294  -0.2355 0.0726  70 GLU A CD  
568 O OE1 . GLU A 90 ? 1.8220 2.1663 1.3727 0.1356  -0.2523 0.0614  70 GLU A OE1 
569 O OE2 . GLU A 90 ? 1.6665 2.0277 1.2364 0.1298  -0.2269 0.0418  70 GLU A OE2 
570 N N   . LYS A 91 ? 1.5284 1.8239 1.0878 0.1014  -0.2734 0.2735  71 LYS A N   
571 C CA  . LYS A 91 ? 1.5441 1.8069 1.1232 0.1001  -0.2980 0.2918  71 LYS A CA  
572 C C   . LYS A 91 ? 1.6826 1.9839 1.2430 0.1058  -0.3072 0.3418  71 LYS A C   
573 O O   . LYS A 91 ? 1.7024 1.9789 1.2921 0.0997  -0.3259 0.3788  71 LYS A O   
574 C CB  . LYS A 91 ? 1.5420 1.7504 1.1716 0.0852  -0.3049 0.3040  71 LYS A CB  
575 C CG  . LYS A 91 ? 1.5309 1.6957 1.1861 0.0871  -0.3254 0.2732  71 LYS A CG  
576 C CD  . LYS A 91 ? 1.4369 1.5622 1.1326 0.0771  -0.3240 0.2589  71 LYS A CD  
577 C CE  . LYS A 91 ? 1.4331 1.5215 1.1708 0.0767  -0.3509 0.2611  71 LYS A CE  
578 N NZ  . LYS A 91 ? 1.4912 1.5675 1.2309 0.0848  -0.3611 0.2162  71 LYS A NZ  
579 N N   . GLN A 92 ? 1.6783 2.0447 1.1926 0.1193  -0.2962 0.3413  72 GLN A N   
580 C CA  . GLN A 92 ? 1.7278 2.1476 1.2163 0.1277  -0.3022 0.3890  72 GLN A CA  
581 C C   . GLN A 92 ? 1.8043 2.2660 1.2490 0.1500  -0.3104 0.3555  72 GLN A C   
582 O O   . GLN A 92 ? 1.7847 2.2721 1.2067 0.1614  -0.2995 0.3050  72 GLN A O   
583 C CB  . GLN A 92 ? 1.7672 2.2470 1.2402 0.1248  -0.2795 0.4315  72 GLN A CB  
584 C CG  . GLN A 92 ? 1.9243 2.3701 1.4423 0.1032  -0.2701 0.4666  72 GLN A CG  
585 C CD  . GLN A 92 ? 2.1526 2.5503 1.7221 0.0893  -0.2921 0.5149  72 GLN A CD  
586 O OE1 . GLN A 92 ? 2.1557 2.5706 1.7254 0.0929  -0.3093 0.5565  72 GLN A OE1 
587 N NE2 . GLN A 92 ? 1.9606 2.3000 1.5793 0.0739  -0.2937 0.5105  72 GLN A NE2 
588 N N   . ALA A 93 ? 1.8027 2.2709 1.2416 0.1566  -0.3320 0.3835  73 ALA A N   
589 C CA  . ALA A 93 ? 1.8639 2.3731 1.2643 0.1785  -0.3458 0.3634  73 ALA A CA  
590 C C   . ALA A 93 ? 1.9416 2.4168 1.3451 0.1874  -0.3563 0.2914  73 ALA A C   
591 O O   . ALA A 93 ? 1.9700 2.4563 1.3582 0.2016  -0.3758 0.2801  73 ALA A O   
592 C CB  . ALA A 93 ? 1.9075 2.5121 1.2562 0.1963  -0.3299 0.3688  73 ALA A CB  
593 O OXT . ALA A 93 ? 2.1236 2.5660 1.5463 0.1805  -0.3454 0.2491  73 ALA A OXT 
# 
